data_5SXJ
#
_entry.id   5SXJ
#
_cell.length_a   114.800
_cell.length_b   117.931
_cell.length_c   150.967
_cell.angle_alpha   90.000
_cell.angle_beta   90.000
_cell.angle_gamma   90.000
#
_symmetry.space_group_name_H-M   'P 21 21 21'
#
loop_
_entity.id
_entity.type
_entity.pdbx_description
1 polymer 'Phosphatidylinositol 4,5-bisphosphate 3-kinase catalytic subunit alpha isoform'
2 polymer 'Phosphatidylinositol 3-kinase regulatory subunit alpha'
3 non-polymer 'BENZHYDROXAMIC ACID'
#
loop_
_entity_poly.entity_id
_entity_poly.type
_entity_poly.pdbx_seq_one_letter_code
_entity_poly.pdbx_strand_id
1 'polypeptide(L)'
;MSYYHHHHHHDYDIPTTENLYFQGAMGSMPPRPS(SEP)GELWGIHLMPPRILVECLLPNGMIVTLECLREATLITIKHE
LFKEARKYPLHQLLQDESSYIFVSVTQEAEREEFFDETRRLCDLRLFQPFLKVIEPVGNREEKILNREIGFAIGMPVCEF
DMVKDPEVQDFRRNILNVCKEAVDLRDLN(SEP)PHSRAMYVYPPNVESSPELPKHIYNKLDKGQIIVVIWVIVSPNNDK
QKYTLKINHDCVPEQVIAEAIRKKTRSMLLSSEQLKLCVLEYQGKYILKVCGCDEYFLEKYPLSQYKYIRSCIMLGRMPN
LMLMAKESLYSQLPMDCFTMPSYSRRISTATPYMNGETSTKSLWVINSALRIKILCATYVNVNIRDIDKIYVRTGIYHGG
EPLCDNVNTQRVPCSNPRWNEWLNYDIYIPDLPRAARLCLSICSVKGRKGAKEEHCPLAWGNINLFDYTDTLVSGKMALN
LWPVPHGLEDLLNPIGVTGSNPNKETPCLELEFDWFSSVVKFPDMSVIEEHANWSVSREAGFSYSHAGLSNRLARDNELR
ENDKEQLKAISTRDPLSEITEQEKDFLWSHRHYCVTIPEILPKLLLSVKWNSRDEVAQMYCLVKDWPPIKPEQAMELLDC
NYPDPMVRGFAVRCLEKYLTDDKLSQYLIQLVQVLKYEQYLDNLLVRFLLKKALTNQRIGHFFFWHLKSEMHNKTVSQRF
GLLLESYCRACGMYLKHLNRQVEAMEKLINLTDILKQEKKDETQKVQMKFLVEQMRRPDFMDALQGFLSPLNPAHQLGNL
RLEECRIMSSAKRPLWLNWENPDIM(SEP)ELLFQNNEIIFKNGDDLRQDMLTLQIIRIMENIWQNQGLDLRMLPYGCLS
IGDCVGLIEVVRNSHTIMQIQCKGGLKGALQFNSHTLHQWLKDKNKGEIYDAAIDLFTRSCAGYCVATFILGIGDRHNSN
IMVKDDGQLFHIDFGHFLDHKKKKFGYKRERVPFVLTQDFLIVISKGAQECTKTREFERFQEMCYKAYLAIRQHANLFIN
LFSMMLGSGMPELQSFDDIAYIRKTLALDKTEQEALEYFMKQMNDAHHGGWTTKMDWIFHTIKQHALN
;
A
2 'polypeptide(L)'
;MNNNMSLQDAEWYWGDISREEVNEKLRDTADGTFLVRDASTKMHGDYTLTLRKGGNNKLIKIFHRDGKYGFSDPLTFSSV
VELINHYRNESLAQYNPKLDVKLLYPVSKYQQDQVVKEDNIEAVGKKLHEYNTQFQEKSREYDRLYEEYTRTSQEIQMKR
TAIEAFNETIKIFEEQCQTQERYSKEYIEKFKREGNEKEIQRIMHNYDKLKSRISEIIDSRRRLEEDLKKQAAEYREIDK
RMNSIKPDLIQLRKTRDQYLMWLTQKGVRQKKLNEWLGN
;
B
#
loop_
_chem_comp.id
_chem_comp.type
_chem_comp.name
_chem_comp.formula
BHO non-polymer 'BENZHYDROXAMIC ACID' 'C7 H7 N O2'
#
# COMPACT_ATOMS: atom_id res chain seq x y z
N SER A 2 47.16 -26.95 1.24
CA SER A 2 47.54 -26.39 -0.10
C SER A 2 46.48 -25.50 -0.67
N TYR A 3 45.21 -25.79 -0.33
CA TYR A 3 44.04 -25.04 -0.81
C TYR A 3 44.02 -23.63 -0.27
N TYR A 4 44.15 -23.50 1.06
CA TYR A 4 43.97 -22.23 1.75
C TYR A 4 45.27 -21.75 2.42
N HIS A 5 46.40 -21.92 1.73
CA HIS A 5 47.76 -21.74 2.33
C HIS A 5 47.79 -22.03 3.86
N HIS A 6 47.14 -23.14 4.24
CA HIS A 6 47.02 -23.57 5.65
C HIS A 6 46.53 -22.52 6.67
N HIS A 7 45.73 -21.55 6.21
CA HIS A 7 45.28 -20.46 7.07
C HIS A 7 44.01 -20.80 7.84
N HIS A 8 44.12 -20.77 9.17
CA HIS A 8 42.99 -21.06 10.05
C HIS A 8 42.16 -19.81 10.25
N HIS A 9 40.84 -19.95 10.16
CA HIS A 9 39.90 -18.92 10.57
C HIS A 9 39.46 -19.27 11.99
N HIS A 10 39.83 -18.43 12.95
CA HIS A 10 39.63 -18.72 14.37
C HIS A 10 38.24 -18.30 14.84
N ASP A 11 37.83 -17.10 14.39
CA ASP A 11 36.45 -16.60 14.53
C ASP A 11 35.38 -17.64 14.19
N TYR A 12 35.59 -18.39 13.11
CA TYR A 12 34.57 -19.26 12.54
C TYR A 12 34.20 -20.45 13.43
N ASP A 13 32.90 -20.71 13.50
CA ASP A 13 32.34 -21.84 14.23
C ASP A 13 30.89 -21.95 13.74
N ILE A 14 30.38 -23.18 13.62
CA ILE A 14 28.98 -23.40 13.19
C ILE A 14 27.94 -23.75 14.28
N PRO A 15 28.32 -23.85 15.59
CA PRO A 15 27.27 -24.17 16.55
C PRO A 15 26.29 -22.98 16.66
N THR A 16 25.15 -23.15 16.00
CA THR A 16 24.16 -22.09 15.77
C THR A 16 24.81 -20.95 14.95
N THR A 17 25.03 -21.24 13.65
CA THR A 17 25.70 -20.34 12.68
C THR A 17 27.19 -20.16 12.99
N GLN A 23 20.63 -17.46 10.54
CA GLN A 23 19.83 -18.48 9.87
C GLN A 23 19.73 -18.27 8.34
N GLY A 24 20.86 -17.90 7.73
CA GLY A 24 20.98 -17.78 6.28
C GLY A 24 20.78 -19.12 5.58
N ALA A 25 21.25 -20.19 6.22
CA ALA A 25 20.87 -21.57 5.87
C ALA A 25 19.43 -21.82 6.35
N MET A 26 18.67 -22.57 5.55
CA MET A 26 17.21 -22.74 5.74
C MET A 26 16.46 -21.41 5.91
N PRO A 31 8.60 -9.46 8.65
CA PRO A 31 7.63 -10.32 9.33
C PRO A 31 7.95 -10.58 10.82
N ARG A 32 7.21 -11.51 11.43
CA ARG A 32 7.52 -12.17 12.73
C ARG A 32 7.20 -11.35 13.99
N SER A 34 2.54 -11.39 15.78
CA SER A 34 1.07 -11.47 15.75
C SER A 34 0.60 -12.63 16.63
N SEP A 35 0.78 -12.49 17.95
CA SEP A 35 0.65 -13.65 18.89
CB SEP A 35 1.09 -13.35 20.34
OG SEP A 35 2.39 -13.92 20.61
C SEP A 35 -0.71 -14.28 18.86
O SEP A 35 -1.71 -13.69 18.43
P SEP A 35 2.74 -15.50 20.57
O1P SEP A 35 3.84 -15.68 21.59
O2P SEP A 35 3.25 -15.79 19.17
O3P SEP A 35 1.43 -16.17 20.91
N GLY A 36 -0.74 -15.52 19.35
CA GLY A 36 -1.73 -16.48 18.93
C GLY A 36 -3.07 -16.45 19.64
N GLU A 37 -3.51 -17.64 20.07
CA GLU A 37 -4.80 -17.81 20.75
C GLU A 37 -4.70 -17.50 22.26
N LEU A 38 -3.49 -17.59 22.79
CA LEU A 38 -3.16 -17.13 24.14
C LEU A 38 -1.80 -16.42 24.05
N TRP A 39 -1.42 -15.65 25.08
CA TRP A 39 -0.12 -14.96 25.06
C TRP A 39 1.00 -15.97 25.19
N GLY A 40 2.03 -15.84 24.35
CA GLY A 40 3.17 -16.74 24.43
C GLY A 40 3.02 -18.12 23.81
N ILE A 41 1.79 -18.53 23.47
CA ILE A 41 1.52 -19.87 22.90
C ILE A 41 0.53 -19.74 21.72
N HIS A 42 0.88 -20.33 20.56
CA HIS A 42 0.12 -20.14 19.30
C HIS A 42 -1.25 -20.82 19.27
N LEU A 43 -1.29 -21.99 19.88
CA LEU A 43 -2.40 -22.90 19.72
C LEU A 43 -2.71 -23.45 21.10
N MET A 44 -3.84 -23.05 21.67
CA MET A 44 -4.12 -23.48 23.05
C MET A 44 -4.45 -24.97 23.05
N PRO A 45 -3.87 -25.72 24.01
CA PRO A 45 -4.17 -27.11 24.24
C PRO A 45 -5.65 -27.45 24.29
N PRO A 46 -6.02 -28.62 23.76
CA PRO A 46 -7.42 -29.00 23.54
C PRO A 46 -8.29 -29.03 24.80
N ARG A 47 -7.71 -29.39 25.95
CA ARG A 47 -8.29 -29.10 27.26
C ARG A 47 -7.42 -27.98 27.80
N ILE A 48 -8.03 -27.02 28.49
CA ILE A 48 -7.27 -25.90 29.10
C ILE A 48 -7.97 -25.48 30.39
N LEU A 49 -7.18 -24.94 31.32
CA LEU A 49 -7.67 -24.51 32.65
C LEU A 49 -7.89 -23.00 32.77
N VAL A 50 -9.17 -22.61 32.91
CA VAL A 50 -9.57 -21.19 32.93
C VAL A 50 -10.11 -20.82 34.30
N GLU A 51 -9.39 -19.95 35.03
CA GLU A 51 -9.92 -19.35 36.25
C GLU A 51 -11.13 -18.48 35.93
N CYS A 52 -12.20 -18.64 36.69
CA CYS A 52 -13.44 -17.87 36.49
C CYS A 52 -13.83 -17.13 37.75
N LEU A 53 -13.86 -15.81 37.64
CA LEU A 53 -14.08 -14.91 38.74
C LEU A 53 -15.58 -14.50 38.70
N LEU A 54 -16.25 -14.54 39.86
CA LEU A 54 -17.68 -14.19 39.96
C LEU A 54 -17.97 -12.95 40.86
N PRO A 55 -19.23 -12.45 40.85
CA PRO A 55 -19.64 -11.47 41.89
C PRO A 55 -19.81 -12.14 43.28
N ASN A 56 -18.67 -12.38 43.92
CA ASN A 56 -18.55 -13.13 45.20
C ASN A 56 -17.09 -13.37 45.66
N GLY A 57 -16.13 -13.31 44.75
CA GLY A 57 -14.70 -13.38 45.09
C GLY A 57 -14.12 -14.79 45.01
N MET A 58 -14.95 -15.75 44.57
CA MET A 58 -14.54 -17.13 44.38
C MET A 58 -13.95 -17.24 42.98
N ILE A 59 -12.77 -17.87 42.87
CA ILE A 59 -12.14 -18.12 41.57
C ILE A 59 -12.10 -19.62 41.29
N VAL A 60 -13.17 -20.12 40.68
CA VAL A 60 -13.32 -21.54 40.41
C VAL A 60 -12.58 -21.87 39.09
N THR A 61 -11.61 -22.78 39.13
CA THR A 61 -10.75 -23.04 37.97
C THR A 61 -11.33 -24.17 37.12
N LEU A 62 -12.13 -23.84 36.09
CA LEU A 62 -12.68 -24.85 35.16
C LEU A 62 -11.65 -25.30 34.13
N GLU A 63 -11.62 -26.60 33.87
CA GLU A 63 -11.09 -27.13 32.63
C GLU A 63 -12.21 -26.98 31.61
N CYS A 64 -11.84 -26.57 30.41
CA CYS A 64 -12.77 -26.70 29.30
C CYS A 64 -12.00 -26.80 28.01
N LEU A 65 -12.74 -27.14 26.96
CA LEU A 65 -12.16 -27.42 25.67
C LEU A 65 -11.74 -26.13 24.97
N ARG A 66 -10.56 -26.19 24.34
CA ARG A 66 -10.06 -25.13 23.46
C ARG A 66 -11.18 -24.47 22.65
N GLU A 67 -12.07 -25.31 22.11
CA GLU A 67 -13.04 -24.90 21.10
C GLU A 67 -14.43 -24.70 21.68
N ALA A 68 -14.54 -24.55 22.99
CA ALA A 68 -15.85 -24.49 23.62
C ALA A 68 -16.37 -23.06 23.58
N THR A 69 -17.68 -22.92 23.35
CA THR A 69 -18.33 -21.60 23.29
C THR A 69 -18.38 -20.95 24.67
N LEU A 70 -18.64 -19.64 24.74
CA LEU A 70 -18.87 -19.01 26.04
C LEU A 70 -20.21 -19.47 26.64
N ILE A 71 -21.21 -19.78 25.79
CA ILE A 71 -22.45 -20.42 26.26
C ILE A 71 -22.09 -21.69 27.05
N THR A 72 -21.40 -22.61 26.37
CA THR A 72 -20.99 -23.91 26.91
C THR A 72 -20.27 -23.77 28.25
N ILE A 73 -19.38 -22.79 28.36
CA ILE A 73 -18.63 -22.62 29.61
C ILE A 73 -19.53 -21.93 30.61
N LYS A 74 -20.41 -21.04 30.15
CA LYS A 74 -21.38 -20.38 31.06
C LYS A 74 -22.28 -21.41 31.76
N HIS A 75 -23.05 -22.18 31.00
CA HIS A 75 -23.97 -23.16 31.59
C HIS A 75 -23.26 -24.26 32.39
N GLU A 76 -21.96 -24.45 32.14
CA GLU A 76 -21.11 -25.35 32.92
C GLU A 76 -20.43 -24.64 34.09
N LEU A 77 -20.37 -23.31 34.09
CA LEU A 77 -20.01 -22.54 35.28
C LEU A 77 -21.23 -22.21 36.14
N PHE A 78 -22.43 -22.23 35.55
CA PHE A 78 -23.70 -22.20 36.27
C PHE A 78 -23.83 -23.42 37.20
N LYS A 79 -23.47 -24.60 36.71
CA LYS A 79 -23.65 -25.84 37.48
C LYS A 79 -22.59 -26.08 38.55
N GLU A 80 -21.32 -25.78 38.23
CA GLU A 80 -20.21 -25.93 39.19
C GLU A 80 -20.11 -24.77 40.20
N ALA A 81 -20.86 -23.69 39.98
CA ALA A 81 -21.04 -22.65 41.00
C ALA A 81 -22.02 -23.10 42.11
N ARG A 82 -22.87 -24.09 41.82
CA ARG A 82 -23.72 -24.71 42.84
C ARG A 82 -22.86 -25.49 43.85
N LYS A 83 -21.78 -26.10 43.37
CA LYS A 83 -20.87 -26.89 44.21
C LYS A 83 -19.94 -26.03 45.11
N TYR A 84 -19.76 -24.75 44.78
CA TYR A 84 -18.89 -23.86 45.55
C TYR A 84 -19.73 -23.01 46.55
N PRO A 85 -19.08 -22.37 47.55
CA PRO A 85 -19.86 -21.65 48.58
C PRO A 85 -20.60 -20.39 48.09
N LEU A 86 -21.47 -19.84 48.93
CA LEU A 86 -22.14 -18.56 48.68
C LEU A 86 -23.01 -18.54 47.42
N HIS A 87 -23.84 -19.56 47.17
CA HIS A 87 -24.58 -19.65 45.89
C HIS A 87 -25.70 -18.59 45.68
N GLN A 88 -26.51 -18.32 46.70
CA GLN A 88 -27.78 -17.57 46.53
C GLN A 88 -27.63 -16.17 45.92
N LEU A 89 -26.63 -15.43 46.37
CA LEU A 89 -26.35 -14.08 45.86
C LEU A 89 -25.84 -14.02 44.39
N LEU A 90 -25.36 -15.14 43.83
CA LEU A 90 -25.05 -15.22 42.39
C LEU A 90 -26.37 -15.28 41.63
N GLN A 91 -26.69 -14.22 40.91
CA GLN A 91 -27.97 -14.11 40.18
C GLN A 91 -28.19 -15.25 39.17
N ASP A 92 -29.42 -15.34 38.66
CA ASP A 92 -29.72 -16.14 37.47
C ASP A 92 -28.70 -15.83 36.37
N GLU A 93 -28.07 -16.87 35.81
CA GLU A 93 -27.00 -16.70 34.80
C GLU A 93 -27.37 -15.81 33.61
N SER A 94 -28.64 -15.87 33.18
CA SER A 94 -29.15 -15.00 32.10
C SER A 94 -28.90 -13.51 32.34
N SER A 95 -28.71 -13.14 33.61
CA SER A 95 -28.28 -11.81 34.01
C SER A 95 -26.74 -11.70 34.20
N TYR A 96 -25.97 -12.31 33.29
CA TYR A 96 -24.49 -12.23 33.36
C TYR A 96 -23.78 -12.33 32.00
N ILE A 97 -22.54 -11.86 32.01
CA ILE A 97 -21.70 -11.82 30.82
C ILE A 97 -20.26 -11.99 31.24
N PHE A 98 -19.43 -12.52 30.33
CA PHE A 98 -18.00 -12.69 30.59
C PHE A 98 -17.20 -11.46 30.20
N VAL A 99 -15.96 -11.39 30.67
CA VAL A 99 -15.04 -10.33 30.28
C VAL A 99 -13.63 -10.67 30.72
N SER A 100 -12.65 -10.31 29.90
CA SER A 100 -11.25 -10.57 30.23
C SER A 100 -10.35 -9.63 29.47
N VAL A 101 -9.10 -9.57 29.91
CA VAL A 101 -8.08 -8.78 29.23
C VAL A 101 -7.54 -9.59 28.06
N THR A 102 -7.47 -8.94 26.88
CA THR A 102 -6.96 -9.51 25.60
C THR A 102 -5.49 -9.17 25.37
N GLN A 103 -4.91 -9.63 24.27
CA GLN A 103 -3.50 -9.37 23.97
C GLN A 103 -3.27 -7.93 23.57
N GLU A 104 -4.26 -7.31 22.91
CA GLU A 104 -4.23 -5.84 22.69
C GLU A 104 -4.49 -5.06 24.02
N ALA A 105 -4.51 -5.79 25.15
CA ALA A 105 -4.44 -5.26 26.50
C ALA A 105 -5.65 -4.39 26.82
N GLU A 106 -6.83 -4.93 26.56
CA GLU A 106 -8.07 -4.22 26.80
C GLU A 106 -9.12 -5.13 27.42
N ARG A 107 -9.86 -4.59 28.38
CA ARG A 107 -10.98 -5.29 28.99
C ARG A 107 -12.04 -5.43 27.92
N GLU A 108 -12.47 -6.66 27.65
CA GLU A 108 -13.41 -6.94 26.56
C GLU A 108 -14.59 -7.73 27.08
N GLU A 109 -15.76 -7.12 27.07
CA GLU A 109 -17.00 -7.81 27.37
C GLU A 109 -17.29 -8.76 26.21
N PHE A 110 -17.74 -9.98 26.53
CA PHE A 110 -17.98 -11.04 25.52
C PHE A 110 -19.48 -11.28 25.32
N PHE A 111 -20.04 -10.57 24.34
CA PHE A 111 -21.48 -10.57 24.10
C PHE A 111 -21.89 -11.72 23.22
N ASP A 112 -21.23 -11.85 22.08
CA ASP A 112 -21.54 -12.93 21.15
C ASP A 112 -21.01 -14.24 21.74
N GLU A 113 -21.79 -14.84 22.64
CA GLU A 113 -21.34 -16.02 23.36
C GLU A 113 -21.39 -17.31 22.54
N THR A 114 -21.73 -17.20 21.26
CA THR A 114 -21.40 -18.25 20.27
C THR A 114 -19.89 -18.35 20.02
N ARG A 115 -19.15 -17.29 20.35
CA ARG A 115 -17.67 -17.28 20.21
C ARG A 115 -16.99 -18.31 21.11
N ARG A 116 -15.92 -18.92 20.58
CA ARG A 116 -15.23 -20.05 21.19
C ARG A 116 -14.00 -19.50 21.89
N LEU A 117 -13.56 -20.20 22.93
CA LEU A 117 -12.41 -19.77 23.75
C LEU A 117 -11.14 -19.42 22.97
N CYS A 118 -10.81 -20.23 21.95
CA CYS A 118 -9.64 -19.96 21.09
C CYS A 118 -9.74 -18.66 20.28
N ASP A 119 -10.96 -18.31 19.91
CA ASP A 119 -11.23 -17.16 19.05
C ASP A 119 -11.38 -15.84 19.83
N LEU A 120 -11.00 -15.79 21.11
CA LEU A 120 -11.14 -14.56 21.94
C LEU A 120 -9.87 -13.72 22.05
N ARG A 121 -8.75 -14.27 21.59
CA ARG A 121 -7.39 -13.71 21.76
C ARG A 121 -7.05 -13.26 23.21
N LEU A 122 -7.03 -14.23 24.13
CA LEU A 122 -7.25 -13.99 25.58
C LEU A 122 -6.07 -13.61 26.46
N PHE A 123 -4.83 -13.66 25.97
CA PHE A 123 -3.66 -13.31 26.80
C PHE A 123 -3.42 -14.29 27.99
N GLN A 124 -4.25 -14.19 29.03
CA GLN A 124 -4.18 -15.10 30.19
C GLN A 124 -5.46 -15.91 30.31
N PRO A 125 -5.33 -17.24 30.53
CA PRO A 125 -6.53 -18.08 30.47
C PRO A 125 -7.41 -17.86 31.68
N PHE A 126 -8.22 -16.81 31.63
CA PHE A 126 -9.18 -16.52 32.69
C PHE A 126 -10.39 -15.75 32.19
N LEU A 127 -11.50 -15.98 32.86
CA LEU A 127 -12.71 -15.24 32.61
C LEU A 127 -13.11 -14.51 33.88
N LYS A 128 -14.02 -13.57 33.73
CA LYS A 128 -14.65 -12.88 34.85
C LYS A 128 -16.12 -12.66 34.51
N VAL A 129 -17.00 -12.84 35.49
CA VAL A 129 -18.42 -12.61 35.31
C VAL A 129 -18.73 -11.20 35.78
N ILE A 130 -19.49 -10.45 34.98
CA ILE A 130 -20.16 -9.22 35.41
C ILE A 130 -21.50 -9.11 34.67
N GLU A 131 -22.28 -8.07 34.99
CA GLU A 131 -23.55 -7.78 34.29
C GLU A 131 -23.36 -6.80 33.14
N PRO A 132 -24.27 -6.84 32.13
CA PRO A 132 -24.15 -5.90 31.02
C PRO A 132 -24.35 -4.45 31.47
N VAL A 133 -23.23 -3.82 31.82
CA VAL A 133 -23.20 -2.39 32.14
C VAL A 133 -23.27 -1.63 30.81
N GLY A 134 -24.16 -0.65 30.74
CA GLY A 134 -24.45 0.04 29.49
C GLY A 134 -25.40 -0.83 28.72
N ASN A 135 -26.69 -0.67 29.00
CA ASN A 135 -27.77 -1.48 28.41
C ASN A 135 -27.90 -1.32 26.89
N ARG A 136 -27.32 -0.25 26.31
CA ARG A 136 -27.20 -0.14 24.85
C ARG A 136 -26.10 -1.09 24.38
N GLU A 137 -26.45 -2.37 24.29
CA GLU A 137 -25.50 -3.45 23.98
C GLU A 137 -25.31 -3.50 22.48
N GLU A 138 -26.37 -3.19 21.74
CA GLU A 138 -26.29 -3.00 20.28
C GLU A 138 -25.17 -2.05 19.90
N LYS A 139 -24.98 -1.00 20.72
CA LYS A 139 -23.91 -0.02 20.49
C LYS A 139 -22.52 -0.59 20.78
N ILE A 140 -22.37 -1.47 21.77
CA ILE A 140 -21.02 -1.91 22.17
C ILE A 140 -20.46 -2.94 21.17
N LEU A 141 -21.20 -3.20 20.09
CA LEU A 141 -20.64 -3.79 18.86
C LEU A 141 -20.07 -2.67 17.94
N ASN A 142 -19.09 -2.01 18.56
CA ASN A 142 -17.91 -1.43 17.93
C ASN A 142 -16.86 -2.53 17.90
N ARG A 143 -16.88 -3.44 18.88
CA ARG A 143 -16.00 -4.60 18.90
C ARG A 143 -15.84 -5.19 17.49
N GLU A 144 -16.97 -5.35 16.80
CA GLU A 144 -17.01 -5.69 15.36
C GLU A 144 -16.04 -4.84 14.54
N ILE A 145 -16.14 -3.52 14.69
CA ILE A 145 -15.28 -2.54 14.00
C ILE A 145 -13.81 -2.68 14.43
N GLY A 146 -13.57 -2.57 15.72
CA GLY A 146 -12.22 -2.75 16.24
C GLY A 146 -11.57 -4.08 15.85
N PHE A 147 -12.37 -5.12 15.67
CA PHE A 147 -11.86 -6.41 15.18
C PHE A 147 -11.53 -6.31 13.72
N ALA A 148 -12.46 -5.73 12.97
CA ALA A 148 -12.26 -5.52 11.54
C ALA A 148 -11.04 -4.62 11.29
N ILE A 149 -10.87 -3.56 12.09
CA ILE A 149 -9.76 -2.63 11.94
C ILE A 149 -8.45 -3.20 12.48
N GLY A 150 -8.53 -4.01 13.51
CA GLY A 150 -7.34 -4.56 14.15
C GLY A 150 -6.73 -3.58 15.13
N MET A 151 -7.59 -2.98 15.92
CA MET A 151 -7.23 -2.22 17.11
C MET A 151 -8.50 -1.70 17.73
N PRO A 152 -8.52 -1.58 19.08
CA PRO A 152 -9.80 -1.24 19.72
C PRO A 152 -10.25 0.18 19.39
N VAL A 153 -11.55 0.39 19.28
CA VAL A 153 -12.08 1.72 18.93
C VAL A 153 -11.87 2.66 20.13
N CYS A 154 -12.09 2.15 21.34
CA CYS A 154 -11.85 2.91 22.56
C CYS A 154 -10.43 3.50 22.64
N GLU A 155 -9.47 2.86 21.98
CA GLU A 155 -8.13 3.44 21.83
C GLU A 155 -8.08 4.81 21.13
N PHE A 156 -9.08 5.13 20.30
CA PHE A 156 -9.25 6.48 19.72
C PHE A 156 -9.88 7.46 20.70
N ASP A 157 -10.87 7.01 21.47
CA ASP A 157 -11.58 7.87 22.44
C ASP A 157 -10.63 8.54 23.42
N MET A 158 -9.60 7.80 23.82
CA MET A 158 -8.60 8.29 24.77
C MET A 158 -7.50 9.12 24.12
N VAL A 159 -7.60 9.40 22.82
CA VAL A 159 -6.62 10.25 22.15
C VAL A 159 -6.92 11.71 22.48
N LYS A 160 -5.86 12.46 22.80
CA LYS A 160 -5.98 13.86 23.27
C LYS A 160 -6.08 14.84 22.10
N ASP A 161 -5.02 14.89 21.28
CA ASP A 161 -4.96 15.65 20.02
C ASP A 161 -6.34 15.93 19.40
N PRO A 162 -6.74 17.21 19.36
CA PRO A 162 -8.08 17.52 18.87
C PRO A 162 -8.25 17.33 17.37
N GLU A 163 -7.17 17.31 16.59
CA GLU A 163 -7.29 16.99 15.15
C GLU A 163 -7.94 15.62 14.98
N VAL A 164 -7.62 14.68 15.86
CA VAL A 164 -8.16 13.34 15.74
C VAL A 164 -9.64 13.41 16.10
N GLN A 165 -9.93 14.02 17.26
CA GLN A 165 -11.32 14.06 17.73
C GLN A 165 -12.19 14.80 16.73
N ASP A 166 -11.65 15.87 16.11
CA ASP A 166 -12.35 16.64 15.07
C ASP A 166 -12.57 15.76 13.86
N PHE A 167 -11.52 15.07 13.41
CA PHE A 167 -11.64 14.12 12.27
C PHE A 167 -12.77 13.13 12.49
N ARG A 168 -12.79 12.49 13.65
CA ARG A 168 -13.78 11.46 13.90
C ARG A 168 -15.22 11.98 13.76
N ARG A 169 -15.45 13.18 14.29
CA ARG A 169 -16.76 13.83 14.27
C ARG A 169 -17.09 14.47 12.91
N ASN A 170 -16.11 15.15 12.32
CA ASN A 170 -16.31 15.86 11.04
C ASN A 170 -16.51 14.97 9.82
N ILE A 171 -15.84 13.82 9.81
CA ILE A 171 -15.84 12.94 8.64
C ILE A 171 -17.17 12.21 8.47
N LEU A 172 -18.00 12.17 9.52
CA LEU A 172 -19.35 11.55 9.44
C LEU A 172 -20.28 12.26 8.46
N ASN A 173 -20.00 13.54 8.16
CA ASN A 173 -20.63 14.26 7.04
C ASN A 173 -20.67 13.37 5.82
N VAL A 174 -19.49 12.87 5.45
CA VAL A 174 -19.34 12.02 4.26
C VAL A 174 -20.02 10.67 4.45
N CYS A 175 -19.95 10.09 5.63
CA CYS A 175 -20.69 8.88 5.92
C CYS A 175 -22.19 9.06 5.68
N LYS A 176 -22.77 10.03 6.39
CA LYS A 176 -24.20 10.29 6.34
C LYS A 176 -24.66 10.48 4.89
N GLU A 177 -24.02 11.40 4.18
CA GLU A 177 -24.32 11.68 2.77
C GLU A 177 -24.34 10.43 1.91
N ALA A 178 -23.25 9.69 1.94
CA ALA A 178 -23.08 8.47 1.13
C ALA A 178 -24.17 7.42 1.40
N VAL A 179 -24.58 7.29 2.65
CA VAL A 179 -25.66 6.37 3.02
C VAL A 179 -27.02 6.81 2.49
N ASP A 180 -27.25 8.12 2.40
CA ASP A 180 -28.49 8.66 1.83
C ASP A 180 -28.54 8.41 0.31
N LEU A 181 -27.39 8.59 -0.34
CA LEU A 181 -27.23 8.31 -1.77
C LEU A 181 -27.48 6.82 -2.13
N ARG A 182 -27.17 5.91 -1.22
CA ARG A 182 -27.56 4.50 -1.36
C ARG A 182 -29.06 4.27 -1.42
N ASP A 183 -29.83 5.08 -0.70
CA ASP A 183 -31.24 4.79 -0.44
C ASP A 183 -32.14 5.84 -1.08
N LEU A 184 -31.74 6.25 -2.28
CA LEU A 184 -32.41 7.27 -3.07
C LEU A 184 -33.48 6.60 -3.94
N ASN A 185 -33.06 5.61 -4.72
CA ASN A 185 -33.93 4.81 -5.61
C ASN A 185 -34.05 3.38 -5.13
N SEP A 186 -34.05 3.18 -3.80
CA SEP A 186 -33.97 1.84 -3.22
CB SEP A 186 -33.72 1.92 -1.71
OG SEP A 186 -34.23 3.15 -1.19
C SEP A 186 -35.23 1.08 -3.51
O SEP A 186 -36.28 1.70 -3.61
P SEP A 186 -35.00 3.15 0.22
O1P SEP A 186 -35.27 4.62 0.50
O2P SEP A 186 -36.24 2.32 -0.06
O3P SEP A 186 -34.03 2.50 1.16
N PRO A 187 -35.19 -0.25 -3.63
CA PRO A 187 -34.02 -1.07 -3.39
C PRO A 187 -33.14 -1.32 -4.63
N HIS A 188 -33.34 -0.58 -5.72
CA HIS A 188 -32.41 -0.70 -6.86
C HIS A 188 -31.03 -0.22 -6.45
N SER A 189 -30.96 1.00 -5.93
CA SER A 189 -29.67 1.64 -5.65
C SER A 189 -28.90 0.97 -4.51
N ARG A 190 -29.57 0.25 -3.62
CA ARG A 190 -28.85 -0.61 -2.68
C ARG A 190 -28.18 -1.80 -3.38
N ALA A 191 -28.76 -2.31 -4.46
CA ALA A 191 -28.10 -3.36 -5.27
C ALA A 191 -27.07 -2.80 -6.22
N MET A 192 -27.16 -1.52 -6.55
CA MET A 192 -26.03 -0.85 -7.20
C MET A 192 -24.80 -0.76 -6.26
N TYR A 193 -25.03 -0.28 -5.03
CA TYR A 193 -24.01 -0.25 -3.99
C TYR A 193 -23.42 -1.64 -3.87
N VAL A 194 -24.25 -2.61 -3.50
CA VAL A 194 -23.79 -3.97 -3.23
C VAL A 194 -23.21 -4.67 -4.46
N TYR A 195 -23.91 -4.62 -5.60
CA TYR A 195 -23.48 -5.37 -6.79
C TYR A 195 -23.22 -4.47 -7.98
N PRO A 196 -22.34 -3.49 -7.80
CA PRO A 196 -22.12 -2.52 -8.89
C PRO A 196 -21.68 -3.24 -10.13
N PRO A 197 -22.21 -2.83 -11.29
CA PRO A 197 -21.88 -3.53 -12.52
C PRO A 197 -20.39 -3.41 -12.87
N ASN A 198 -19.80 -4.53 -13.28
CA ASN A 198 -18.38 -4.67 -13.62
C ASN A 198 -18.19 -4.48 -15.12
N VAL A 199 -17.91 -3.23 -15.55
CA VAL A 199 -17.85 -2.90 -16.97
C VAL A 199 -16.57 -2.15 -17.37
N GLU A 200 -16.07 -2.43 -18.58
CA GLU A 200 -14.80 -1.86 -19.07
C GLU A 200 -15.02 -0.37 -19.28
N SER A 201 -13.95 0.37 -19.56
CA SER A 201 -14.02 1.85 -19.59
C SER A 201 -14.57 2.39 -20.92
N SER A 202 -14.23 1.74 -22.04
CA SER A 202 -14.67 2.13 -23.38
C SER A 202 -15.85 1.27 -23.85
N PRO A 203 -16.99 1.91 -24.22
CA PRO A 203 -18.14 1.10 -24.66
C PRO A 203 -17.89 0.38 -25.98
N GLU A 204 -17.25 1.05 -26.94
CA GLU A 204 -16.86 0.40 -28.20
C GLU A 204 -15.77 -0.66 -27.97
N LEU A 205 -15.78 -1.69 -28.81
CA LEU A 205 -14.73 -2.74 -28.80
C LEU A 205 -13.55 -2.37 -29.70
N PRO A 206 -12.37 -3.00 -29.49
CA PRO A 206 -11.33 -2.90 -30.50
C PRO A 206 -11.65 -3.84 -31.66
N LYS A 207 -11.02 -3.58 -32.81
CA LYS A 207 -11.28 -4.32 -34.05
C LYS A 207 -11.10 -5.84 -33.89
N HIS A 208 -9.96 -6.25 -33.33
CA HIS A 208 -9.62 -7.67 -33.19
C HIS A 208 -10.59 -8.48 -32.31
N ILE A 209 -11.35 -7.80 -31.45
CA ILE A 209 -12.41 -8.44 -30.68
C ILE A 209 -13.68 -8.54 -31.53
N TYR A 210 -14.02 -7.46 -32.25
CA TYR A 210 -15.20 -7.43 -33.14
C TYR A 210 -15.21 -8.63 -34.08
N ASN A 211 -14.07 -8.89 -34.71
CA ASN A 211 -13.94 -9.92 -35.74
C ASN A 211 -14.28 -11.35 -35.33
N LYS A 212 -14.33 -11.60 -34.01
CA LYS A 212 -14.78 -12.90 -33.50
C LYS A 212 -16.30 -13.12 -33.50
N LEU A 213 -17.11 -12.15 -33.94
CA LEU A 213 -18.57 -12.14 -33.71
C LEU A 213 -19.52 -12.29 -34.94
N ASP A 214 -18.99 -12.31 -36.17
CA ASP A 214 -19.77 -12.06 -37.43
C ASP A 214 -20.76 -10.85 -37.38
N LYS A 215 -20.25 -9.70 -37.85
CA LYS A 215 -20.99 -8.41 -37.87
C LYS A 215 -21.58 -8.01 -36.50
N GLY A 216 -20.96 -8.49 -35.42
CA GLY A 216 -21.39 -8.16 -34.06
C GLY A 216 -22.58 -8.92 -33.49
N GLN A 217 -22.50 -10.25 -33.47
CA GLN A 217 -23.45 -11.05 -32.70
C GLN A 217 -22.84 -12.17 -31.84
N ILE A 218 -23.11 -12.12 -30.53
CA ILE A 218 -22.65 -13.14 -29.60
C ILE A 218 -23.76 -14.17 -29.46
N ILE A 219 -23.37 -15.41 -29.25
CA ILE A 219 -24.30 -16.45 -28.82
C ILE A 219 -24.22 -16.46 -27.30
N VAL A 220 -25.32 -16.10 -26.64
CA VAL A 220 -25.45 -16.17 -25.17
C VAL A 220 -26.13 -17.50 -24.82
N VAL A 221 -26.28 -17.76 -23.53
CA VAL A 221 -27.22 -18.75 -23.01
C VAL A 221 -27.88 -18.19 -21.76
N ILE A 222 -29.17 -17.86 -21.82
CA ILE A 222 -29.89 -17.51 -20.57
C ILE A 222 -30.31 -18.82 -19.90
N TRP A 223 -30.31 -18.85 -18.57
CA TRP A 223 -30.74 -20.05 -17.83
C TRP A 223 -31.89 -19.66 -16.94
N VAL A 224 -32.65 -20.68 -16.51
CA VAL A 224 -33.77 -20.48 -15.59
C VAL A 224 -33.91 -21.70 -14.70
N ILE A 225 -34.66 -21.52 -13.62
CA ILE A 225 -35.08 -22.60 -12.73
C ILE A 225 -36.57 -22.44 -12.33
N VAL A 226 -37.33 -23.55 -12.35
CA VAL A 226 -38.74 -23.56 -11.89
C VAL A 226 -39.12 -24.99 -11.41
N SER A 227 -40.22 -25.10 -10.66
CA SER A 227 -40.71 -26.37 -10.04
C SER A 227 -40.55 -27.62 -10.93
N PRO A 228 -39.76 -28.63 -10.54
CA PRO A 228 -39.30 -28.92 -9.14
C PRO A 228 -38.21 -28.05 -8.49
N ASN A 229 -37.61 -27.13 -9.25
CA ASN A 229 -36.55 -26.18 -8.79
C ASN A 229 -35.14 -26.76 -8.80
N ASN A 230 -35.01 -28.04 -9.15
CA ASN A 230 -33.72 -28.68 -9.33
C ASN A 230 -33.42 -28.89 -10.81
N ASP A 231 -34.27 -28.33 -11.68
CA ASP A 231 -34.07 -28.36 -13.12
C ASP A 231 -33.64 -26.99 -13.64
N LYS A 232 -32.76 -27.01 -14.63
CA LYS A 232 -32.21 -25.81 -15.25
C LYS A 232 -32.65 -25.81 -16.72
N GLN A 233 -32.66 -24.66 -17.39
CA GLN A 233 -33.11 -24.58 -18.79
C GLN A 233 -32.34 -23.62 -19.69
N LYS A 234 -31.56 -24.16 -20.62
CA LYS A 234 -30.81 -23.36 -21.60
C LYS A 234 -31.77 -22.60 -22.53
N TYR A 235 -31.40 -21.38 -22.91
CA TYR A 235 -32.09 -20.63 -23.97
C TYR A 235 -31.07 -19.88 -24.79
N THR A 236 -30.54 -20.54 -25.81
CA THR A 236 -29.33 -20.08 -26.47
C THR A 236 -29.68 -19.01 -27.50
N LEU A 237 -29.47 -17.74 -27.16
CA LEU A 237 -29.84 -16.63 -28.03
C LEU A 237 -28.72 -16.35 -28.99
N LYS A 238 -28.96 -15.42 -29.91
CA LYS A 238 -27.90 -14.88 -30.77
C LYS A 238 -28.25 -13.45 -31.05
N ILE A 239 -27.74 -12.56 -30.20
CA ILE A 239 -28.16 -11.16 -30.19
C ILE A 239 -26.95 -10.27 -30.41
N ASN A 240 -27.18 -8.96 -30.49
CA ASN A 240 -26.08 -8.02 -30.71
C ASN A 240 -25.28 -7.84 -29.44
N HIS A 241 -23.95 -7.80 -29.59
CA HIS A 241 -23.07 -7.54 -28.48
C HIS A 241 -23.45 -6.27 -27.72
N ASP A 242 -23.92 -5.26 -28.46
CA ASP A 242 -24.25 -3.94 -27.89
C ASP A 242 -25.70 -3.77 -27.36
N CYS A 243 -26.50 -4.83 -27.34
CA CYS A 243 -27.84 -4.73 -26.76
C CYS A 243 -27.75 -4.86 -25.23
N VAL A 244 -28.52 -4.04 -24.51
CA VAL A 244 -28.47 -3.98 -23.04
C VAL A 244 -29.16 -5.21 -22.43
N PRO A 245 -29.07 -5.41 -21.10
CA PRO A 245 -29.59 -6.65 -20.46
C PRO A 245 -31.10 -6.83 -20.58
N GLU A 246 -31.83 -5.72 -20.49
CA GLU A 246 -33.28 -5.70 -20.69
C GLU A 246 -33.67 -6.46 -21.96
N GLN A 247 -33.14 -6.03 -23.11
CA GLN A 247 -33.37 -6.69 -24.40
C GLN A 247 -32.96 -8.17 -24.38
N VAL A 248 -31.86 -8.47 -23.72
CA VAL A 248 -31.38 -9.85 -23.57
C VAL A 248 -32.34 -10.65 -22.69
N ILE A 249 -32.94 -9.99 -21.69
CA ILE A 249 -34.02 -10.59 -20.88
C ILE A 249 -35.27 -10.78 -21.74
N ALA A 250 -35.55 -9.79 -22.61
CA ALA A 250 -36.66 -9.86 -23.56
C ALA A 250 -36.53 -11.08 -24.48
N GLU A 251 -35.57 -11.06 -25.41
CA GLU A 251 -35.31 -12.22 -26.30
C GLU A 251 -35.33 -13.59 -25.56
N ALA A 252 -34.87 -13.60 -24.31
CA ALA A 252 -34.92 -14.81 -23.51
C ALA A 252 -36.33 -15.23 -23.18
N ILE A 253 -37.23 -14.27 -22.93
CA ILE A 253 -38.65 -14.52 -22.58
C ILE A 253 -39.48 -14.80 -23.83
N ARG A 254 -39.14 -14.13 -24.93
CA ARG A 254 -39.73 -14.46 -26.23
C ARG A 254 -39.70 -15.98 -26.44
N LYS A 255 -38.51 -16.58 -26.35
CA LYS A 255 -38.36 -18.03 -26.52
C LYS A 255 -39.11 -18.92 -25.51
N LYS A 256 -39.17 -18.52 -24.23
CA LYS A 256 -39.93 -19.29 -23.23
C LYS A 256 -41.34 -19.51 -23.74
N THR A 257 -41.97 -18.39 -24.11
CA THR A 257 -43.40 -18.32 -24.37
C THR A 257 -43.79 -18.72 -25.79
N ARG A 258 -43.04 -18.26 -26.80
CA ARG A 258 -43.36 -18.47 -28.24
C ARG A 258 -44.06 -19.79 -28.53
N SER A 259 -45.23 -19.70 -29.17
CA SER A 259 -46.19 -20.79 -29.18
C SER A 259 -47.13 -20.66 -30.38
N MET A 260 -47.78 -21.78 -30.73
CA MET A 260 -48.87 -21.77 -31.71
C MET A 260 -50.15 -21.16 -31.12
N LEU A 261 -50.20 -21.02 -29.79
CA LEU A 261 -51.38 -20.50 -29.11
C LEU A 261 -51.28 -19.04 -28.67
N LEU A 262 -50.10 -18.45 -28.81
CA LEU A 262 -49.95 -17.01 -28.67
C LEU A 262 -49.83 -16.45 -30.07
N SER A 263 -50.53 -15.36 -30.33
CA SER A 263 -50.34 -14.59 -31.55
C SER A 263 -49.08 -13.78 -31.42
N SER A 264 -48.71 -13.06 -32.47
CA SER A 264 -47.63 -12.09 -32.38
C SER A 264 -47.94 -10.95 -31.41
N GLU A 265 -49.16 -10.43 -31.47
CA GLU A 265 -49.57 -9.32 -30.59
C GLU A 265 -49.62 -9.74 -29.10
N GLN A 266 -50.26 -10.86 -28.79
CA GLN A 266 -50.38 -11.35 -27.40
C GLN A 266 -49.00 -11.57 -26.80
N LEU A 267 -48.09 -12.10 -27.61
CA LEU A 267 -46.69 -12.34 -27.24
C LEU A 267 -46.00 -11.09 -26.70
N LYS A 268 -46.07 -10.00 -27.45
CA LYS A 268 -45.44 -8.75 -27.06
C LYS A 268 -45.98 -8.18 -25.75
N LEU A 269 -47.26 -8.38 -25.48
CA LEU A 269 -47.83 -7.95 -24.21
C LEU A 269 -47.30 -8.84 -23.08
N CYS A 270 -47.25 -10.15 -23.33
CA CYS A 270 -46.62 -11.11 -22.39
C CYS A 270 -45.12 -10.93 -22.19
N VAL A 271 -44.43 -10.33 -23.17
CA VAL A 271 -43.05 -9.90 -23.01
C VAL A 271 -43.03 -8.74 -22.02
N LEU A 272 -43.49 -7.57 -22.47
CA LEU A 272 -43.44 -6.33 -21.69
C LEU A 272 -43.63 -6.56 -20.18
N GLU A 273 -44.73 -7.20 -19.82
CA GLU A 273 -45.03 -7.50 -18.42
C GLU A 273 -43.92 -8.31 -17.76
N TYR A 274 -43.48 -9.38 -18.41
CA TYR A 274 -42.45 -10.25 -17.84
C TYR A 274 -40.99 -9.71 -17.91
N GLN A 275 -40.72 -8.60 -18.59
CA GLN A 275 -39.33 -8.10 -18.75
C GLN A 275 -38.77 -7.59 -17.45
N GLY A 276 -39.30 -6.46 -16.98
CA GLY A 276 -38.73 -5.70 -15.87
C GLY A 276 -38.74 -6.40 -14.53
N LYS A 277 -39.32 -7.61 -14.45
CA LYS A 277 -39.40 -8.38 -13.22
C LYS A 277 -38.22 -9.30 -13.05
N TYR A 278 -37.26 -9.25 -13.98
CA TYR A 278 -36.10 -10.10 -13.93
C TYR A 278 -34.85 -9.27 -14.21
N ILE A 279 -33.70 -9.79 -13.75
CA ILE A 279 -32.37 -9.19 -14.04
C ILE A 279 -31.33 -10.26 -14.34
N LEU A 280 -30.24 -9.82 -14.95
CA LEU A 280 -29.19 -10.76 -15.36
C LEU A 280 -28.01 -10.95 -14.37
N LYS A 281 -27.70 -12.22 -14.07
CA LYS A 281 -26.59 -12.61 -13.20
C LYS A 281 -25.65 -13.60 -13.90
N VAL A 282 -24.35 -13.46 -13.69
CA VAL A 282 -23.36 -14.40 -14.24
C VAL A 282 -23.42 -15.73 -13.49
N CYS A 283 -23.41 -16.84 -14.21
CA CYS A 283 -23.57 -18.14 -13.58
C CYS A 283 -22.30 -18.41 -12.82
N GLY A 284 -22.41 -18.87 -11.57
CA GLY A 284 -21.25 -19.37 -10.79
C GLY A 284 -20.47 -18.38 -9.92
N CYS A 285 -20.97 -17.15 -9.82
CA CYS A 285 -20.36 -16.09 -9.02
C CYS A 285 -21.34 -14.93 -8.91
N ASP A 286 -21.17 -14.05 -7.93
CA ASP A 286 -22.15 -12.99 -7.69
C ASP A 286 -21.79 -11.68 -8.38
N GLU A 287 -21.55 -11.76 -9.70
CA GLU A 287 -21.65 -10.58 -10.56
C GLU A 287 -23.14 -10.43 -11.01
N TYR A 288 -23.57 -9.20 -11.34
CA TYR A 288 -24.93 -8.93 -11.81
C TYR A 288 -24.93 -7.75 -12.80
N PHE A 289 -25.69 -7.90 -13.89
CA PHE A 289 -25.78 -6.90 -14.94
C PHE A 289 -26.95 -5.99 -14.62
N LEU A 290 -26.68 -4.90 -13.90
CA LEU A 290 -27.74 -4.08 -13.34
C LEU A 290 -27.98 -2.74 -14.00
N GLU A 291 -27.36 -2.40 -15.14
CA GLU A 291 -27.77 -1.17 -15.82
C GLU A 291 -27.57 -1.13 -17.33
N LYS A 292 -28.08 -0.05 -17.95
CA LYS A 292 -27.86 0.31 -19.36
C LYS A 292 -26.38 0.26 -19.69
N TYR A 293 -25.94 -0.92 -20.07
CA TYR A 293 -24.61 -1.10 -20.60
C TYR A 293 -24.73 -2.16 -21.69
N PRO A 294 -24.19 -1.88 -22.89
CA PRO A 294 -23.97 -2.89 -23.91
C PRO A 294 -23.41 -4.19 -23.32
N LEU A 295 -24.06 -5.33 -23.54
CA LEU A 295 -23.55 -6.61 -22.99
C LEU A 295 -22.02 -6.77 -23.01
N SER A 296 -21.39 -6.44 -24.14
CA SER A 296 -19.94 -6.59 -24.30
C SER A 296 -19.08 -5.53 -23.60
N GLN A 297 -19.70 -4.46 -23.09
CA GLN A 297 -19.01 -3.52 -22.19
C GLN A 297 -18.80 -4.14 -20.80
N TYR A 298 -19.72 -4.98 -20.35
CA TYR A 298 -19.52 -5.77 -19.12
C TYR A 298 -18.29 -6.66 -19.29
N LYS A 299 -17.49 -6.75 -18.24
CA LYS A 299 -16.17 -7.38 -18.35
C LYS A 299 -16.29 -8.89 -18.60
N TYR A 300 -17.26 -9.55 -17.97
CA TYR A 300 -17.46 -10.99 -18.17
C TYR A 300 -17.75 -11.39 -19.61
N ILE A 301 -18.38 -10.50 -20.37
CA ILE A 301 -18.76 -10.77 -21.75
C ILE A 301 -17.52 -10.59 -22.60
N ARG A 302 -16.98 -9.37 -22.60
CA ARG A 302 -15.73 -9.11 -23.32
C ARG A 302 -14.63 -10.15 -22.97
N SER A 303 -14.68 -10.68 -21.74
CA SER A 303 -13.85 -11.81 -21.34
C SER A 303 -14.25 -13.11 -22.03
N CYS A 304 -15.56 -13.38 -22.12
CA CYS A 304 -16.08 -14.59 -22.77
C CYS A 304 -15.73 -14.63 -24.25
N ILE A 305 -16.01 -13.53 -24.95
CA ILE A 305 -15.60 -13.36 -26.36
C ILE A 305 -14.15 -13.86 -26.55
N MET A 306 -13.21 -13.22 -25.84
CA MET A 306 -11.77 -13.43 -26.02
C MET A 306 -11.32 -14.86 -25.78
N LEU A 307 -11.90 -15.52 -24.79
CA LEU A 307 -11.46 -16.87 -24.44
C LEU A 307 -12.04 -17.93 -25.34
N GLY A 308 -13.10 -17.60 -26.08
CA GLY A 308 -13.80 -18.56 -26.95
C GLY A 308 -14.90 -19.27 -26.20
N ARG A 309 -15.66 -18.48 -25.44
CA ARG A 309 -16.63 -18.99 -24.49
C ARG A 309 -18.00 -18.37 -24.75
N MET A 310 -19.02 -19.08 -24.25
CA MET A 310 -20.40 -18.71 -24.47
C MET A 310 -21.00 -18.19 -23.16
N PRO A 311 -21.35 -16.89 -23.11
CA PRO A 311 -21.81 -16.35 -21.84
C PRO A 311 -22.87 -17.22 -21.17
N ASN A 312 -22.75 -17.48 -19.89
CA ASN A 312 -23.77 -18.23 -19.16
C ASN A 312 -24.33 -17.33 -18.10
N LEU A 313 -25.42 -16.66 -18.46
CA LEU A 313 -26.11 -15.76 -17.57
C LEU A 313 -27.22 -16.53 -16.87
N MET A 314 -28.00 -15.83 -16.07
CA MET A 314 -29.14 -16.42 -15.39
C MET A 314 -30.27 -15.40 -15.28
N LEU A 315 -31.50 -15.89 -15.39
CA LEU A 315 -32.68 -15.07 -15.15
C LEU A 315 -33.02 -15.28 -13.73
N MET A 316 -32.76 -14.23 -12.95
CA MET A 316 -33.09 -14.20 -11.54
C MET A 316 -34.20 -13.17 -11.41
N ALA A 317 -35.16 -13.48 -10.55
CA ALA A 317 -36.25 -12.56 -10.28
C ALA A 317 -35.71 -11.43 -9.42
N LYS A 318 -35.97 -10.18 -9.79
CA LYS A 318 -35.67 -9.01 -8.92
C LYS A 318 -36.20 -9.14 -7.47
N GLU A 319 -37.30 -9.87 -7.30
CA GLU A 319 -37.80 -10.19 -5.97
C GLU A 319 -36.77 -10.99 -5.19
N SER A 320 -36.32 -12.11 -5.76
CA SER A 320 -35.35 -12.99 -5.08
C SER A 320 -33.91 -12.41 -4.97
N LEU A 321 -33.61 -11.33 -5.71
CA LEU A 321 -32.40 -10.55 -5.45
C LEU A 321 -32.69 -9.58 -4.32
N TYR A 322 -33.61 -8.63 -4.53
CA TYR A 322 -33.97 -7.66 -3.47
C TYR A 322 -34.45 -8.33 -2.15
N SER A 323 -34.75 -9.62 -2.21
CA SER A 323 -34.86 -10.46 -1.03
C SER A 323 -33.58 -10.38 -0.17
N GLN A 324 -32.44 -10.61 -0.81
CA GLN A 324 -31.13 -10.73 -0.12
C GLN A 324 -30.60 -9.45 0.55
N LEU A 325 -30.72 -8.31 -0.13
CA LEU A 325 -30.01 -7.09 0.27
C LEU A 325 -30.59 -6.44 1.51
N PRO A 326 -29.81 -6.42 2.61
CA PRO A 326 -30.36 -6.02 3.90
C PRO A 326 -30.36 -4.51 4.09
N MET A 327 -31.16 -4.05 5.05
CA MET A 327 -31.26 -2.63 5.37
C MET A 327 -30.01 -2.24 6.13
N ASP A 328 -29.19 -1.40 5.52
CA ASP A 328 -27.91 -0.99 6.11
C ASP A 328 -28.07 -0.17 7.41
N CYS A 329 -29.00 0.80 7.40
CA CYS A 329 -29.31 1.68 8.55
C CYS A 329 -28.10 2.07 9.43
N PHE A 330 -27.27 2.93 8.86
CA PHE A 330 -26.22 3.66 9.58
C PHE A 330 -26.78 4.41 10.79
N THR A 331 -26.03 4.45 11.89
CA THR A 331 -26.36 5.31 13.04
C THR A 331 -25.13 6.06 13.55
N MET A 332 -25.33 7.32 13.91
CA MET A 332 -24.25 8.19 14.33
C MET A 332 -23.83 7.82 15.75
N PRO A 333 -22.52 7.81 16.02
CA PRO A 333 -22.00 7.38 17.32
C PRO A 333 -22.08 8.44 18.44
N SER A 334 -21.55 8.08 19.62
CA SER A 334 -21.57 8.92 20.85
C SER A 334 -20.86 10.26 20.64
N TYR A 335 -19.72 10.21 19.94
CA TYR A 335 -19.19 11.40 19.29
C TYR A 335 -20.28 11.83 18.29
N SER A 336 -21.12 12.78 18.73
CA SER A 336 -22.50 12.97 18.21
C SER A 336 -22.62 13.01 16.69
N PRO A 344 -18.12 33.73 7.79
CA PRO A 344 -19.12 34.18 8.75
C PRO A 344 -18.62 34.05 10.20
N TYR A 345 -18.34 35.19 10.84
CA TYR A 345 -17.74 35.23 12.18
C TYR A 345 -18.68 35.92 13.18
N MET A 346 -19.04 35.21 14.27
CA MET A 346 -19.75 35.83 15.41
C MET A 346 -18.77 36.48 16.39
N ASN A 347 -17.53 35.96 16.44
CA ASN A 347 -16.39 36.69 17.03
C ASN A 347 -15.94 37.79 16.06
N GLY A 348 -15.99 39.05 16.50
CA GLY A 348 -15.60 40.22 15.68
C GLY A 348 -14.27 40.04 14.99
N GLU A 349 -14.14 40.54 13.76
CA GLU A 349 -13.05 40.16 12.85
C GLU A 349 -11.64 40.48 13.38
N THR A 350 -10.75 39.49 13.29
CA THR A 350 -9.36 39.51 13.79
C THR A 350 -9.22 39.43 15.33
N SER A 351 -9.68 38.31 15.90
CA SER A 351 -9.24 37.86 17.25
C SER A 351 -7.75 37.50 17.16
N THR A 352 -7.40 36.92 16.01
CA THR A 352 -6.07 36.47 15.68
C THR A 352 -5.40 37.47 14.73
N LYS A 353 -4.08 37.40 14.63
CA LYS A 353 -3.31 38.18 13.64
C LYS A 353 -3.04 37.37 12.35
N SER A 354 -3.39 37.94 11.19
CA SER A 354 -3.08 37.33 9.88
C SER A 354 -1.57 37.23 9.70
N LEU A 355 -1.13 36.15 9.07
CA LEU A 355 0.29 35.81 8.91
C LEU A 355 1.08 36.90 8.21
N TRP A 356 0.38 37.59 7.30
CA TRP A 356 0.99 38.61 6.45
C TRP A 356 1.36 39.94 7.15
N VAL A 357 0.79 40.17 8.33
CA VAL A 357 1.13 41.31 9.20
C VAL A 357 2.49 41.16 9.89
N ILE A 358 2.86 39.93 10.22
CA ILE A 358 4.04 39.68 11.03
C ILE A 358 5.29 40.19 10.30
N ASN A 359 6.13 40.90 11.03
CA ASN A 359 7.40 41.40 10.52
C ASN A 359 8.55 40.70 11.23
N SER A 360 9.05 39.61 10.65
CA SER A 360 10.37 39.03 11.00
C SER A 360 10.79 37.91 10.06
N ALA A 361 12.07 37.56 10.12
CA ALA A 361 12.54 36.29 9.58
C ALA A 361 12.01 35.17 10.47
N LEU A 362 12.10 33.94 9.96
CA LEU A 362 11.73 32.79 10.78
C LEU A 362 12.91 32.50 11.69
N ARG A 363 12.62 32.30 12.97
CA ARG A 363 13.59 31.70 13.89
C ARG A 363 12.96 30.57 14.69
N ILE A 364 13.76 29.55 14.99
CA ILE A 364 13.31 28.38 15.76
C ILE A 364 14.39 27.95 16.77
N LYS A 365 14.01 27.84 18.04
CA LYS A 365 14.94 27.44 19.11
C LYS A 365 15.13 25.92 19.17
N ILE A 366 16.33 25.44 18.85
CA ILE A 366 16.72 24.07 19.17
C ILE A 366 17.16 24.06 20.64
N LEU A 367 16.80 23.03 21.41
CA LEU A 367 17.30 22.90 22.79
C LEU A 367 18.05 21.59 22.99
N CYS A 368 17.35 20.50 23.29
CA CYS A 368 17.99 19.32 23.83
C CYS A 368 17.42 18.09 23.17
N ALA A 369 18.28 17.10 22.99
CA ALA A 369 17.87 15.80 22.51
C ALA A 369 18.07 14.82 23.66
N THR A 370 16.97 14.44 24.31
CA THR A 370 17.02 13.62 25.54
C THR A 370 18.13 12.57 25.47
N TYR A 371 18.24 11.87 24.36
CA TYR A 371 19.38 10.98 24.15
C TYR A 371 19.63 10.67 22.69
N VAL A 372 20.85 10.23 22.40
CA VAL A 372 21.21 9.66 21.11
C VAL A 372 22.10 8.46 21.43
N ASN A 373 21.91 7.37 20.68
CA ASN A 373 22.69 6.15 20.87
C ASN A 373 23.91 6.15 19.94
N VAL A 374 25.07 6.59 20.46
CA VAL A 374 26.33 6.67 19.68
C VAL A 374 27.55 6.29 20.55
N ASN A 375 28.57 5.73 19.91
CA ASN A 375 29.86 5.49 20.57
C ASN A 375 30.64 6.78 20.81
N ILE A 376 31.16 6.95 22.02
CA ILE A 376 31.94 8.14 22.39
C ILE A 376 33.29 8.15 21.66
N ARG A 377 33.88 6.97 21.49
CA ARG A 377 35.12 6.78 20.71
C ARG A 377 34.93 7.14 19.24
N ASP A 378 34.14 6.35 18.52
CA ASP A 378 34.21 6.25 17.05
C ASP A 378 33.76 7.51 16.30
N ILE A 379 32.71 8.17 16.80
CA ILE A 379 32.21 9.41 16.19
C ILE A 379 32.91 10.62 16.83
N ASP A 380 33.28 11.60 15.99
CA ASP A 380 33.91 12.83 16.46
C ASP A 380 32.88 13.76 17.12
N LYS A 381 31.96 14.32 16.33
CA LYS A 381 30.96 15.29 16.82
C LYS A 381 29.59 15.24 16.12
N ILE A 382 28.55 15.75 16.80
CA ILE A 382 27.15 15.73 16.32
C ILE A 382 26.41 17.10 16.44
N TYR A 383 25.35 17.26 15.63
CA TYR A 383 24.60 18.51 15.53
C TYR A 383 23.17 18.33 14.95
N VAL A 384 22.23 19.16 15.42
CA VAL A 384 20.87 19.22 14.84
C VAL A 384 20.94 20.03 13.53
N ARG A 385 20.64 19.41 12.40
CA ARG A 385 20.47 20.13 11.12
C ARG A 385 19.00 20.43 10.95
N THR A 386 18.68 21.59 10.39
CA THR A 386 17.30 21.98 10.11
C THR A 386 17.15 22.59 8.72
N GLY A 387 15.91 22.80 8.32
CA GLY A 387 15.56 23.38 7.02
C GLY A 387 14.06 23.45 6.81
N ILE A 388 13.59 24.56 6.25
CA ILE A 388 12.16 24.76 5.95
C ILE A 388 11.94 24.13 4.57
N TYR A 389 10.76 23.51 4.36
CA TYR A 389 10.44 22.79 3.10
C TYR A 389 9.00 22.98 2.57
N HIS A 390 8.87 22.69 1.27
CA HIS A 390 7.60 22.52 0.58
C HIS A 390 7.59 21.11 -0.13
N GLY A 391 8.31 20.12 0.43
CA GLY A 391 8.79 18.92 -0.33
C GLY A 391 10.25 19.09 -0.81
N GLY A 392 10.47 20.05 -1.74
CA GLY A 392 11.80 20.66 -2.04
C GLY A 392 11.92 22.01 -1.30
N GLU A 393 13.14 22.57 -1.22
CA GLU A 393 13.49 23.54 -0.16
C GLU A 393 13.37 25.04 -0.52
N PRO A 394 12.78 25.90 0.39
CA PRO A 394 12.80 27.38 0.20
C PRO A 394 13.79 28.27 1.04
N LEU A 395 14.98 27.74 1.37
CA LEU A 395 16.14 28.52 1.90
C LEU A 395 17.30 27.62 2.32
N CYS A 396 18.49 28.19 2.55
CA CYS A 396 19.67 27.42 2.98
C CYS A 396 19.41 26.61 4.26
N ASP A 397 19.86 25.36 4.29
CA ASP A 397 19.70 24.49 5.47
C ASP A 397 20.50 25.07 6.61
N ASN A 398 19.87 25.22 7.76
CA ASN A 398 20.50 25.83 8.92
C ASN A 398 20.93 24.79 9.94
N VAL A 399 22.17 24.32 9.80
CA VAL A 399 22.81 23.47 10.81
C VAL A 399 22.98 24.28 12.09
N ASN A 400 22.95 23.60 13.22
CA ASN A 400 23.31 24.20 14.48
C ASN A 400 24.72 23.80 14.87
N THR A 401 25.36 24.60 15.70
CA THR A 401 26.75 24.36 16.12
C THR A 401 26.89 23.02 16.83
N GLN A 402 28.12 22.50 16.87
CA GLN A 402 28.43 21.25 17.58
C GLN A 402 28.46 21.53 19.08
N ARG A 403 27.82 20.65 19.86
CA ARG A 403 27.81 20.78 21.32
C ARG A 403 27.67 19.43 22.01
N VAL A 404 28.30 19.31 23.18
CA VAL A 404 28.42 18.08 23.97
C VAL A 404 28.37 16.81 23.07
N PRO A 405 29.31 16.74 22.10
CA PRO A 405 29.26 15.75 21.04
C PRO A 405 29.34 14.32 21.55
N CYS A 406 28.29 13.52 21.28
CA CYS A 406 28.23 12.09 21.60
C CYS A 406 28.08 11.78 23.10
N SER A 407 27.81 12.80 23.92
CA SER A 407 27.71 12.59 25.37
C SER A 407 26.97 13.74 26.02
N ASN A 408 25.68 13.50 26.28
CA ASN A 408 24.79 14.48 26.88
C ASN A 408 24.60 15.76 26.02
N PRO A 409 24.20 15.59 24.74
CA PRO A 409 24.07 16.73 23.83
C PRO A 409 22.79 17.57 24.01
N ARG A 410 22.96 18.78 24.55
CA ARG A 410 21.96 19.83 24.41
C ARG A 410 22.57 21.14 23.90
N TRP A 411 21.73 21.87 23.17
CA TRP A 411 21.97 23.20 22.60
C TRP A 411 21.07 24.11 23.46
N ASN A 412 20.96 25.36 23.06
CA ASN A 412 19.88 26.28 23.49
C ASN A 412 19.87 27.49 22.54
N GLU A 413 19.97 27.21 21.23
CA GLU A 413 20.22 28.25 20.18
C GLU A 413 18.96 28.57 19.39
N TRP A 414 19.00 29.73 18.73
CA TRP A 414 17.93 30.20 17.86
C TRP A 414 18.44 30.22 16.41
N LEU A 415 18.05 29.23 15.60
CA LEU A 415 18.39 29.22 14.17
C LEU A 415 17.57 30.29 13.44
N ASN A 416 18.25 31.08 12.59
CA ASN A 416 17.62 32.20 11.84
C ASN A 416 17.53 31.86 10.36
N TYR A 417 16.31 31.62 9.89
CA TYR A 417 16.04 31.14 8.52
C TYR A 417 15.74 32.32 7.63
N ASP A 418 16.44 32.45 6.49
CA ASP A 418 16.16 33.58 5.59
C ASP A 418 14.90 33.39 4.71
N ILE A 419 13.75 33.56 5.36
CA ILE A 419 12.46 33.72 4.69
C ILE A 419 11.63 34.59 5.64
N TYR A 420 10.97 35.62 5.11
CA TYR A 420 10.20 36.50 5.97
C TYR A 420 8.85 35.83 6.18
N ILE A 421 8.34 35.85 7.41
CA ILE A 421 7.18 35.03 7.81
C ILE A 421 5.99 35.06 6.82
N PRO A 422 5.60 36.25 6.31
CA PRO A 422 4.50 36.27 5.33
C PRO A 422 4.74 35.53 4.01
N ASP A 423 5.98 35.22 3.67
CA ASP A 423 6.26 34.34 2.54
C ASP A 423 5.89 32.86 2.75
N LEU A 424 5.91 32.38 4.00
CA LEU A 424 5.72 30.96 4.29
C LEU A 424 4.46 30.44 3.60
N PRO A 425 4.63 29.46 2.70
CA PRO A 425 3.46 28.94 2.01
C PRO A 425 2.65 28.05 2.93
N ARG A 426 1.38 27.85 2.61
CA ARG A 426 0.43 27.15 3.51
C ARG A 426 0.97 25.80 3.92
N ALA A 427 1.50 25.08 2.93
CA ALA A 427 1.99 23.72 3.13
C ALA A 427 3.46 23.68 3.57
N ALA A 428 3.91 24.66 4.34
CA ALA A 428 5.33 24.77 4.65
C ALA A 428 5.62 23.99 5.89
N ARG A 429 6.79 23.35 5.91
CA ARG A 429 7.15 22.42 6.97
C ARG A 429 8.62 22.57 7.39
N LEU A 430 8.86 22.60 8.70
CA LEU A 430 10.20 22.34 9.24
C LEU A 430 10.57 20.87 9.01
N CYS A 431 11.81 20.64 8.62
CA CYS A 431 12.37 19.30 8.58
C CYS A 431 13.63 19.32 9.36
N LEU A 432 13.94 18.23 10.04
CA LEU A 432 15.15 18.16 10.85
C LEU A 432 15.72 16.76 11.00
N SER A 433 16.96 16.73 11.44
CA SER A 433 17.69 15.50 11.77
C SER A 433 18.79 15.82 12.78
N ILE A 434 19.50 14.78 13.20
CA ILE A 434 20.70 14.88 14.02
C ILE A 434 21.76 14.09 13.25
N CYS A 435 22.97 14.62 13.15
CA CYS A 435 23.97 14.05 12.25
C CYS A 435 25.35 13.78 12.90
N SER A 436 26.28 13.22 12.14
CA SER A 436 27.62 12.86 12.62
C SER A 436 28.71 13.19 11.60
N VAL A 437 29.92 13.44 12.12
CA VAL A 437 31.07 13.84 11.29
C VAL A 437 31.61 12.65 10.47
N CYS A 448 26.72 11.83 8.23
CA CYS A 448 25.73 10.75 8.26
C CYS A 448 24.66 10.99 9.35
N PRO A 449 23.35 10.77 9.03
CA PRO A 449 22.22 11.09 9.93
C PRO A 449 21.87 10.04 10.99
N LEU A 450 21.46 10.51 12.17
CA LEU A 450 21.23 9.67 13.35
C LEU A 450 19.77 9.36 13.61
N ALA A 451 18.94 10.40 13.56
CA ALA A 451 17.49 10.30 13.74
C ALA A 451 16.83 11.58 13.20
N TRP A 452 15.64 11.44 12.61
CA TRP A 452 14.98 12.55 11.91
C TRP A 452 13.53 12.72 12.37
N GLY A 453 12.97 13.87 12.01
CA GLY A 453 11.54 14.17 12.14
C GLY A 453 11.18 15.41 11.35
N ASN A 454 9.92 15.55 10.95
CA ASN A 454 9.44 16.82 10.35
C ASN A 454 8.24 17.37 11.12
N ILE A 455 7.97 18.66 10.97
CA ILE A 455 6.80 19.30 11.59
C ILE A 455 6.12 20.29 10.65
N ASN A 456 4.80 20.17 10.57
CA ASN A 456 4.00 21.14 9.85
C ASN A 456 4.12 22.48 10.56
N LEU A 457 4.55 23.52 9.85
CA LEU A 457 4.61 24.86 10.41
C LEU A 457 3.23 25.41 10.71
N PHE A 458 2.22 24.94 9.97
CA PHE A 458 0.83 25.34 10.21
C PHE A 458 0.07 24.16 10.76
N ASP A 459 -0.75 24.38 11.79
CA ASP A 459 -1.59 23.29 12.29
C ASP A 459 -2.78 23.17 11.36
N TYR A 460 -3.56 22.12 11.55
CA TYR A 460 -4.69 21.88 10.68
C TYR A 460 -5.70 23.04 10.67
N THR A 461 -5.77 23.81 11.77
CA THR A 461 -6.69 24.97 11.84
C THR A 461 -6.17 26.27 11.18
N ASP A 462 -5.24 26.14 10.23
CA ASP A 462 -4.58 27.29 9.57
C ASP A 462 -3.62 28.09 10.46
N THR A 463 -3.46 27.69 11.72
CA THR A 463 -2.79 28.50 12.76
C THR A 463 -1.31 28.20 12.75
N LEU A 464 -0.48 29.24 12.63
CA LEU A 464 0.99 29.11 12.56
C LEU A 464 1.53 28.68 13.90
N VAL A 465 2.23 27.55 13.91
CA VAL A 465 2.60 26.89 15.16
C VAL A 465 3.53 27.76 16.00
N SER A 466 3.19 27.89 17.29
CA SER A 466 3.95 28.68 18.29
C SER A 466 4.11 27.90 19.59
N GLY A 467 5.08 28.33 20.40
CA GLY A 467 5.34 27.71 21.71
C GLY A 467 6.44 26.67 21.63
N LYS A 468 6.42 25.71 22.57
CA LYS A 468 7.40 24.60 22.62
C LYS A 468 6.78 23.29 22.11
N MET A 469 7.57 22.43 21.50
CA MET A 469 7.10 21.13 20.98
C MET A 469 8.07 20.00 21.35
N ALA A 470 7.57 18.76 21.35
CA ALA A 470 8.32 17.60 21.79
C ALA A 470 8.36 16.55 20.68
N LEU A 471 9.30 16.72 19.77
CA LEU A 471 9.36 15.93 18.54
C LEU A 471 10.20 14.67 18.72
N ASN A 472 9.55 13.56 19.09
CA ASN A 472 10.21 12.23 19.08
C ASN A 472 10.60 11.82 17.65
N LEU A 473 11.80 11.29 17.46
CA LEU A 473 12.33 11.07 16.12
C LEU A 473 12.20 9.64 15.58
N TRP A 474 12.31 9.55 14.27
CA TRP A 474 12.17 8.32 13.54
C TRP A 474 13.56 7.80 13.20
N PRO A 475 13.76 6.47 13.24
CA PRO A 475 15.04 5.94 12.75
C PRO A 475 15.18 6.18 11.26
N VAL A 476 16.41 6.38 10.77
CA VAL A 476 16.60 6.62 9.34
C VAL A 476 16.29 5.34 8.60
N PRO A 477 15.72 5.47 7.39
CA PRO A 477 15.57 4.29 6.52
C PRO A 477 16.90 3.62 6.20
N HIS A 478 16.82 2.44 5.60
CA HIS A 478 18.01 1.64 5.36
C HIS A 478 18.98 2.31 4.38
N GLY A 479 18.63 2.34 3.10
CA GLY A 479 19.49 2.91 2.06
C GLY A 479 19.65 4.43 2.06
N LEU A 480 18.87 5.14 2.88
CA LEU A 480 18.86 6.61 2.89
C LEU A 480 20.11 7.21 3.54
N GLU A 481 20.99 7.74 2.71
CA GLU A 481 22.19 8.46 3.13
C GLU A 481 21.99 9.98 3.25
N ASP A 482 20.87 10.50 2.73
CA ASP A 482 20.55 11.95 2.81
C ASP A 482 20.32 12.38 4.25
N LEU A 483 20.90 13.52 4.63
CA LEU A 483 20.93 13.99 6.03
C LEU A 483 19.58 14.31 6.64
N LEU A 484 18.68 14.89 5.85
CA LEU A 484 17.50 15.54 6.40
C LEU A 484 16.16 14.80 6.22
N ASN A 485 15.93 14.19 5.04
CA ASN A 485 14.69 13.42 4.78
C ASN A 485 13.36 14.20 5.00
N PRO A 486 12.98 15.02 4.01
CA PRO A 486 11.71 15.74 4.01
C PRO A 486 10.57 15.00 3.28
N ILE A 487 10.82 13.81 2.74
CA ILE A 487 9.77 12.97 2.14
C ILE A 487 9.19 11.98 3.18
N GLY A 488 9.82 11.90 4.34
CA GLY A 488 9.28 11.13 5.46
C GLY A 488 8.03 11.71 6.08
N VAL A 489 7.37 10.91 6.91
CA VAL A 489 6.14 11.33 7.57
C VAL A 489 6.33 12.55 8.46
N THR A 490 5.44 13.50 8.27
CA THR A 490 5.37 14.69 9.11
C THR A 490 4.71 14.26 10.43
N GLY A 491 5.28 14.68 11.55
CA GLY A 491 4.78 14.32 12.89
C GLY A 491 5.85 13.63 13.72
N SER A 492 5.58 13.54 15.03
CA SER A 492 6.47 12.85 15.96
C SER A 492 6.19 11.34 16.00
N ASN A 493 7.25 10.55 16.05
CA ASN A 493 7.19 9.10 16.29
C ASN A 493 6.39 8.80 17.56
N PRO A 494 5.33 7.98 17.46
CA PRO A 494 4.48 7.74 18.64
C PRO A 494 5.05 6.71 19.64
N ASN A 495 6.28 6.25 19.41
CA ASN A 495 7.08 5.58 20.43
C ASN A 495 7.86 6.60 21.21
N LYS A 496 7.45 6.84 22.46
CA LYS A 496 8.11 7.80 23.35
C LYS A 496 9.57 7.43 23.69
N GLU A 497 9.91 6.14 23.62
CA GLU A 497 11.28 5.68 23.84
C GLU A 497 12.08 5.84 22.56
N THR A 498 12.17 7.08 22.08
CA THR A 498 13.04 7.46 20.95
C THR A 498 13.72 8.79 21.27
N PRO A 499 14.74 9.15 20.47
CA PRO A 499 15.28 10.48 20.48
C PRO A 499 14.17 11.53 20.46
N CYS A 500 13.82 12.01 21.66
CA CYS A 500 13.03 13.22 21.80
C CYS A 500 13.92 14.39 21.39
N LEU A 501 13.31 15.52 21.04
CA LEU A 501 14.05 16.69 20.56
C LEU A 501 13.20 17.91 20.88
N GLU A 502 13.43 18.52 22.03
CA GLU A 502 12.61 19.67 22.46
C GLU A 502 12.97 20.89 21.60
N LEU A 503 11.95 21.66 21.21
CA LEU A 503 12.15 22.89 20.42
C LEU A 503 11.04 23.94 20.57
N GLU A 504 11.42 25.22 20.44
CA GLU A 504 10.51 26.38 20.60
C GLU A 504 10.34 27.16 19.30
N PHE A 505 9.09 27.57 19.08
CA PHE A 505 8.66 28.32 17.92
C PHE A 505 8.28 29.72 18.36
N ASP A 506 8.88 30.72 17.71
CA ASP A 506 8.65 32.15 17.99
C ASP A 506 7.14 32.46 18.18
N TRP A 507 6.86 33.31 19.17
CA TRP A 507 5.49 33.69 19.54
C TRP A 507 5.33 35.20 19.31
N PHE A 508 4.31 35.58 18.56
CA PHE A 508 4.12 36.99 18.21
C PHE A 508 2.91 37.51 18.94
N SER A 509 3.10 37.71 20.25
CA SER A 509 2.12 38.31 21.17
C SER A 509 0.65 38.22 20.70
N SER A 510 0.28 37.04 20.22
CA SER A 510 -1.02 36.74 19.59
C SER A 510 -0.92 35.43 18.81
N VAL A 511 -2.08 34.79 18.65
CA VAL A 511 -2.19 33.57 17.84
C VAL A 511 -2.33 34.00 16.38
N VAL A 512 -1.44 33.46 15.54
CA VAL A 512 -1.31 33.85 14.12
C VAL A 512 -2.12 32.90 13.21
N LYS A 513 -2.71 33.41 12.13
CA LYS A 513 -3.41 32.56 11.15
C LYS A 513 -3.05 32.84 9.69
N PHE A 514 -3.09 31.78 8.88
CA PHE A 514 -2.88 31.91 7.47
C PHE A 514 -4.00 32.81 6.93
N PRO A 515 -3.65 33.78 6.08
CA PRO A 515 -4.64 34.72 5.53
C PRO A 515 -5.79 34.06 4.79
N ASP A 516 -7.01 34.54 5.06
CA ASP A 516 -8.26 34.09 4.39
C ASP A 516 -8.15 34.25 2.85
N MET A 517 -8.96 33.49 2.09
CA MET A 517 -8.82 33.48 0.62
C MET A 517 -9.12 34.86 0.04
N SER A 518 -10.11 35.54 0.61
CA SER A 518 -10.37 36.96 0.35
C SER A 518 -9.06 37.76 0.30
N VAL A 519 -8.30 37.73 1.39
CA VAL A 519 -7.06 38.50 1.53
C VAL A 519 -6.01 38.16 0.46
N ILE A 520 -5.96 36.91 0.02
CA ILE A 520 -4.93 36.47 -0.92
C ILE A 520 -5.26 36.94 -2.33
N GLU A 521 -6.54 36.85 -2.70
CA GLU A 521 -7.02 37.33 -4.00
C GLU A 521 -6.77 38.81 -4.19
N GLU A 522 -7.16 39.61 -3.20
CA GLU A 522 -6.79 41.04 -3.14
C GLU A 522 -5.34 41.21 -3.56
N HIS A 523 -4.44 40.60 -2.79
CA HIS A 523 -2.99 40.77 -3.01
C HIS A 523 -2.51 40.25 -4.35
N ALA A 524 -3.23 39.28 -4.91
CA ALA A 524 -2.97 38.82 -6.26
C ALA A 524 -3.16 39.95 -7.27
N ASN A 525 -4.37 40.53 -7.25
CA ASN A 525 -4.74 41.61 -8.17
C ASN A 525 -3.82 42.82 -8.07
N TRP A 526 -3.42 43.17 -6.85
CA TRP A 526 -2.44 44.24 -6.64
C TRP A 526 -1.13 43.93 -7.38
N SER A 527 -0.59 42.74 -7.18
CA SER A 527 0.66 42.35 -7.86
C SER A 527 0.47 42.25 -9.39
N VAL A 528 -0.74 41.85 -9.82
CA VAL A 528 -1.16 41.83 -11.23
C VAL A 528 -1.15 43.24 -11.84
N SER A 529 -1.79 44.20 -11.18
CA SER A 529 -1.80 45.60 -11.66
C SER A 529 -0.44 46.28 -11.53
N ARG A 530 0.24 46.05 -10.42
CA ARG A 530 1.63 46.49 -10.21
C ARG A 530 2.63 45.91 -11.25
N GLU A 531 2.35 44.71 -11.79
CA GLU A 531 3.09 44.18 -12.96
C GLU A 531 3.00 45.18 -14.13
N ALA A 532 1.76 45.42 -14.55
CA ALA A 532 1.43 46.19 -15.77
C ALA A 532 2.25 47.47 -16.08
N GLY A 533 2.69 48.20 -15.06
CA GLY A 533 3.35 49.51 -15.24
C GLY A 533 4.81 49.62 -14.81
N PHE A 534 5.53 48.51 -14.88
CA PHE A 534 6.95 48.48 -14.48
C PHE A 534 7.86 49.01 -15.59
N SER A 535 9.13 49.23 -15.24
CA SER A 535 10.15 49.79 -16.15
C SER A 535 10.23 49.12 -17.53
N TYR A 536 10.55 49.93 -18.54
CA TYR A 536 11.00 49.45 -19.85
C TYR A 536 12.02 48.30 -19.78
N SER A 537 12.97 48.42 -18.87
CA SER A 537 14.03 47.44 -18.65
C SER A 537 13.82 46.71 -17.33
N HIS A 538 14.12 45.41 -17.29
CA HIS A 538 14.09 44.61 -16.05
C HIS A 538 15.04 43.38 -16.07
N ALA A 539 16.34 43.66 -15.82
CA ALA A 539 17.43 42.68 -15.93
C ALA A 539 17.38 41.90 -17.25
N GLY A 540 17.02 42.62 -18.31
CA GLY A 540 16.50 42.03 -19.55
C GLY A 540 15.02 41.73 -19.41
N LEU A 541 14.67 40.45 -19.58
CA LEU A 541 13.30 39.93 -19.36
C LEU A 541 13.17 39.38 -17.92
N SER A 542 14.18 38.64 -17.47
CA SER A 542 14.29 38.12 -16.10
C SER A 542 13.16 37.12 -15.76
N ASN A 543 12.28 37.44 -14.81
CA ASN A 543 11.08 36.62 -14.54
C ASN A 543 9.79 37.25 -15.07
N ARG A 544 9.91 38.12 -16.09
CA ARG A 544 8.74 38.76 -16.69
C ARG A 544 9.09 39.43 -18.03
N ASN A 549 2.25 42.09 -23.12
CA ASN A 549 1.44 41.02 -23.70
C ASN A 549 2.10 40.44 -24.96
N GLU A 550 3.41 40.23 -24.86
CA GLU A 550 4.21 39.75 -25.98
C GLU A 550 3.93 38.26 -26.25
N LEU A 551 3.30 37.98 -27.40
CA LEU A 551 2.83 36.64 -27.76
C LEU A 551 3.73 35.98 -28.82
N ARG A 552 5.02 35.87 -28.49
CA ARG A 552 6.03 35.30 -29.40
C ARG A 552 5.59 33.92 -29.93
N GLU A 553 5.86 33.69 -31.22
CA GLU A 553 5.37 32.48 -31.93
C GLU A 553 6.34 31.29 -31.95
N ASN A 554 7.63 31.55 -31.76
CA ASN A 554 8.61 30.50 -31.42
C ASN A 554 8.46 30.06 -29.96
N ASP A 555 8.20 31.04 -29.09
CA ASP A 555 7.93 30.82 -27.67
C ASP A 555 6.64 30.03 -27.42
N LYS A 556 5.57 30.40 -28.14
CA LYS A 556 4.29 29.69 -28.11
C LYS A 556 4.35 28.19 -28.52
N GLU A 557 5.43 27.78 -29.19
CA GLU A 557 5.72 26.36 -29.45
C GLU A 557 6.63 25.74 -28.38
N GLN A 558 7.58 26.52 -27.85
CA GLN A 558 8.45 26.07 -26.75
C GLN A 558 7.68 25.69 -25.48
N LEU A 559 6.50 26.28 -25.28
CA LEU A 559 5.58 25.87 -24.20
C LEU A 559 5.02 24.48 -24.43
N LYS A 560 4.49 24.24 -25.63
CA LYS A 560 3.88 22.94 -25.98
C LYS A 560 4.92 21.81 -25.99
N ALA A 561 6.14 22.15 -26.37
CA ALA A 561 7.28 21.22 -26.29
C ALA A 561 7.52 20.77 -24.87
N ILE A 562 7.59 21.75 -23.98
CA ILE A 562 7.78 21.53 -22.55
C ILE A 562 6.53 20.91 -21.91
N SER A 563 5.34 21.28 -22.40
CA SER A 563 4.06 20.73 -21.91
C SER A 563 4.03 19.22 -21.91
N THR A 564 4.45 18.66 -23.05
CA THR A 564 4.39 17.23 -23.32
C THR A 564 5.53 16.40 -22.71
N ARG A 565 6.57 17.07 -22.18
CA ARG A 565 7.69 16.37 -21.50
C ARG A 565 7.23 15.50 -20.31
N ASP A 566 8.01 14.47 -20.02
CA ASP A 566 7.67 13.53 -18.94
C ASP A 566 7.95 14.15 -17.58
N PRO A 567 7.08 13.89 -16.60
CA PRO A 567 7.22 14.50 -15.27
C PRO A 567 8.63 14.56 -14.70
N LEU A 568 9.42 13.50 -14.87
CA LEU A 568 10.77 13.45 -14.32
C LEU A 568 11.86 14.22 -15.09
N SER A 569 11.53 14.77 -16.27
CA SER A 569 12.44 15.63 -17.03
C SER A 569 12.62 16.95 -16.31
N GLU A 570 13.72 17.07 -15.58
CA GLU A 570 13.94 18.23 -14.71
C GLU A 570 14.03 19.49 -15.56
N ILE A 571 13.50 20.59 -15.03
CA ILE A 571 13.37 21.83 -15.79
C ILE A 571 14.50 22.81 -15.39
N THR A 572 15.01 23.55 -16.39
CA THR A 572 16.07 24.53 -16.16
C THR A 572 15.47 25.83 -15.66
N GLU A 573 16.23 26.55 -14.84
CA GLU A 573 15.71 27.75 -14.19
C GLU A 573 15.35 28.84 -15.20
N GLN A 574 16.04 28.86 -16.35
CA GLN A 574 15.63 29.67 -17.52
C GLN A 574 14.21 29.30 -17.99
N GLU A 575 13.98 28.00 -18.16
CA GLU A 575 12.66 27.47 -18.53
C GLU A 575 11.59 27.73 -17.46
N LYS A 576 11.98 27.74 -16.19
CA LYS A 576 11.06 28.10 -15.12
C LYS A 576 10.58 29.53 -15.28
N ASP A 577 11.54 30.46 -15.35
CA ASP A 577 11.26 31.89 -15.53
C ASP A 577 10.47 32.16 -16.80
N PHE A 578 10.85 31.47 -17.87
CA PHE A 578 10.11 31.49 -19.14
C PHE A 578 8.63 31.10 -18.92
N LEU A 579 8.42 29.94 -18.31
CA LEU A 579 7.06 29.41 -18.06
C LEU A 579 6.24 30.34 -17.16
N TRP A 580 6.91 30.75 -16.09
CA TRP A 580 6.34 31.61 -15.06
C TRP A 580 5.86 32.95 -15.66
N SER A 581 6.61 33.48 -16.63
CA SER A 581 6.25 34.74 -17.29
C SER A 581 4.97 34.67 -18.15
N HIS A 582 4.84 33.65 -18.99
CA HIS A 582 3.63 33.47 -19.79
C HIS A 582 2.57 32.61 -19.07
N ARG A 583 2.64 32.55 -17.72
CA ARG A 583 1.62 31.91 -16.89
C ARG A 583 0.16 32.14 -17.34
N HIS A 584 -0.16 33.38 -17.72
CA HIS A 584 -1.53 33.72 -18.07
C HIS A 584 -1.89 33.13 -19.43
N TYR A 585 -0.89 32.95 -20.29
CA TYR A 585 -1.09 32.19 -21.53
C TYR A 585 -1.26 30.68 -21.26
N CYS A 586 -0.46 30.11 -20.34
CA CYS A 586 -0.53 28.66 -20.04
C CYS A 586 -1.93 28.08 -19.80
N VAL A 587 -2.87 28.90 -19.30
CA VAL A 587 -4.28 28.49 -19.08
C VAL A 587 -5.03 27.96 -20.34
N THR A 588 -4.56 28.33 -21.54
CA THR A 588 -5.09 27.77 -22.79
C THR A 588 -4.57 26.36 -23.09
N ILE A 589 -3.39 26.01 -22.57
CA ILE A 589 -2.86 24.64 -22.61
C ILE A 589 -2.96 24.03 -21.19
N PRO A 590 -4.19 23.77 -20.69
CA PRO A 590 -4.34 23.38 -19.29
C PRO A 590 -3.37 22.28 -18.79
N GLU A 591 -2.98 21.39 -19.71
CA GLU A 591 -2.11 20.27 -19.44
C GLU A 591 -0.68 20.67 -19.04
N ILE A 592 -0.27 21.90 -19.35
CA ILE A 592 1.05 22.39 -18.94
C ILE A 592 1.22 22.59 -17.40
N LEU A 593 0.09 22.75 -16.71
CA LEU A 593 0.02 23.13 -15.29
C LEU A 593 1.02 22.45 -14.33
N PRO A 594 1.19 21.12 -14.39
CA PRO A 594 2.24 20.46 -13.57
C PRO A 594 3.62 21.08 -13.72
N LYS A 595 3.99 21.42 -14.95
CA LYS A 595 5.30 22.01 -15.27
C LYS A 595 5.34 23.47 -14.79
N LEU A 596 4.21 24.17 -14.91
CA LEU A 596 4.06 25.54 -14.42
C LEU A 596 4.22 25.63 -12.92
N LEU A 597 3.42 24.84 -12.20
CA LEU A 597 3.43 24.87 -10.74
C LEU A 597 4.83 24.65 -10.16
N LEU A 598 5.65 23.81 -10.79
CA LEU A 598 7.00 23.52 -10.28
C LEU A 598 7.90 24.75 -10.36
N SER A 599 7.71 25.53 -11.42
CA SER A 599 8.52 26.71 -11.70
C SER A 599 8.24 27.87 -10.73
N VAL A 600 6.96 28.04 -10.33
CA VAL A 600 6.53 29.03 -9.31
C VAL A 600 7.43 28.98 -8.08
N LYS A 601 7.78 30.16 -7.57
CA LYS A 601 8.53 30.25 -6.32
C LYS A 601 7.54 30.40 -5.15
N TRP A 602 7.61 29.44 -4.24
CA TRP A 602 6.65 29.31 -3.14
C TRP A 602 7.05 30.17 -1.94
N ASN A 603 8.35 30.41 -1.84
CA ASN A 603 8.88 31.42 -0.92
C ASN A 603 8.69 32.87 -1.39
N SER A 604 7.99 33.07 -2.51
CA SER A 604 7.44 34.38 -2.86
C SER A 604 5.93 34.38 -2.67
N ARG A 605 5.52 34.94 -1.54
CA ARG A 605 4.12 35.26 -1.21
C ARG A 605 3.31 35.82 -2.38
N ASP A 606 3.95 36.68 -3.19
CA ASP A 606 3.33 37.34 -4.33
C ASP A 606 3.02 36.35 -5.45
N GLU A 607 4.05 35.59 -5.84
CA GLU A 607 3.97 34.62 -6.96
C GLU A 607 2.86 33.60 -6.67
N VAL A 608 2.90 33.04 -5.47
CA VAL A 608 1.92 32.02 -5.02
C VAL A 608 0.47 32.52 -5.07
N ALA A 609 0.28 33.78 -4.65
CA ALA A 609 -1.06 34.36 -4.54
C ALA A 609 -1.75 34.48 -5.89
N GLN A 610 -0.97 34.77 -6.92
CA GLN A 610 -1.49 34.82 -8.27
C GLN A 610 -1.79 33.39 -8.77
N MET A 611 -0.83 32.48 -8.55
CA MET A 611 -1.01 31.06 -8.91
C MET A 611 -2.31 30.49 -8.33
N TYR A 612 -2.52 30.66 -7.03
CA TYR A 612 -3.80 30.28 -6.36
C TYR A 612 -5.03 30.71 -7.16
N CYS A 613 -4.98 31.95 -7.68
CA CYS A 613 -6.07 32.56 -8.45
C CYS A 613 -6.24 32.01 -9.85
N LEU A 614 -5.13 31.60 -10.48
CA LEU A 614 -5.19 30.89 -11.76
C LEU A 614 -5.89 29.53 -11.55
N VAL A 615 -5.38 28.81 -10.56
CA VAL A 615 -5.87 27.49 -10.17
C VAL A 615 -7.34 27.51 -9.74
N LYS A 616 -7.78 28.62 -9.16
CA LYS A 616 -9.18 28.81 -8.77
C LYS A 616 -10.13 28.59 -9.94
N ASP A 617 -9.85 29.26 -11.07
CA ASP A 617 -10.64 29.12 -12.30
C ASP A 617 -9.79 28.65 -13.49
N TRP A 618 -8.89 27.70 -13.20
CA TRP A 618 -8.21 26.92 -14.21
C TRP A 618 -9.20 25.85 -14.66
N PRO A 619 -9.15 25.42 -15.94
CA PRO A 619 -10.11 24.41 -16.41
C PRO A 619 -9.65 22.95 -16.17
N PRO A 620 -10.62 22.03 -15.92
CA PRO A 620 -10.22 20.67 -15.54
C PRO A 620 -9.46 19.90 -16.61
N ILE A 621 -8.74 18.86 -16.18
CA ILE A 621 -7.84 18.08 -17.02
C ILE A 621 -8.04 16.58 -16.78
N LYS A 622 -7.30 15.77 -17.55
CA LYS A 622 -7.44 14.31 -17.52
C LYS A 622 -6.96 13.77 -16.17
N PRO A 623 -7.76 12.89 -15.52
CA PRO A 623 -7.39 12.25 -14.25
C PRO A 623 -5.97 11.67 -14.17
N GLU A 624 -5.38 11.30 -15.32
CA GLU A 624 -4.00 10.81 -15.36
C GLU A 624 -2.99 11.91 -15.06
N GLN A 625 -3.36 13.17 -15.31
CA GLN A 625 -2.52 14.33 -14.98
C GLN A 625 -2.82 14.79 -13.58
N ALA A 626 -4.12 14.92 -13.28
CA ALA A 626 -4.58 15.26 -11.91
C ALA A 626 -3.93 14.41 -10.82
N MET A 627 -3.75 13.12 -11.12
CA MET A 627 -3.03 12.21 -10.24
C MET A 627 -1.61 12.65 -9.97
N GLU A 628 -0.92 13.11 -11.00
CA GLU A 628 0.43 13.66 -10.84
C GLU A 628 0.43 14.67 -9.66
N LEU A 629 -0.56 15.57 -9.68
CA LEU A 629 -0.68 16.65 -8.68
C LEU A 629 -1.07 16.20 -7.27
N LEU A 630 -1.28 14.91 -7.05
CA LEU A 630 -1.33 14.37 -5.72
C LEU A 630 -0.08 13.57 -5.36
N ASP A 631 1.07 13.79 -6.01
CA ASP A 631 2.33 13.15 -5.54
C ASP A 631 3.06 14.10 -4.61
N CYS A 632 4.24 13.69 -4.13
CA CYS A 632 5.00 14.50 -3.17
C CYS A 632 5.57 15.82 -3.71
N ASN A 633 5.66 15.99 -5.03
CA ASN A 633 6.05 17.29 -5.60
C ASN A 633 5.03 18.39 -5.39
N TYR A 634 3.79 18.02 -5.06
CA TYR A 634 2.68 18.96 -4.98
C TYR A 634 1.92 18.85 -3.61
N PRO A 635 2.46 19.52 -2.55
CA PRO A 635 1.85 19.52 -1.21
C PRO A 635 0.74 20.55 -0.98
N ASP A 636 0.65 21.57 -1.85
CA ASP A 636 -0.21 22.72 -1.62
C ASP A 636 -1.69 22.34 -1.66
N PRO A 637 -2.47 22.78 -0.66
CA PRO A 637 -3.91 22.49 -0.57
C PRO A 637 -4.72 22.92 -1.75
N MET A 638 -4.33 24.02 -2.38
CA MET A 638 -5.06 24.57 -3.52
C MET A 638 -4.82 23.74 -4.74
N VAL A 639 -3.56 23.44 -4.99
CA VAL A 639 -3.18 22.57 -6.10
C VAL A 639 -3.88 21.22 -5.95
N ARG A 640 -3.77 20.64 -4.75
CA ARG A 640 -4.29 19.31 -4.49
C ARG A 640 -5.79 19.22 -4.50
N GLY A 641 -6.44 20.31 -4.09
CA GLY A 641 -7.91 20.41 -4.11
C GLY A 641 -8.48 20.39 -5.51
N PHE A 642 -7.82 21.12 -6.42
CA PHE A 642 -8.03 21.04 -7.87
C PHE A 642 -8.01 19.58 -8.36
N ALA A 643 -6.92 18.89 -8.05
CA ALA A 643 -6.76 17.50 -8.47
C ALA A 643 -7.94 16.66 -8.04
N VAL A 644 -8.43 16.87 -6.81
CA VAL A 644 -9.59 16.12 -6.34
C VAL A 644 -10.81 16.44 -7.20
N ARG A 645 -10.92 17.69 -7.65
CA ARG A 645 -12.04 18.12 -8.49
C ARG A 645 -11.97 17.56 -9.91
N CYS A 646 -10.78 17.44 -10.50
CA CYS A 646 -10.64 16.70 -11.76
C CYS A 646 -11.19 15.29 -11.62
N LEU A 647 -10.71 14.57 -10.61
CA LEU A 647 -11.19 13.22 -10.31
C LEU A 647 -12.68 13.17 -10.03
N GLU A 648 -13.21 14.20 -9.38
CA GLU A 648 -14.61 14.20 -8.98
C GLU A 648 -15.52 14.27 -10.20
N LYS A 649 -15.03 14.91 -11.27
CA LYS A 649 -15.77 14.99 -12.52
C LYS A 649 -15.46 13.82 -13.47
N TYR A 650 -14.17 13.63 -13.79
CA TYR A 650 -13.74 12.80 -14.93
C TYR A 650 -13.32 11.36 -14.61
N LEU A 651 -12.87 11.06 -13.38
CA LEU A 651 -12.50 9.68 -13.00
C LEU A 651 -13.75 8.79 -12.80
N THR A 652 -13.83 7.70 -13.57
CA THR A 652 -14.94 6.74 -13.47
C THR A 652 -14.64 5.81 -12.29
N ASP A 653 -15.66 5.15 -11.76
CA ASP A 653 -15.46 4.15 -10.70
C ASP A 653 -14.64 2.93 -11.17
N ASP A 654 -14.58 2.69 -12.49
CA ASP A 654 -13.66 1.69 -13.06
C ASP A 654 -12.20 2.13 -12.90
N LYS A 655 -11.91 3.33 -13.40
CA LYS A 655 -10.56 3.89 -13.37
C LYS A 655 -10.11 4.22 -11.95
N LEU A 656 -11.07 4.51 -11.06
CA LEU A 656 -10.78 4.62 -9.62
C LEU A 656 -10.30 3.27 -9.07
N SER A 657 -11.07 2.21 -9.24
CA SER A 657 -10.65 0.91 -8.71
C SER A 657 -9.38 0.37 -9.38
N GLN A 658 -9.04 0.90 -10.56
CA GLN A 658 -7.78 0.57 -11.26
C GLN A 658 -6.58 1.21 -10.55
N TYR A 659 -6.71 2.51 -10.31
CA TYR A 659 -5.70 3.30 -9.62
C TYR A 659 -5.99 3.48 -8.09
N LEU A 660 -6.70 2.54 -7.46
CA LEU A 660 -7.06 2.70 -6.04
C LEU A 660 -5.84 2.59 -5.17
N ILE A 661 -4.90 1.74 -5.55
CA ILE A 661 -3.66 1.57 -4.79
C ILE A 661 -2.94 2.91 -4.61
N GLN A 662 -2.71 3.63 -5.70
CA GLN A 662 -1.94 4.88 -5.66
C GLN A 662 -2.64 5.97 -4.86
N LEU A 663 -3.97 5.95 -4.86
CA LEU A 663 -4.74 6.98 -4.16
C LEU A 663 -4.70 6.77 -2.67
N VAL A 664 -4.71 5.51 -2.24
CA VAL A 664 -4.54 5.13 -0.82
C VAL A 664 -3.14 5.51 -0.29
N GLN A 665 -2.11 5.28 -1.11
CA GLN A 665 -0.76 5.72 -0.78
C GLN A 665 -0.62 7.22 -0.65
N VAL A 666 -1.40 7.95 -1.42
CA VAL A 666 -1.28 9.38 -1.51
C VAL A 666 -1.94 10.07 -0.32
N LEU A 667 -2.76 9.34 0.44
CA LEU A 667 -3.33 9.86 1.67
C LEU A 667 -2.23 10.26 2.63
N LYS A 668 -1.13 9.51 2.61
CA LYS A 668 0.02 9.74 3.46
C LYS A 668 0.64 11.12 3.22
N TYR A 669 0.87 11.45 1.97
CA TYR A 669 1.33 12.79 1.58
C TYR A 669 0.44 13.98 2.02
N GLU A 670 -0.82 13.75 2.37
CA GLU A 670 -1.64 14.85 2.90
C GLU A 670 -1.11 15.33 4.23
N GLN A 671 -1.23 16.63 4.49
CA GLN A 671 -0.73 17.23 5.74
C GLN A 671 -1.59 16.85 6.94
N TYR A 672 -2.90 16.96 6.78
CA TYR A 672 -3.83 16.81 7.88
C TYR A 672 -4.87 15.71 7.62
N LEU A 673 -5.45 15.20 8.71
CA LEU A 673 -6.35 14.03 8.68
C LEU A 673 -7.57 14.26 7.83
N ASP A 674 -8.27 15.35 8.15
CA ASP A 674 -9.44 15.77 7.40
C ASP A 674 -8.94 16.60 6.23
N ASN A 675 -9.35 16.19 5.03
CA ASN A 675 -8.90 16.79 3.78
C ASN A 675 -9.73 16.24 2.61
N LEU A 676 -9.59 16.89 1.47
CA LEU A 676 -10.45 16.69 0.31
C LEU A 676 -10.36 15.30 -0.29
N LEU A 677 -9.14 14.85 -0.47
CA LEU A 677 -8.89 13.52 -0.97
C LEU A 677 -9.40 12.36 -0.08
N VAL A 678 -9.40 12.48 1.25
CA VAL A 678 -9.92 11.39 2.08
C VAL A 678 -11.45 11.35 1.99
N ARG A 679 -12.04 12.55 1.96
CA ARG A 679 -13.48 12.69 1.83
C ARG A 679 -13.94 12.10 0.51
N PHE A 680 -13.21 12.43 -0.56
CA PHE A 680 -13.47 11.88 -1.89
C PHE A 680 -13.50 10.35 -1.90
N LEU A 681 -12.39 9.74 -1.49
CA LEU A 681 -12.26 8.30 -1.46
C LEU A 681 -13.26 7.61 -0.53
N LEU A 682 -13.52 8.20 0.63
CA LEU A 682 -14.41 7.59 1.62
C LEU A 682 -15.82 7.57 1.07
N LYS A 683 -16.15 8.63 0.32
CA LYS A 683 -17.44 8.71 -0.33
C LYS A 683 -17.51 7.61 -1.38
N LYS A 684 -16.55 7.59 -2.30
CA LYS A 684 -16.53 6.58 -3.36
C LYS A 684 -16.54 5.16 -2.82
N ALA A 685 -15.77 4.86 -1.77
CA ALA A 685 -15.84 3.55 -1.12
C ALA A 685 -17.22 3.26 -0.52
N LEU A 686 -17.89 4.28 0.01
CA LEU A 686 -19.27 4.10 0.53
C LEU A 686 -20.44 4.13 -0.55
N THR A 687 -20.21 4.77 -1.70
CA THR A 687 -20.95 4.55 -2.94
C THR A 687 -20.94 3.07 -3.44
N ASN A 688 -19.79 2.42 -3.38
CA ASN A 688 -19.48 1.31 -4.28
C ASN A 688 -18.70 0.20 -3.58
N GLN A 689 -19.36 -0.91 -3.31
CA GLN A 689 -18.80 -1.90 -2.41
C GLN A 689 -17.54 -2.60 -2.96
N ARG A 690 -17.38 -2.63 -4.29
CA ARG A 690 -16.20 -3.23 -4.89
C ARG A 690 -14.99 -2.31 -4.72
N ILE A 691 -15.20 -0.99 -4.71
CA ILE A 691 -14.13 -0.09 -4.29
C ILE A 691 -13.95 -0.33 -2.80
N GLY A 692 -14.98 0.00 -2.04
CA GLY A 692 -14.98 -0.18 -0.61
C GLY A 692 -14.21 -1.40 -0.13
N HIS A 693 -14.35 -2.52 -0.83
CA HIS A 693 -13.68 -3.76 -0.44
C HIS A 693 -12.15 -3.62 -0.43
N PHE A 694 -11.61 -3.19 -1.56
CA PHE A 694 -10.17 -3.06 -1.68
C PHE A 694 -9.63 -1.87 -0.96
N PHE A 695 -10.44 -0.84 -0.83
CA PHE A 695 -10.09 0.32 -0.02
C PHE A 695 -9.93 -0.10 1.45
N PHE A 696 -10.73 -1.06 1.91
CA PHE A 696 -10.58 -1.55 3.28
C PHE A 696 -9.36 -2.37 3.40
N TRP A 697 -9.15 -3.31 2.49
CA TRP A 697 -7.93 -4.14 2.57
C TRP A 697 -6.62 -3.32 2.43
N HIS A 698 -6.61 -2.39 1.50
CA HIS A 698 -5.41 -1.63 1.26
C HIS A 698 -4.99 -0.85 2.50
N LEU A 699 -5.94 -0.24 3.19
CA LEU A 699 -5.68 0.42 4.47
C LEU A 699 -5.27 -0.61 5.54
N LYS A 700 -6.06 -1.65 5.66
CA LYS A 700 -5.82 -2.69 6.62
C LYS A 700 -4.44 -3.31 6.41
N SER A 701 -3.99 -3.46 5.17
CA SER A 701 -2.72 -4.17 4.96
C SER A 701 -1.58 -3.41 5.65
N GLU A 702 -1.64 -2.09 5.59
CA GLU A 702 -0.62 -1.22 6.22
C GLU A 702 -1.00 -0.76 7.63
N MET A 703 -1.78 -1.54 8.34
CA MET A 703 -2.27 -1.10 9.63
C MET A 703 -1.22 -1.34 10.70
N HIS A 704 -0.37 -2.35 10.52
CA HIS A 704 0.79 -2.64 11.40
C HIS A 704 1.84 -1.55 11.45
N ASN A 705 1.90 -0.74 10.41
CA ASN A 705 2.91 0.29 10.24
C ASN A 705 2.62 1.61 11.00
N LYS A 706 3.15 1.73 12.21
CA LYS A 706 2.80 2.82 13.17
C LYS A 706 2.84 4.26 12.63
N THR A 707 3.53 4.50 11.51
CA THR A 707 3.48 5.82 10.88
C THR A 707 2.12 6.17 10.26
N VAL A 708 1.43 5.16 9.69
CA VAL A 708 0.04 5.35 9.16
C VAL A 708 -1.09 4.81 10.05
N SER A 709 -0.79 3.84 10.91
CA SER A 709 -1.69 3.40 12.01
C SER A 709 -2.84 4.32 12.44
N GLN A 710 -2.56 5.59 12.71
CA GLN A 710 -3.62 6.43 13.24
C GLN A 710 -4.47 6.93 12.13
N ARG A 711 -3.82 7.57 11.15
CA ARG A 711 -4.50 8.16 10.01
C ARG A 711 -5.48 7.15 9.39
N PHE A 712 -4.96 5.95 9.13
CA PHE A 712 -5.68 4.84 8.49
C PHE A 712 -6.67 4.13 9.39
N GLY A 713 -6.32 3.97 10.65
CA GLY A 713 -7.27 3.42 11.59
C GLY A 713 -8.54 4.25 11.61
N LEU A 714 -8.35 5.54 11.79
CA LEU A 714 -9.47 6.48 11.90
C LEU A 714 -10.37 6.48 10.66
N LEU A 715 -9.70 6.29 9.52
CA LEU A 715 -10.35 6.18 8.23
C LEU A 715 -11.06 4.88 8.11
N LEU A 716 -10.35 3.79 8.43
CA LEU A 716 -10.97 2.49 8.52
C LEU A 716 -12.15 2.47 9.48
N GLU A 717 -12.08 3.24 10.57
CA GLU A 717 -13.18 3.30 11.52
C GLU A 717 -14.39 3.93 10.89
N SER A 718 -14.16 5.06 10.21
CA SER A 718 -15.26 5.74 9.57
C SER A 718 -15.92 4.84 8.50
N TYR A 719 -15.11 4.19 7.66
CA TYR A 719 -15.63 3.23 6.66
C TYR A 719 -16.44 2.11 7.31
N CYS A 720 -15.96 1.54 8.40
CA CYS A 720 -16.65 0.39 8.99
C CYS A 720 -17.99 0.79 9.55
N ARG A 721 -18.04 1.98 10.15
CA ARG A 721 -19.28 2.52 10.71
C ARG A 721 -20.34 2.83 9.63
N ALA A 722 -19.92 3.17 8.40
CA ALA A 722 -20.84 3.55 7.32
C ALA A 722 -21.20 2.45 6.31
N CYS A 723 -20.28 1.53 6.03
CA CYS A 723 -20.44 0.54 4.93
C CYS A 723 -21.63 -0.45 5.04
N GLY A 724 -22.24 -0.56 6.21
CA GLY A 724 -23.43 -1.39 6.35
C GLY A 724 -23.11 -2.83 6.68
N MET A 725 -23.85 -3.77 6.10
CA MET A 725 -23.69 -5.17 6.46
C MET A 725 -22.34 -5.70 6.04
N TYR A 726 -21.76 -5.17 4.96
CA TYR A 726 -20.46 -5.67 4.48
C TYR A 726 -19.42 -5.81 5.59
N LEU A 727 -19.46 -4.91 6.58
CA LEU A 727 -18.65 -5.04 7.77
C LEU A 727 -18.67 -6.45 8.33
N LYS A 728 -19.85 -7.10 8.33
CA LYS A 728 -19.96 -8.50 8.78
C LYS A 728 -19.32 -9.53 7.84
N HIS A 729 -19.36 -9.24 6.54
CA HIS A 729 -18.60 -10.02 5.54
C HIS A 729 -17.10 -9.83 5.62
N LEU A 730 -16.68 -8.58 5.91
CA LEU A 730 -15.26 -8.27 6.14
C LEU A 730 -14.80 -8.97 7.39
N ASN A 731 -15.63 -9.00 8.44
CA ASN A 731 -15.25 -9.73 9.64
C ASN A 731 -15.03 -11.20 9.41
N ARG A 732 -15.78 -11.82 8.51
CA ARG A 732 -15.50 -13.21 8.20
C ARG A 732 -14.14 -13.37 7.52
N GLN A 733 -13.83 -12.49 6.58
CA GLN A 733 -12.54 -12.50 5.87
C GLN A 733 -11.39 -12.26 6.83
N VAL A 734 -11.61 -11.33 7.76
CA VAL A 734 -10.57 -10.89 8.66
C VAL A 734 -10.29 -12.01 9.62
N GLU A 735 -11.37 -12.55 10.19
CA GLU A 735 -11.31 -13.69 11.11
C GLU A 735 -10.70 -14.92 10.46
N ALA A 736 -10.85 -15.03 9.13
CA ALA A 736 -10.27 -16.12 8.35
C ALA A 736 -8.76 -16.01 8.24
N MET A 737 -8.32 -14.83 7.81
CA MET A 737 -6.90 -14.54 7.67
C MET A 737 -6.16 -14.76 8.96
N GLU A 738 -6.73 -14.32 10.07
CA GLU A 738 -6.14 -14.59 11.37
C GLU A 738 -5.88 -16.06 11.57
N LYS A 739 -6.89 -16.91 11.44
CA LYS A 739 -6.65 -18.36 11.57
C LYS A 739 -5.49 -18.85 10.71
N LEU A 740 -5.44 -18.38 9.46
CA LEU A 740 -4.41 -18.77 8.50
C LEU A 740 -3.04 -18.19 8.77
N ILE A 741 -3.01 -16.95 9.25
CA ILE A 741 -1.79 -16.32 9.78
C ILE A 741 -1.28 -17.17 10.97
N ASN A 742 -2.17 -17.51 11.89
CA ASN A 742 -1.78 -18.30 13.04
C ASN A 742 -1.35 -19.71 12.74
N LEU A 743 -1.92 -20.32 11.72
CA LEU A 743 -1.57 -21.69 11.38
C LEU A 743 -0.17 -21.70 10.80
N THR A 744 0.04 -20.91 9.76
CA THR A 744 1.33 -20.84 9.08
C THR A 744 2.46 -20.45 10.05
N ASP A 745 2.18 -19.54 10.99
CA ASP A 745 3.17 -19.20 12.00
C ASP A 745 3.66 -20.43 12.75
N ILE A 746 2.74 -21.27 13.23
CA ILE A 746 3.12 -22.53 13.88
C ILE A 746 3.94 -23.41 12.91
N LEU A 747 3.48 -23.55 11.67
CA LEU A 747 4.21 -24.30 10.65
C LEU A 747 5.61 -23.79 10.38
N LYS A 748 5.79 -22.46 10.49
CA LYS A 748 7.07 -21.80 10.15
C LYS A 748 8.05 -21.69 11.31
N GLN A 749 7.59 -22.00 12.52
CA GLN A 749 8.39 -21.81 13.70
C GLN A 749 8.64 -23.08 14.49
N GLU A 750 7.62 -23.91 14.70
CA GLU A 750 7.85 -25.20 15.37
C GLU A 750 7.97 -26.33 14.34
N LYS A 751 6.98 -26.49 13.47
CA LYS A 751 6.94 -27.66 12.58
C LYS A 751 7.93 -27.61 11.41
N LYS A 752 8.68 -26.51 11.28
CA LYS A 752 9.96 -26.50 10.54
C LYS A 752 10.93 -27.55 11.09
N ASP A 753 11.82 -28.05 10.24
CA ASP A 753 12.69 -29.19 10.58
C ASP A 753 11.89 -30.47 10.91
N GLU A 754 10.72 -30.64 10.30
CA GLU A 754 9.98 -31.91 10.30
C GLU A 754 9.49 -32.18 8.90
N THR A 755 9.51 -33.44 8.49
CA THR A 755 9.19 -33.80 7.12
C THR A 755 7.81 -33.30 6.75
N GLN A 756 7.70 -32.78 5.52
CA GLN A 756 6.41 -32.40 4.92
C GLN A 756 5.26 -33.31 5.38
N LYS A 757 5.49 -34.61 5.33
CA LYS A 757 4.46 -35.57 5.71
C LYS A 757 3.89 -35.33 7.10
N VAL A 758 4.70 -34.93 8.09
CA VAL A 758 4.20 -34.68 9.47
C VAL A 758 3.49 -33.35 9.53
N GLN A 759 4.07 -32.35 8.85
CA GLN A 759 3.45 -31.04 8.68
C GLN A 759 2.06 -31.13 8.02
N MET A 760 1.95 -31.96 6.99
CA MET A 760 0.67 -32.23 6.34
C MET A 760 -0.30 -32.98 7.24
N LYS A 761 0.19 -33.83 8.14
CA LYS A 761 -0.68 -34.44 9.15
C LYS A 761 -1.17 -33.35 10.07
N PHE A 762 -0.25 -32.51 10.54
CA PHE A 762 -0.59 -31.36 11.39
C PHE A 762 -1.57 -30.39 10.74
N LEU A 763 -1.34 -30.05 9.47
CA LEU A 763 -2.18 -29.12 8.72
C LEU A 763 -3.62 -29.58 8.76
N VAL A 764 -3.85 -30.82 8.33
CA VAL A 764 -5.20 -31.36 8.21
C VAL A 764 -5.84 -31.59 9.58
N GLU A 765 -5.07 -32.08 10.54
CA GLU A 765 -5.55 -32.22 11.93
C GLU A 765 -6.10 -30.90 12.45
N GLN A 766 -5.39 -29.82 12.13
CA GLN A 766 -5.79 -28.49 12.56
C GLN A 766 -7.01 -27.97 11.84
N MET A 767 -7.07 -28.19 10.53
CA MET A 767 -8.20 -27.69 9.75
C MET A 767 -9.52 -28.39 10.08
N ARG A 768 -9.48 -29.67 10.44
CA ARG A 768 -10.70 -30.41 10.81
C ARG A 768 -11.34 -29.92 12.11
N ARG A 769 -10.54 -29.32 12.98
CA ARG A 769 -11.04 -28.74 14.25
C ARG A 769 -12.23 -27.82 13.96
N PRO A 770 -13.20 -27.72 14.89
CA PRO A 770 -14.44 -27.01 14.54
C PRO A 770 -14.32 -25.47 14.47
N ASP A 771 -13.46 -24.87 15.28
CA ASP A 771 -13.17 -23.42 15.16
C ASP A 771 -12.60 -23.03 13.79
N PHE A 772 -11.80 -23.91 13.19
CA PHE A 772 -11.28 -23.75 11.82
C PHE A 772 -12.36 -23.99 10.80
N MET A 773 -13.17 -25.02 11.05
CA MET A 773 -14.26 -25.38 10.14
C MET A 773 -15.28 -24.26 10.08
N ASP A 774 -15.51 -23.60 11.23
CA ASP A 774 -16.31 -22.36 11.27
C ASP A 774 -15.63 -21.29 10.44
N ALA A 775 -14.38 -20.99 10.83
CA ALA A 775 -13.67 -19.80 10.39
C ALA A 775 -13.21 -19.78 8.95
N LEU A 776 -12.85 -20.94 8.40
CA LEU A 776 -12.32 -21.02 7.03
C LEU A 776 -13.34 -21.42 5.94
N GLN A 777 -14.63 -21.46 6.29
CA GLN A 777 -15.66 -21.92 5.38
C GLN A 777 -16.85 -20.99 5.35
N GLY A 778 -17.33 -20.70 4.15
CA GLY A 778 -18.47 -19.82 4.01
C GLY A 778 -18.07 -18.38 4.24
N PHE A 779 -17.29 -17.86 3.30
CA PHE A 779 -16.95 -16.44 3.28
C PHE A 779 -16.53 -16.02 1.87
N LEU A 780 -16.15 -14.75 1.69
CA LEU A 780 -15.85 -14.21 0.37
C LEU A 780 -14.38 -14.20 0.13
N SER A 781 -13.94 -14.67 -1.03
CA SER A 781 -12.57 -14.45 -1.47
C SER A 781 -12.30 -12.96 -1.38
N PRO A 782 -11.23 -12.56 -0.65
CA PRO A 782 -10.78 -11.14 -0.72
C PRO A 782 -10.04 -10.77 -2.03
N LEU A 783 -9.44 -11.74 -2.70
CA LEU A 783 -8.96 -11.52 -4.06
C LEU A 783 -10.08 -11.11 -5.02
N ASN A 784 -11.26 -11.68 -4.80
CA ASN A 784 -12.47 -11.21 -5.48
C ASN A 784 -13.77 -11.58 -4.72
N PRO A 785 -14.38 -10.59 -4.03
CA PRO A 785 -15.58 -10.87 -3.20
C PRO A 785 -16.79 -11.34 -4.01
N ALA A 786 -16.76 -11.10 -5.33
CA ALA A 786 -17.61 -11.80 -6.30
C ALA A 786 -17.67 -13.28 -6.02
N HIS A 787 -16.50 -13.90 -5.93
CA HIS A 787 -16.46 -15.35 -5.68
C HIS A 787 -16.75 -15.63 -4.22
N GLN A 788 -17.59 -16.62 -3.96
CA GLN A 788 -17.84 -17.08 -2.59
C GLN A 788 -16.98 -18.28 -2.36
N LEU A 789 -16.65 -18.49 -1.09
CA LEU A 789 -15.83 -19.62 -0.67
C LEU A 789 -16.68 -20.43 0.28
N GLY A 790 -16.98 -21.64 -0.15
CA GLY A 790 -17.94 -22.44 0.54
C GLY A 790 -17.24 -23.30 1.54
N ASN A 791 -17.33 -24.59 1.32
CA ASN A 791 -16.76 -25.57 2.21
C ASN A 791 -15.39 -25.95 1.74
N LEU A 792 -14.55 -26.30 2.72
CA LEU A 792 -13.16 -26.50 2.50
C LEU A 792 -13.02 -27.97 2.06
N ARG A 793 -12.72 -28.19 0.79
CA ARG A 793 -12.34 -29.51 0.34
C ARG A 793 -10.90 -29.74 0.83
N LEU A 794 -10.78 -30.44 1.97
CA LEU A 794 -9.47 -30.69 2.61
C LEU A 794 -8.59 -31.69 1.84
N GLU A 795 -9.20 -32.49 0.99
CA GLU A 795 -8.51 -33.48 0.13
C GLU A 795 -7.46 -32.78 -0.74
N GLU A 796 -7.80 -31.56 -1.19
CA GLU A 796 -6.98 -30.75 -2.09
C GLU A 796 -6.14 -29.64 -1.40
N CYS A 797 -6.41 -29.35 -0.14
CA CYS A 797 -5.62 -28.38 0.61
C CYS A 797 -4.32 -29.03 1.03
N ARG A 798 -3.23 -28.28 0.87
CA ARG A 798 -1.87 -28.78 1.12
C ARG A 798 -0.86 -27.67 1.34
N ILE A 799 0.25 -28.00 1.99
CA ILE A 799 1.38 -27.06 2.19
C ILE A 799 2.36 -27.16 1.04
N MET A 800 2.55 -26.07 0.32
CA MET A 800 3.44 -26.08 -0.83
C MET A 800 4.91 -26.28 -0.47
N SER A 801 5.71 -26.51 -1.49
CA SER A 801 7.12 -26.87 -1.32
C SER A 801 7.97 -25.73 -0.79
N SER A 802 7.62 -24.47 -1.08
CA SER A 802 8.41 -23.33 -0.62
C SER A 802 8.66 -23.32 0.89
N ALA A 803 9.77 -22.66 1.24
CA ALA A 803 10.23 -22.58 2.62
C ALA A 803 9.26 -21.82 3.50
N LYS A 804 8.47 -20.94 2.92
CA LYS A 804 7.65 -20.02 3.71
C LYS A 804 6.30 -20.68 4.02
N ARG A 805 6.17 -21.94 3.57
CA ARG A 805 5.04 -22.80 3.83
C ARG A 805 3.78 -22.10 3.36
N PRO A 806 3.70 -21.83 2.04
CA PRO A 806 2.48 -21.28 1.54
C PRO A 806 1.45 -22.37 1.58
N LEU A 807 0.21 -21.99 1.89
CA LEU A 807 -0.94 -22.89 1.92
C LEU A 807 -1.70 -22.75 0.61
N TRP A 808 -1.83 -23.90 -0.04
CA TRP A 808 -2.67 -24.11 -1.19
C TRP A 808 -4.03 -24.47 -0.60
N LEU A 809 -5.02 -23.59 -0.76
CA LEU A 809 -6.33 -23.83 -0.20
C LEU A 809 -7.35 -23.98 -1.33
N ASN A 810 -8.41 -24.74 -1.06
CA ASN A 810 -9.37 -25.13 -2.07
C ASN A 810 -10.77 -25.28 -1.47
N TRP A 811 -11.71 -24.60 -2.11
CA TRP A 811 -13.07 -24.44 -1.59
C TRP A 811 -14.13 -24.81 -2.67
N GLU A 812 -15.24 -25.41 -2.22
CA GLU A 812 -16.39 -25.60 -3.09
C GLU A 812 -16.93 -24.21 -3.39
N ASN A 813 -17.32 -23.96 -4.65
CA ASN A 813 -18.06 -22.74 -5.06
C ASN A 813 -19.56 -22.93 -4.80
N PRO A 814 -20.12 -22.32 -3.74
CA PRO A 814 -21.49 -22.65 -3.34
C PRO A 814 -22.59 -22.08 -4.24
N ASP A 815 -22.23 -21.33 -5.29
CA ASP A 815 -23.18 -20.85 -6.29
C ASP A 815 -23.99 -22.00 -6.85
N ILE A 816 -25.21 -21.69 -7.27
CA ILE A 816 -26.16 -22.73 -7.69
C ILE A 816 -25.79 -23.25 -9.10
N MET A 817 -25.27 -22.36 -9.95
CA MET A 817 -24.75 -22.70 -11.27
C MET A 817 -23.20 -22.77 -11.31
N SEP A 818 -22.57 -23.25 -10.23
CA SEP A 818 -21.10 -23.35 -10.18
CB SEP A 818 -20.62 -24.03 -8.90
OG SEP A 818 -21.56 -25.03 -8.52
C SEP A 818 -20.52 -24.13 -11.32
O SEP A 818 -19.46 -23.79 -11.84
P SEP A 818 -21.26 -26.14 -7.39
O1P SEP A 818 -22.04 -25.68 -6.16
O2P SEP A 818 -21.81 -27.41 -8.00
O3P SEP A 818 -19.77 -26.12 -7.21
N GLU A 819 -21.22 -25.19 -11.71
CA GLU A 819 -20.94 -26.01 -12.90
C GLU A 819 -20.47 -25.21 -14.10
N LEU A 820 -21.12 -24.08 -14.37
CA LEU A 820 -20.80 -23.30 -15.56
C LEU A 820 -19.58 -22.36 -15.43
N LEU A 821 -18.97 -22.21 -14.23
CA LEU A 821 -17.83 -21.27 -14.04
C LEU A 821 -16.58 -21.93 -13.47
N PHE A 822 -16.65 -22.35 -12.21
CA PHE A 822 -15.66 -23.29 -11.69
C PHE A 822 -16.26 -23.99 -10.48
N GLN A 823 -16.10 -25.30 -10.45
CA GLN A 823 -16.57 -26.09 -9.32
C GLN A 823 -15.74 -25.78 -8.10
N ASN A 824 -14.46 -25.49 -8.33
CA ASN A 824 -13.53 -25.28 -7.23
C ASN A 824 -12.62 -24.05 -7.36
N ASN A 825 -12.71 -23.21 -6.32
CA ASN A 825 -11.93 -22.00 -6.13
C ASN A 825 -10.73 -22.39 -5.29
N GLU A 826 -9.52 -22.15 -5.81
CA GLU A 826 -8.28 -22.42 -5.08
C GLU A 826 -7.37 -21.21 -5.18
N ILE A 827 -6.92 -20.73 -4.02
CA ILE A 827 -6.09 -19.56 -3.94
C ILE A 827 -4.98 -19.85 -2.92
N ILE A 828 -3.86 -19.14 -3.02
CA ILE A 828 -2.69 -19.43 -2.17
C ILE A 828 -2.51 -18.36 -1.09
N PHE A 829 -2.33 -18.80 0.15
CA PHE A 829 -2.11 -17.90 1.28
C PHE A 829 -0.65 -17.98 1.63
N LYS A 830 0.10 -16.87 1.56
CA LYS A 830 1.58 -16.91 1.74
C LYS A 830 2.10 -16.00 2.85
N ASN A 831 2.53 -16.64 3.96
CA ASN A 831 2.95 -15.92 5.17
C ASN A 831 4.34 -15.28 5.11
N GLY A 832 5.25 -15.84 4.33
CA GLY A 832 6.61 -15.27 4.23
C GLY A 832 6.86 -13.90 3.58
N ASP A 833 6.41 -13.74 2.33
CA ASP A 833 6.96 -12.73 1.40
C ASP A 833 6.19 -11.44 1.36
N ASP A 834 6.90 -10.37 1.03
CA ASP A 834 6.31 -9.07 0.80
C ASP A 834 5.73 -9.02 -0.61
N LEU A 835 4.40 -9.19 -0.68
CA LEU A 835 3.68 -9.24 -1.92
C LEU A 835 3.59 -7.92 -2.65
N ARG A 836 3.61 -6.81 -1.94
CA ARG A 836 3.25 -5.54 -2.57
C ARG A 836 4.10 -5.03 -3.74
N GLN A 837 5.29 -5.60 -3.97
CA GLN A 837 6.02 -5.29 -5.20
C GLN A 837 5.34 -6.01 -6.35
N ASP A 838 5.09 -7.32 -6.18
CA ASP A 838 4.32 -8.11 -7.17
C ASP A 838 3.01 -7.36 -7.50
N MET A 839 2.24 -7.11 -6.46
CA MET A 839 1.01 -6.30 -6.50
C MET A 839 1.10 -5.12 -7.47
N LEU A 840 2.17 -4.34 -7.35
CA LEU A 840 2.37 -3.18 -8.23
C LEU A 840 2.77 -3.55 -9.68
N THR A 841 3.58 -4.60 -9.88
CA THR A 841 4.01 -4.94 -11.27
C THR A 841 2.79 -5.56 -11.99
N LEU A 842 2.05 -6.40 -11.26
CA LEU A 842 0.78 -6.90 -11.75
C LEU A 842 -0.21 -5.78 -12.13
N GLN A 843 -0.27 -4.73 -11.32
CA GLN A 843 -1.07 -3.56 -11.67
C GLN A 843 -0.60 -2.97 -13.00
N ILE A 844 0.70 -2.69 -13.07
CA ILE A 844 1.30 -2.03 -14.24
C ILE A 844 1.12 -2.90 -15.50
N ILE A 845 1.34 -4.20 -15.36
CA ILE A 845 1.07 -5.18 -16.41
C ILE A 845 -0.33 -5.04 -17.02
N ARG A 846 -1.37 -5.01 -16.16
CA ARG A 846 -2.77 -4.80 -16.61
C ARG A 846 -2.90 -3.54 -17.42
N ILE A 847 -2.30 -2.46 -16.90
CA ILE A 847 -2.43 -1.14 -17.50
C ILE A 847 -1.72 -1.11 -18.87
N MET A 848 -0.61 -1.84 -19.00
CA MET A 848 -0.03 -2.09 -20.31
C MET A 848 -1.02 -2.89 -21.16
N GLU A 849 -1.46 -4.06 -20.69
CA GLU A 849 -2.38 -4.91 -21.46
C GLU A 849 -3.56 -4.10 -22.00
N ASN A 850 -4.12 -3.22 -21.17
CA ASN A 850 -5.27 -2.39 -21.57
C ASN A 850 -4.90 -1.29 -22.57
N ILE A 851 -3.75 -0.65 -22.37
CA ILE A 851 -3.24 0.35 -23.34
C ILE A 851 -3.06 -0.28 -24.73
N TRP A 852 -2.41 -1.44 -24.76
CA TRP A 852 -2.21 -2.20 -25.99
C TRP A 852 -3.55 -2.54 -26.62
N GLN A 853 -4.33 -3.39 -25.93
CA GLN A 853 -5.64 -3.86 -26.42
C GLN A 853 -6.46 -2.74 -27.10
N ASN A 854 -6.73 -1.67 -26.36
CA ASN A 854 -7.53 -0.56 -26.89
C ASN A 854 -6.90 0.10 -28.12
N GLN A 855 -5.58 0.26 -28.11
CA GLN A 855 -4.82 0.78 -29.28
C GLN A 855 -4.74 -0.20 -30.49
N GLY A 856 -5.40 -1.37 -30.40
CA GLY A 856 -5.41 -2.33 -31.50
C GLY A 856 -4.51 -3.54 -31.32
N LEU A 857 -3.36 -3.36 -30.63
CA LEU A 857 -2.37 -4.43 -30.45
C LEU A 857 -2.84 -5.46 -29.43
N ASP A 858 -3.04 -6.70 -29.87
CA ASP A 858 -3.51 -7.76 -28.97
C ASP A 858 -2.35 -8.59 -28.43
N LEU A 859 -1.84 -8.22 -27.26
CA LEU A 859 -0.81 -8.99 -26.55
C LEU A 859 -1.35 -9.43 -25.21
N ARG A 860 -1.70 -10.71 -25.11
CA ARG A 860 -2.40 -11.19 -23.92
C ARG A 860 -1.42 -11.49 -22.77
N MET A 861 -1.47 -10.61 -21.78
CA MET A 861 -0.79 -10.81 -20.53
C MET A 861 -1.78 -11.51 -19.60
N LEU A 862 -1.23 -12.17 -18.57
CA LEU A 862 -2.01 -12.77 -17.49
C LEU A 862 -1.51 -12.14 -16.20
N PRO A 863 -2.21 -11.10 -15.73
CA PRO A 863 -1.92 -10.47 -14.47
C PRO A 863 -2.80 -11.09 -13.39
N TYR A 864 -2.44 -12.31 -13.03
CA TYR A 864 -3.12 -13.09 -11.98
C TYR A 864 -3.33 -12.23 -10.73
N GLY A 865 -4.23 -12.65 -9.88
CA GLY A 865 -4.62 -11.85 -8.72
C GLY A 865 -3.74 -12.03 -7.49
N CYS A 866 -3.27 -10.90 -6.92
CA CYS A 866 -2.42 -10.90 -5.73
C CYS A 866 -2.78 -9.76 -4.77
N LEU A 867 -2.84 -10.05 -3.46
CA LEU A 867 -3.30 -9.04 -2.48
C LEU A 867 -2.57 -9.04 -1.14
N SER A 868 -1.79 -7.99 -0.89
CA SER A 868 -1.11 -7.85 0.39
C SER A 868 -2.15 -7.46 1.38
N ILE A 869 -2.31 -8.31 2.41
CA ILE A 869 -3.30 -8.10 3.50
C ILE A 869 -2.69 -7.90 4.92
N GLY A 870 -1.40 -7.55 4.97
CA GLY A 870 -0.65 -7.47 6.23
C GLY A 870 0.86 -7.44 6.00
N ASP A 871 1.63 -7.44 7.09
CA ASP A 871 3.09 -7.34 6.98
C ASP A 871 3.68 -8.63 6.41
N CYS A 872 3.93 -8.59 5.09
CA CYS A 872 4.38 -9.73 4.32
C CYS A 872 3.42 -10.90 4.46
N VAL A 873 2.15 -10.66 4.21
CA VAL A 873 1.13 -11.71 4.26
C VAL A 873 0.11 -11.38 3.19
N GLY A 874 -0.32 -12.41 2.45
CA GLY A 874 -1.29 -12.16 1.39
C GLY A 874 -1.84 -13.35 0.66
N LEU A 875 -2.56 -13.04 -0.41
CA LEU A 875 -3.26 -14.03 -1.19
C LEU A 875 -2.83 -14.00 -2.65
N ILE A 876 -2.74 -15.19 -3.28
CA ILE A 876 -2.41 -15.27 -4.71
C ILE A 876 -3.33 -16.26 -5.45
N GLU A 877 -4.07 -15.72 -6.41
CA GLU A 877 -4.97 -16.47 -7.31
C GLU A 877 -4.16 -17.53 -8.04
N VAL A 878 -4.56 -18.79 -7.97
CA VAL A 878 -3.91 -19.80 -8.83
C VAL A 878 -4.48 -19.82 -10.27
N VAL A 879 -3.69 -20.35 -11.19
CA VAL A 879 -4.09 -20.52 -12.58
C VAL A 879 -3.99 -22.00 -12.98
N ARG A 880 -5.15 -22.67 -13.07
CA ARG A 880 -5.20 -24.11 -13.30
C ARG A 880 -4.63 -24.43 -14.67
N ASN A 881 -4.03 -25.61 -14.78
CA ASN A 881 -3.42 -26.06 -16.03
C ASN A 881 -2.42 -25.03 -16.54
N SER A 882 -1.47 -24.73 -15.66
CA SER A 882 -0.30 -23.95 -16.04
C SER A 882 0.90 -24.47 -15.23
N HIS A 883 2.06 -24.54 -15.89
CA HIS A 883 3.23 -25.16 -15.29
C HIS A 883 4.42 -24.37 -15.71
N THR A 884 5.45 -24.40 -14.86
CA THR A 884 6.73 -23.73 -15.12
C THR A 884 7.45 -24.45 -16.21
N ILE A 885 8.23 -23.70 -16.99
CA ILE A 885 8.96 -24.27 -18.11
C ILE A 885 9.76 -25.49 -17.62
N MET A 886 10.33 -25.38 -16.41
CA MET A 886 11.09 -26.48 -15.83
C MET A 886 10.27 -27.77 -15.69
N GLN A 887 9.05 -27.64 -15.19
CA GLN A 887 8.16 -28.81 -15.03
C GLN A 887 7.92 -29.47 -16.38
N ILE A 888 7.55 -28.66 -17.38
CA ILE A 888 7.41 -29.15 -18.75
C ILE A 888 8.61 -30.03 -19.11
N GLN A 889 9.82 -29.55 -18.82
CA GLN A 889 11.03 -30.26 -19.22
C GLN A 889 11.26 -31.58 -18.45
N CYS A 890 10.70 -31.70 -17.26
CA CYS A 890 10.73 -32.96 -16.54
C CYS A 890 9.65 -33.96 -16.97
N LYS A 891 8.57 -33.48 -17.61
CA LYS A 891 7.62 -34.36 -18.34
C LYS A 891 8.21 -34.92 -19.64
N GLY A 892 9.08 -34.16 -20.29
CA GLY A 892 9.82 -34.62 -21.48
C GLY A 892 11.19 -35.23 -21.17
N GLY A 893 11.38 -35.66 -19.92
CA GLY A 893 12.62 -36.29 -19.46
C GLY A 893 12.61 -37.78 -19.77
N LEU A 894 13.80 -38.30 -20.09
CA LEU A 894 13.93 -39.58 -20.78
C LEU A 894 14.45 -40.71 -19.90
N LEU A 898 20.63 -37.12 -19.16
CA LEU A 898 21.77 -36.51 -19.87
C LEU A 898 21.55 -35.01 -20.20
N GLN A 899 20.76 -34.71 -21.24
CA GLN A 899 20.53 -33.34 -21.72
C GLN A 899 19.04 -33.10 -22.04
N PHE A 900 18.48 -32.00 -21.52
CA PHE A 900 17.07 -31.65 -21.79
C PHE A 900 16.94 -30.97 -23.15
N ASN A 901 16.08 -31.52 -24.01
CA ASN A 901 15.87 -30.98 -25.36
C ASN A 901 15.08 -29.67 -25.31
N SER A 902 15.43 -28.74 -26.21
CA SER A 902 14.73 -27.45 -26.30
C SER A 902 13.38 -27.58 -26.99
N HIS A 903 13.24 -28.64 -27.77
CA HIS A 903 11.98 -28.95 -28.44
C HIS A 903 10.90 -29.49 -27.48
N THR A 904 11.28 -29.93 -26.27
CA THR A 904 10.30 -30.47 -25.30
C THR A 904 9.10 -29.55 -25.09
N LEU A 905 9.34 -28.24 -24.97
CA LEU A 905 8.27 -27.22 -24.89
C LEU A 905 7.36 -27.28 -26.11
N HIS A 906 7.96 -27.16 -27.29
CA HIS A 906 7.24 -27.26 -28.56
C HIS A 906 6.46 -28.57 -28.72
N GLN A 907 7.05 -29.68 -28.30
CA GLN A 907 6.37 -30.98 -28.33
C GLN A 907 5.21 -30.98 -27.35
N TRP A 908 5.51 -30.63 -26.10
CA TRP A 908 4.51 -30.54 -25.02
C TRP A 908 3.30 -29.67 -25.41
N LEU A 909 3.57 -28.58 -26.13
CA LEU A 909 2.52 -27.66 -26.53
C LEU A 909 1.66 -28.25 -27.65
N LYS A 910 2.29 -28.91 -28.61
CA LYS A 910 1.60 -29.69 -29.65
C LYS A 910 0.73 -30.80 -29.09
N ASP A 911 1.20 -31.49 -28.05
CA ASP A 911 0.41 -32.56 -27.41
C ASP A 911 -0.90 -32.08 -26.76
N LYS A 912 -0.97 -30.79 -26.38
CA LYS A 912 -2.25 -30.20 -25.96
C LYS A 912 -3.04 -29.73 -27.16
N ASN A 913 -2.37 -29.02 -28.07
CA ASN A 913 -3.03 -28.33 -29.16
C ASN A 913 -2.78 -28.96 -30.53
N LYS A 914 -3.85 -29.50 -31.13
CA LYS A 914 -3.76 -30.27 -32.37
C LYS A 914 -4.81 -29.84 -33.40
N GLY A 915 -4.39 -29.73 -34.66
CA GLY A 915 -5.30 -29.44 -35.76
C GLY A 915 -5.30 -27.97 -36.09
N GLU A 916 -6.47 -27.42 -36.41
CA GLU A 916 -6.65 -25.98 -36.62
C GLU A 916 -6.29 -25.25 -35.31
N ILE A 917 -6.62 -25.91 -34.19
CA ILE A 917 -6.23 -25.49 -32.85
C ILE A 917 -4.77 -25.05 -32.87
N TYR A 918 -3.85 -25.99 -33.13
CA TYR A 918 -2.39 -25.71 -33.09
C TYR A 918 -1.93 -24.32 -33.57
N ASP A 919 -2.39 -23.86 -34.73
CA ASP A 919 -1.97 -22.54 -35.23
C ASP A 919 -2.31 -21.41 -34.25
N ALA A 920 -3.45 -21.55 -33.57
CA ALA A 920 -3.88 -20.58 -32.56
C ALA A 920 -2.96 -20.59 -31.34
N ALA A 921 -2.78 -21.77 -30.75
CA ALA A 921 -1.93 -21.94 -29.58
C ALA A 921 -0.53 -21.32 -29.77
N ILE A 922 0.01 -21.40 -30.99
CA ILE A 922 1.24 -20.68 -31.33
C ILE A 922 1.00 -19.17 -31.30
N ASP A 923 -0.03 -18.72 -32.00
CA ASP A 923 -0.36 -17.29 -32.04
C ASP A 923 -0.44 -16.70 -30.64
N LEU A 924 -1.16 -17.41 -29.74
CA LEU A 924 -1.34 -17.01 -28.34
C LEU A 924 -0.03 -16.91 -27.58
N PHE A 925 0.76 -17.97 -27.69
CA PHE A 925 2.12 -18.00 -27.15
C PHE A 925 2.95 -16.85 -27.68
N THR A 926 2.90 -16.65 -28.99
CA THR A 926 3.69 -15.60 -29.64
C THR A 926 3.23 -14.23 -29.15
N ARG A 927 1.91 -14.04 -29.05
CA ARG A 927 1.35 -12.79 -28.58
C ARG A 927 1.69 -12.54 -27.12
N SER A 928 1.55 -13.57 -26.27
CA SER A 928 1.83 -13.41 -24.83
C SER A 928 3.33 -13.22 -24.54
N CYS A 929 4.17 -13.85 -25.34
CA CYS A 929 5.63 -13.73 -25.21
C CYS A 929 6.12 -12.32 -25.52
N ALA A 930 5.59 -11.74 -26.59
CA ALA A 930 5.93 -10.37 -26.99
C ALA A 930 5.53 -9.37 -25.92
N GLY A 931 4.34 -9.53 -25.40
CA GLY A 931 3.88 -8.68 -24.31
C GLY A 931 4.82 -8.71 -23.13
N TYR A 932 5.14 -9.91 -22.66
CA TYR A 932 6.02 -10.04 -21.51
C TYR A 932 7.45 -9.59 -21.84
N CYS A 933 7.91 -9.82 -23.08
CA CYS A 933 9.23 -9.32 -23.46
C CYS A 933 9.35 -7.84 -23.21
N VAL A 934 8.36 -7.07 -23.69
CA VAL A 934 8.39 -5.60 -23.60
C VAL A 934 8.25 -5.12 -22.16
N ALA A 935 7.29 -5.71 -21.45
CA ALA A 935 6.93 -5.26 -20.11
C ALA A 935 8.05 -5.54 -19.12
N THR A 936 8.62 -6.75 -19.15
CA THR A 936 9.72 -7.08 -18.27
C THR A 936 10.97 -6.27 -18.57
N PHE A 937 11.17 -5.90 -19.85
CA PHE A 937 12.31 -5.07 -20.24
C PHE A 937 12.20 -3.68 -19.65
N ILE A 938 11.05 -3.07 -19.91
CA ILE A 938 10.74 -1.72 -19.42
C ILE A 938 10.86 -1.64 -17.91
N LEU A 939 10.07 -2.45 -17.22
CA LEU A 939 10.06 -2.42 -15.76
C LEU A 939 11.39 -2.89 -15.18
N GLY A 940 12.12 -3.73 -15.91
CA GLY A 940 13.44 -4.18 -15.50
C GLY A 940 13.38 -5.19 -14.38
N ILE A 941 12.33 -6.01 -14.37
CA ILE A 941 12.08 -6.96 -13.27
C ILE A 941 13.15 -8.05 -13.19
N GLY A 942 13.13 -8.84 -12.12
CA GLY A 942 14.16 -9.86 -11.86
C GLY A 942 14.40 -10.84 -13.00
N ASP A 943 15.64 -11.31 -13.14
CA ASP A 943 16.04 -12.17 -14.25
C ASP A 943 15.16 -13.40 -14.34
N ARG A 944 14.75 -13.71 -15.59
CA ARG A 944 13.78 -14.76 -15.90
C ARG A 944 14.45 -16.08 -16.25
N HIS A 945 14.36 -17.04 -15.34
CA HIS A 945 14.86 -18.42 -15.56
C HIS A 945 13.65 -19.35 -15.78
N ASN A 946 13.85 -20.68 -15.83
CA ASN A 946 12.74 -21.60 -16.14
C ASN A 946 11.65 -21.72 -15.06
N SER A 947 12.01 -21.59 -13.78
CA SER A 947 11.03 -21.57 -12.66
C SER A 947 10.30 -20.23 -12.41
N ASN A 948 10.53 -19.23 -13.25
CA ASN A 948 9.81 -17.95 -13.23
C ASN A 948 8.66 -17.88 -14.22
N ILE A 949 8.78 -18.66 -15.30
CA ILE A 949 7.99 -18.48 -16.51
C ILE A 949 7.09 -19.70 -16.63
N MET A 950 5.82 -19.47 -16.97
CA MET A 950 4.83 -20.55 -16.99
C MET A 950 4.06 -20.57 -18.29
N VAL A 951 3.59 -21.77 -18.65
CA VAL A 951 2.80 -21.95 -19.86
C VAL A 951 1.52 -22.71 -19.56
N LYS A 952 0.40 -22.15 -20.00
CA LYS A 952 -0.87 -22.83 -19.92
C LYS A 952 -0.96 -23.87 -21.04
N ASP A 953 -1.75 -24.93 -20.80
CA ASP A 953 -2.04 -25.97 -21.81
C ASP A 953 -2.52 -25.32 -23.11
N ASP A 954 -3.36 -24.30 -23.00
CA ASP A 954 -3.84 -23.56 -24.19
C ASP A 954 -2.79 -22.72 -24.93
N GLY A 955 -1.55 -22.67 -24.41
CA GLY A 955 -0.40 -22.09 -25.09
C GLY A 955 0.03 -20.69 -24.65
N GLN A 956 -0.56 -20.17 -23.58
CA GLN A 956 -0.25 -18.82 -23.12
C GLN A 956 0.90 -18.86 -22.15
N LEU A 957 1.78 -17.88 -22.30
CA LEU A 957 2.98 -17.75 -21.50
C LEU A 957 2.81 -16.54 -20.58
N PHE A 958 3.17 -16.72 -19.31
CA PHE A 958 3.13 -15.65 -18.30
C PHE A 958 4.17 -15.82 -17.17
N HIS A 959 4.62 -14.69 -16.62
CA HIS A 959 5.66 -14.62 -15.56
C HIS A 959 5.05 -14.49 -14.19
N ILE A 960 5.64 -15.20 -13.23
CA ILE A 960 5.27 -15.11 -11.81
C ILE A 960 6.49 -14.77 -11.00
N ASP A 961 6.30 -14.42 -9.73
CA ASP A 961 7.38 -14.06 -8.79
C ASP A 961 8.42 -13.09 -9.39
N PHE A 962 8.05 -11.81 -9.44
CA PHE A 962 8.79 -10.79 -10.18
C PHE A 962 10.02 -10.25 -9.42
N GLY A 963 9.96 -10.33 -8.08
CA GLY A 963 11.01 -9.82 -7.22
C GLY A 963 11.11 -8.31 -7.31
N HIS A 964 12.34 -7.84 -7.53
CA HIS A 964 12.67 -6.41 -7.45
C HIS A 964 12.43 -5.80 -8.81
N PHE A 965 11.61 -4.73 -8.88
CA PHE A 965 11.18 -4.20 -10.19
C PHE A 965 12.20 -3.33 -10.93
N LEU A 966 12.70 -2.25 -10.36
CA LEU A 966 13.42 -1.26 -11.19
C LEU A 966 14.93 -1.51 -11.24
N ASP A 967 15.34 -2.76 -11.01
CA ASP A 967 16.74 -3.17 -10.88
C ASP A 967 17.32 -2.67 -9.54
N HIS A 968 16.85 -3.29 -8.46
CA HIS A 968 17.46 -3.14 -7.12
C HIS A 968 18.77 -3.96 -7.03
N LYS A 969 18.96 -4.88 -7.97
CA LYS A 969 20.18 -5.71 -8.04
C LYS A 969 21.32 -5.06 -8.87
N LYS A 970 21.40 -3.73 -8.85
CA LYS A 970 22.59 -2.96 -9.30
C LYS A 970 23.21 -2.06 -8.18
N LYS A 971 22.82 -2.27 -6.92
CA LYS A 971 23.49 -1.66 -5.74
C LYS A 971 24.85 -2.33 -5.49
N LYS A 972 24.95 -3.58 -5.94
CA LYS A 972 26.23 -4.20 -6.32
C LYS A 972 26.23 -4.16 -7.85
N PHE A 973 27.39 -3.92 -8.46
CA PHE A 973 27.52 -3.63 -9.91
C PHE A 973 26.94 -2.26 -10.23
N LYS A 976 25.61 0.75 -17.04
CA LYS A 976 24.78 1.46 -18.00
C LYS A 976 24.26 0.50 -19.10
N ARG A 977 23.16 0.90 -19.75
CA ARG A 977 22.45 0.14 -20.80
C ARG A 977 21.58 -1.00 -20.24
N GLU A 978 21.38 -1.01 -18.92
CA GLU A 978 20.40 -1.85 -18.21
C GLU A 978 20.56 -3.35 -18.48
N ARG A 979 19.49 -4.12 -18.31
CA ARG A 979 19.44 -5.51 -18.73
C ARG A 979 18.11 -5.84 -19.42
N VAL A 980 18.16 -6.87 -20.24
CA VAL A 980 16.98 -7.55 -20.74
C VAL A 980 16.81 -8.73 -19.78
N PRO A 981 15.76 -8.68 -18.92
CA PRO A 981 15.57 -9.75 -17.94
C PRO A 981 14.80 -10.98 -18.48
N PHE A 982 14.02 -10.80 -19.57
CA PHE A 982 13.47 -11.93 -20.32
C PHE A 982 14.33 -12.16 -21.55
N VAL A 983 15.26 -13.11 -21.41
CA VAL A 983 16.16 -13.55 -22.48
C VAL A 983 15.56 -14.81 -23.15
N LEU A 984 15.16 -14.64 -24.40
CA LEU A 984 14.46 -15.65 -25.16
C LEU A 984 15.43 -16.76 -25.49
N THR A 985 15.38 -17.83 -24.71
CA THR A 985 16.19 -19.02 -24.98
C THR A 985 15.88 -19.61 -26.37
N GLN A 986 16.59 -20.69 -26.72
CA GLN A 986 16.31 -21.44 -27.94
C GLN A 986 14.87 -21.97 -27.87
N ASP A 987 14.55 -22.66 -26.76
CA ASP A 987 13.21 -23.21 -26.44
C ASP A 987 12.02 -22.37 -26.95
N PHE A 988 12.01 -21.10 -26.54
CA PHE A 988 10.92 -20.18 -26.88
C PHE A 988 10.89 -19.86 -28.36
N LEU A 989 12.08 -19.68 -28.95
CA LEU A 989 12.17 -19.25 -30.36
C LEU A 989 11.57 -20.27 -31.31
N ILE A 990 11.88 -21.55 -31.04
CA ILE A 990 11.28 -22.67 -31.76
C ILE A 990 9.77 -22.46 -31.79
N VAL A 991 9.13 -22.51 -30.61
CA VAL A 991 7.67 -22.47 -30.49
C VAL A 991 7.05 -21.30 -31.26
N ILE A 992 7.70 -20.13 -31.22
CA ILE A 992 7.25 -18.95 -31.96
C ILE A 992 7.20 -19.23 -33.47
N SER A 993 8.24 -19.94 -33.94
CA SER A 993 8.46 -20.22 -35.36
C SER A 993 8.04 -21.62 -35.85
N LYS A 994 7.09 -22.24 -35.15
CA LYS A 994 6.74 -23.66 -35.32
C LYS A 994 7.98 -24.57 -35.26
N GLY A 995 7.85 -25.87 -35.52
CA GLY A 995 9.01 -26.77 -35.51
C GLY A 995 10.03 -26.31 -36.53
N ALA A 996 11.18 -25.77 -36.07
CA ALA A 996 12.11 -25.07 -36.97
C ALA A 996 13.58 -25.19 -36.60
N GLN A 997 14.39 -25.01 -37.65
CA GLN A 997 15.84 -24.93 -37.56
C GLN A 997 16.16 -23.55 -38.13
N GLU A 998 17.18 -22.90 -37.57
CA GLU A 998 17.52 -21.51 -37.93
C GLU A 998 16.24 -20.65 -37.74
N CYS A 999 15.80 -20.57 -36.49
CA CYS A 999 14.46 -20.03 -36.15
C CYS A 999 14.36 -18.49 -36.05
N THR A 1000 15.50 -17.80 -35.97
CA THR A 1000 15.53 -16.33 -36.02
C THR A 1000 15.24 -15.72 -37.40
N LYS A 1001 15.27 -16.53 -38.47
CA LYS A 1001 15.04 -16.05 -39.84
C LYS A 1001 13.61 -16.21 -40.36
N THR A 1002 12.74 -16.87 -39.59
CA THR A 1002 11.35 -17.08 -40.03
C THR A 1002 10.52 -15.78 -40.10
N ARG A 1003 9.42 -15.83 -40.84
CA ARG A 1003 8.45 -14.73 -40.88
C ARG A 1003 7.61 -14.72 -39.62
N GLU A 1004 7.46 -15.89 -38.98
CA GLU A 1004 6.79 -15.97 -37.68
C GLU A 1004 7.53 -15.05 -36.69
N PHE A 1005 8.86 -15.11 -36.73
CA PHE A 1005 9.72 -14.26 -35.89
C PHE A 1005 9.76 -12.80 -36.28
N GLU A 1006 9.69 -12.50 -37.58
CA GLU A 1006 9.53 -11.12 -38.03
C GLU A 1006 8.23 -10.50 -37.51
N ARG A 1007 7.14 -11.27 -37.54
CA ARG A 1007 5.84 -10.83 -37.01
C ARG A 1007 5.87 -10.65 -35.50
N PHE A 1008 6.51 -11.60 -34.80
CA PHE A 1008 6.81 -11.49 -33.36
C PHE A 1008 7.58 -10.19 -33.04
N GLN A 1009 8.66 -9.94 -33.78
CA GLN A 1009 9.42 -8.70 -33.66
C GLN A 1009 8.57 -7.43 -33.84
N GLU A 1010 7.71 -7.41 -34.85
CA GLU A 1010 6.86 -6.24 -35.10
C GLU A 1010 5.87 -5.96 -33.98
N MET A 1011 5.39 -7.01 -33.33
CA MET A 1011 4.57 -6.85 -32.13
C MET A 1011 5.37 -6.10 -31.05
N CYS A 1012 6.57 -6.60 -30.74
CA CYS A 1012 7.45 -5.93 -29.78
C CYS A 1012 7.73 -4.46 -30.09
N TYR A 1013 7.86 -4.10 -31.36
CA TYR A 1013 8.12 -2.69 -31.73
C TYR A 1013 6.89 -1.82 -31.55
N LYS A 1014 5.74 -2.31 -31.97
CA LYS A 1014 4.48 -1.58 -31.75
C LYS A 1014 4.18 -1.43 -30.25
N ALA A 1015 4.39 -2.50 -29.49
CA ALA A 1015 4.12 -2.55 -28.05
C ALA A 1015 5.02 -1.59 -27.30
N TYR A 1016 6.33 -1.75 -27.48
CA TYR A 1016 7.31 -0.84 -26.86
C TYR A 1016 7.02 0.63 -27.16
N LEU A 1017 6.55 0.95 -28.36
CA LEU A 1017 6.20 2.33 -28.69
C LEU A 1017 4.89 2.76 -28.04
N ALA A 1018 3.91 1.84 -28.01
CA ALA A 1018 2.60 2.14 -27.39
C ALA A 1018 2.75 2.58 -25.95
N ILE A 1019 3.56 1.84 -25.18
CA ILE A 1019 3.78 2.13 -23.77
C ILE A 1019 4.46 3.48 -23.64
N ARG A 1020 5.51 3.69 -24.43
CA ARG A 1020 6.26 4.96 -24.44
C ARG A 1020 5.37 6.19 -24.66
N GLN A 1021 4.38 6.05 -25.53
CA GLN A 1021 3.42 7.12 -25.77
C GLN A 1021 2.45 7.38 -24.59
N HIS A 1022 2.34 6.41 -23.68
CA HIS A 1022 1.63 6.61 -22.42
C HIS A 1022 2.58 6.65 -21.20
N ALA A 1023 3.83 7.09 -21.38
CA ALA A 1023 4.88 6.97 -20.35
C ALA A 1023 4.62 7.78 -19.08
N ASN A 1024 3.96 8.94 -19.23
CA ASN A 1024 3.60 9.80 -18.09
C ASN A 1024 2.91 9.00 -17.00
N LEU A 1025 1.81 8.37 -17.38
CA LEU A 1025 1.02 7.51 -16.49
C LEU A 1025 1.89 6.62 -15.62
N PHE A 1026 2.84 5.94 -16.25
CA PHE A 1026 3.71 5.01 -15.53
C PHE A 1026 4.69 5.78 -14.65
N ILE A 1027 5.23 6.88 -15.16
CA ILE A 1027 6.14 7.73 -14.37
C ILE A 1027 5.43 8.23 -13.11
N ASN A 1028 4.21 8.76 -13.29
CA ASN A 1028 3.36 9.19 -12.17
C ASN A 1028 3.01 8.05 -11.21
N LEU A 1029 2.52 6.94 -11.77
CA LEU A 1029 2.07 5.80 -10.95
C LEU A 1029 3.16 5.28 -10.04
N PHE A 1030 4.39 5.26 -10.53
CA PHE A 1030 5.51 4.87 -9.71
C PHE A 1030 5.79 5.93 -8.64
N SER A 1031 5.77 7.21 -9.05
CA SER A 1031 5.99 8.35 -8.15
C SER A 1031 4.99 8.41 -6.99
N MET A 1032 3.73 8.10 -7.29
CA MET A 1032 2.69 8.07 -6.27
C MET A 1032 2.96 7.05 -5.17
N MET A 1033 3.74 6.02 -5.50
CA MET A 1033 4.06 4.92 -4.59
C MET A 1033 5.37 5.09 -3.79
N LEU A 1034 6.00 6.27 -3.86
CA LEU A 1034 7.17 6.56 -3.01
C LEU A 1034 6.80 6.54 -1.52
N GLY A 1035 5.56 6.92 -1.22
CA GLY A 1035 4.96 6.86 0.12
C GLY A 1035 4.86 5.49 0.80
N SER A 1036 4.75 4.41 0.01
CA SER A 1036 4.88 3.04 0.58
C SER A 1036 6.35 2.78 0.83
N GLY A 1037 6.65 2.03 1.88
CA GLY A 1037 8.02 1.86 2.34
C GLY A 1037 8.80 0.79 1.60
N MET A 1038 8.70 0.76 0.27
CA MET A 1038 9.38 -0.26 -0.53
C MET A 1038 10.81 0.17 -0.77
N PRO A 1039 11.77 -0.74 -0.53
CA PRO A 1039 13.20 -0.42 -0.70
C PRO A 1039 13.61 -0.11 -2.15
N GLU A 1040 12.77 -0.53 -3.10
CA GLU A 1040 12.99 -0.32 -4.53
C GLU A 1040 12.45 1.04 -5.00
N LEU A 1041 11.54 1.64 -4.21
CA LEU A 1041 11.03 3.00 -4.46
C LEU A 1041 11.27 3.84 -3.23
N GLN A 1042 12.51 4.30 -3.07
CA GLN A 1042 12.84 5.24 -2.00
C GLN A 1042 12.93 6.70 -2.49
N SER A 1043 13.24 6.91 -3.78
CA SER A 1043 13.20 8.25 -4.36
C SER A 1043 13.11 8.25 -5.88
N PHE A 1044 12.79 9.43 -6.43
CA PHE A 1044 12.65 9.65 -7.88
C PHE A 1044 13.80 9.15 -8.73
N ASP A 1045 15.02 9.11 -8.19
CA ASP A 1045 16.15 8.53 -8.93
C ASP A 1045 16.14 6.99 -9.03
N ASP A 1046 15.25 6.30 -8.30
CA ASP A 1046 14.97 4.88 -8.57
C ASP A 1046 14.12 4.74 -9.83
N ILE A 1047 13.13 5.64 -9.96
CA ILE A 1047 12.25 5.74 -11.14
C ILE A 1047 13.00 6.29 -12.36
N ALA A 1048 14.24 6.74 -12.16
CA ALA A 1048 15.14 7.02 -13.27
C ALA A 1048 15.11 5.93 -14.35
N TYR A 1049 15.35 4.67 -13.92
CA TYR A 1049 15.48 3.50 -14.80
C TYR A 1049 14.41 3.47 -15.88
N ILE A 1050 13.16 3.59 -15.48
CA ILE A 1050 12.04 3.52 -16.44
C ILE A 1050 12.08 4.59 -17.57
N ARG A 1051 12.73 5.72 -17.31
CA ARG A 1051 12.95 6.76 -18.34
C ARG A 1051 13.97 6.29 -19.37
N LYS A 1052 15.07 5.72 -18.88
CA LYS A 1052 16.20 5.28 -19.71
C LYS A 1052 15.80 4.13 -20.62
N THR A 1053 15.03 3.21 -20.06
CA THR A 1053 14.61 2.00 -20.77
C THR A 1053 13.60 2.29 -21.89
N LEU A 1054 12.66 3.21 -21.64
CA LEU A 1054 11.77 3.73 -22.69
C LEU A 1054 12.52 4.78 -23.51
N ALA A 1055 13.61 5.32 -22.96
CA ALA A 1055 14.49 6.31 -23.64
C ALA A 1055 13.65 7.48 -24.13
N LEU A 1056 13.29 8.34 -23.18
CA LEU A 1056 12.43 9.49 -23.43
C LEU A 1056 13.26 10.72 -23.81
N ASP A 1057 14.48 10.82 -23.28
CA ASP A 1057 15.41 11.90 -23.66
C ASP A 1057 15.82 11.81 -25.13
N LYS A 1058 15.94 10.59 -25.65
CA LYS A 1058 16.13 10.35 -27.09
C LYS A 1058 14.79 10.54 -27.84
N THR A 1059 14.82 10.54 -29.18
CA THR A 1059 13.59 10.59 -29.99
C THR A 1059 13.01 9.18 -30.06
N GLU A 1060 11.88 9.03 -30.75
CA GLU A 1060 11.24 7.71 -30.83
C GLU A 1060 11.96 6.73 -31.76
N GLN A 1061 12.46 7.22 -32.89
CA GLN A 1061 13.23 6.39 -33.80
C GLN A 1061 14.55 5.94 -33.14
N GLU A 1062 15.16 6.81 -32.34
CA GLU A 1062 16.40 6.46 -31.59
C GLU A 1062 16.12 5.50 -30.44
N ALA A 1063 14.93 5.63 -29.83
CA ALA A 1063 14.47 4.71 -28.78
C ALA A 1063 14.11 3.32 -29.35
N LEU A 1064 13.41 3.30 -30.50
CA LEU A 1064 13.22 2.08 -31.31
C LEU A 1064 14.53 1.33 -31.47
N GLU A 1065 15.51 2.04 -32.00
CA GLU A 1065 16.84 1.49 -32.24
C GLU A 1065 17.61 1.22 -30.94
N TYR A 1066 17.30 1.94 -29.85
CA TYR A 1066 17.79 1.58 -28.50
C TYR A 1066 17.31 0.19 -28.08
N PHE A 1067 16.00 -0.02 -28.25
CA PHE A 1067 15.32 -1.26 -27.87
C PHE A 1067 15.84 -2.46 -28.69
N MET A 1068 15.86 -2.28 -30.01
CA MET A 1068 16.45 -3.24 -30.95
C MET A 1068 17.91 -3.53 -30.61
N LYS A 1069 18.69 -2.47 -30.35
CA LYS A 1069 20.09 -2.61 -29.89
C LYS A 1069 20.16 -3.52 -28.67
N GLN A 1070 19.43 -3.13 -27.63
CA GLN A 1070 19.46 -3.84 -26.35
C GLN A 1070 18.87 -5.23 -26.41
N MET A 1071 17.92 -5.47 -27.33
CA MET A 1071 17.41 -6.82 -27.57
C MET A 1071 18.38 -7.67 -28.40
N ASN A 1072 19.06 -7.06 -29.36
CA ASN A 1072 20.15 -7.74 -30.08
C ASN A 1072 21.27 -8.16 -29.11
N ASP A 1073 21.77 -7.20 -28.33
CA ASP A 1073 22.85 -7.45 -27.34
C ASP A 1073 22.62 -8.69 -26.47
N ALA A 1074 21.39 -8.85 -25.99
CA ALA A 1074 21.06 -9.89 -25.00
C ALA A 1074 20.94 -11.31 -25.58
N HIS A 1075 20.41 -11.45 -26.80
CA HIS A 1075 20.28 -12.77 -27.45
C HIS A 1075 21.49 -13.18 -28.33
N HIS A 1076 22.54 -12.35 -28.36
CA HIS A 1076 23.69 -12.52 -29.28
C HIS A 1076 23.26 -12.66 -30.75
N GLY A 1077 22.47 -11.68 -31.21
CA GLY A 1077 21.96 -11.65 -32.59
C GLY A 1077 20.48 -11.96 -32.74
N GLY A 1078 19.94 -11.57 -33.89
CA GLY A 1078 18.51 -11.68 -34.20
C GLY A 1078 17.87 -10.34 -34.55
N TRP A 1079 18.27 -9.29 -33.84
CA TRP A 1079 17.58 -7.99 -33.83
C TRP A 1079 18.45 -6.89 -34.44
N LEU B 7 36.14 20.47 -24.18
CA LEU B 7 37.13 20.83 -23.12
C LEU B 7 37.29 19.64 -22.18
N GLN B 8 37.62 18.51 -22.81
CA GLN B 8 37.69 17.18 -22.20
C GLN B 8 38.91 17.04 -21.28
N ASP B 9 39.99 17.75 -21.62
CA ASP B 9 41.20 17.87 -20.78
C ASP B 9 40.89 18.20 -19.31
N TYR B 13 34.42 19.21 -16.24
CA TYR B 13 33.52 18.78 -17.31
C TYR B 13 33.51 17.26 -17.44
N TRP B 14 32.31 16.68 -17.42
CA TRP B 14 32.11 15.22 -17.48
C TRP B 14 31.39 14.82 -18.77
N ARG B 19 21.93 12.78 -17.13
CA ARG B 19 21.30 13.53 -16.05
C ARG B 19 21.14 12.69 -14.79
N GLU B 20 20.77 11.42 -14.95
CA GLU B 20 20.48 10.54 -13.80
C GLU B 20 21.75 10.37 -12.97
N GLU B 21 22.86 10.02 -13.64
CA GLU B 21 24.16 9.82 -12.98
C GLU B 21 24.81 11.11 -12.47
N VAL B 22 24.47 12.25 -13.10
CA VAL B 22 24.89 13.57 -12.59
C VAL B 22 24.13 13.95 -11.30
N ASN B 23 22.87 13.53 -11.19
CA ASN B 23 22.12 13.63 -9.93
C ASN B 23 22.72 12.74 -8.83
N GLU B 24 23.14 11.53 -9.21
CA GLU B 24 23.76 10.56 -8.28
C GLU B 24 25.11 11.02 -7.70
N LYS B 25 25.97 11.59 -8.54
CA LYS B 25 27.27 12.11 -8.08
C LYS B 25 27.13 13.40 -7.27
N LEU B 26 26.14 14.22 -7.60
CA LEU B 26 25.79 15.39 -6.80
C LEU B 26 25.12 15.04 -5.46
N ARG B 27 24.65 13.80 -5.29
CA ARG B 27 24.18 13.31 -3.99
C ARG B 27 25.32 13.28 -2.97
N ASP B 28 24.97 13.55 -1.71
CA ASP B 28 25.94 13.74 -0.61
C ASP B 28 26.91 14.93 -0.88
N THR B 29 26.35 16.05 -1.34
CA THR B 29 27.07 17.33 -1.49
C THR B 29 26.15 18.49 -1.03
N ALA B 30 26.72 19.41 -0.26
CA ALA B 30 26.01 20.60 0.24
C ALA B 30 26.34 21.83 -0.60
N THR B 33 29.19 23.78 -4.82
CA THR B 33 29.34 22.59 -5.67
C THR B 33 28.72 22.85 -7.04
N PHE B 34 29.40 22.38 -8.09
CA PHE B 34 28.88 22.44 -9.46
C PHE B 34 29.64 21.51 -10.41
N LEU B 35 29.02 21.21 -11.54
CA LEU B 35 29.68 20.50 -12.65
C LEU B 35 28.87 20.68 -13.94
N VAL B 36 29.51 20.34 -15.07
CA VAL B 36 28.92 20.55 -16.40
C VAL B 36 28.67 19.22 -17.10
N ARG B 37 27.59 19.20 -17.89
CA ARG B 37 27.00 17.98 -18.43
C ARG B 37 26.51 18.21 -19.87
N ASP B 38 26.44 17.13 -20.66
CA ASP B 38 25.87 17.18 -22.03
C ASP B 38 24.34 17.37 -21.98
N ALA B 39 23.72 17.67 -23.12
CA ALA B 39 22.24 17.85 -23.21
C ALA B 39 21.47 16.53 -23.37
N SER B 40 20.14 16.62 -23.40
CA SER B 40 19.25 15.47 -23.69
C SER B 40 18.96 15.36 -25.21
N THR B 41 18.79 16.51 -25.88
CA THR B 41 18.78 16.56 -27.36
C THR B 41 19.85 17.54 -27.85
N LYS B 42 20.41 17.23 -29.02
CA LYS B 42 21.30 18.15 -29.74
C LYS B 42 20.54 19.42 -30.17
N MET B 43 19.30 19.25 -30.64
CA MET B 43 18.45 20.36 -31.12
C MET B 43 17.83 21.20 -29.99
N HIS B 44 17.89 20.71 -28.75
CA HIS B 44 17.32 21.40 -27.58
C HIS B 44 18.29 22.50 -27.15
N GLY B 45 19.48 22.09 -26.75
CA GLY B 45 20.54 22.99 -26.30
C GLY B 45 21.88 22.28 -26.37
N ASP B 46 22.92 22.96 -25.89
CA ASP B 46 24.30 22.50 -26.09
C ASP B 46 24.77 21.60 -24.94
N TYR B 47 24.82 22.17 -23.73
CA TYR B 47 25.31 21.47 -22.53
C TYR B 47 24.47 21.95 -21.33
N THR B 48 24.82 21.55 -20.10
CA THR B 48 24.05 21.96 -18.90
C THR B 48 24.90 22.03 -17.62
N LEU B 49 24.85 23.20 -16.98
CA LEU B 49 25.45 23.43 -15.65
C LEU B 49 24.38 23.09 -14.61
N THR B 50 24.82 22.54 -13.47
CA THR B 50 23.90 22.05 -12.42
C THR B 50 23.98 22.89 -11.13
N GLY B 54 24.28 27.47 -1.11
CA GLY B 54 24.66 27.71 -2.50
C GLY B 54 23.46 27.75 -3.44
N GLY B 55 22.42 28.48 -3.03
CA GLY B 55 21.23 28.70 -3.86
C GLY B 55 20.28 27.53 -4.08
N ASN B 56 20.45 26.41 -3.35
CA ASN B 56 19.73 25.14 -3.62
C ASN B 56 19.91 24.61 -5.06
N ASN B 57 20.83 23.64 -5.21
CA ASN B 57 21.10 22.94 -6.50
C ASN B 57 19.96 22.85 -7.55
N LYS B 58 20.14 23.55 -8.68
CA LYS B 58 19.17 23.56 -9.79
C LYS B 58 19.85 23.71 -11.17
N LEU B 59 19.05 23.47 -12.21
CA LEU B 59 19.54 23.32 -13.59
C LEU B 59 19.73 24.67 -14.31
N ILE B 60 20.97 24.90 -14.77
CA ILE B 60 21.38 26.10 -15.52
C ILE B 60 21.77 25.67 -16.94
N LYS B 61 20.87 25.93 -17.90
CA LYS B 61 21.09 25.55 -19.30
C LYS B 61 22.24 26.39 -19.90
N ILE B 62 23.20 25.74 -20.57
CA ILE B 62 24.39 26.41 -21.15
C ILE B 62 24.06 27.25 -22.41
N PHE B 63 22.88 27.06 -22.99
CA PHE B 63 22.37 28.01 -23.99
C PHE B 63 22.26 29.47 -23.46
N HIS B 64 21.99 29.64 -22.15
CA HIS B 64 21.87 30.96 -21.49
C HIS B 64 20.85 31.87 -22.17
N GLY B 70 27.06 31.99 -31.88
CA GLY B 70 25.82 31.29 -31.53
C GLY B 70 25.94 30.12 -30.57
N PHE B 71 27.08 29.98 -29.88
CA PHE B 71 27.32 28.94 -28.87
C PHE B 71 27.62 29.61 -27.51
N SER B 72 28.87 30.06 -27.33
CA SER B 72 29.34 30.62 -26.05
C SER B 72 29.96 32.04 -26.22
N ASP B 73 29.36 33.01 -25.53
CA ASP B 73 29.61 34.44 -25.76
C ASP B 73 30.93 34.89 -25.12
N SER B 78 34.18 34.82 -24.59
CA SER B 78 34.51 33.84 -23.56
C SER B 78 34.17 32.43 -24.05
N SER B 79 35.20 31.66 -24.45
CA SER B 79 35.02 30.36 -25.13
C SER B 79 34.68 29.21 -24.17
N VAL B 80 33.41 29.17 -23.76
CA VAL B 80 32.83 28.11 -22.90
C VAL B 80 33.46 28.03 -21.51
N VAL B 81 34.72 27.58 -21.41
CA VAL B 81 35.43 27.42 -20.12
C VAL B 81 35.75 28.76 -19.42
N GLU B 82 35.96 29.84 -20.18
CA GLU B 82 36.23 31.17 -19.61
C GLU B 82 35.05 31.73 -18.79
N LEU B 83 33.83 31.32 -19.12
CA LEU B 83 32.62 31.67 -18.38
C LEU B 83 32.43 30.87 -17.07
N ILE B 84 32.96 29.65 -17.01
CA ILE B 84 32.79 28.75 -15.84
C ILE B 84 33.74 29.15 -14.70
N ASN B 85 35.01 29.40 -15.05
CA ASN B 85 35.98 29.95 -14.09
C ASN B 85 35.53 31.28 -13.50
N HIS B 86 34.95 32.14 -14.35
CA HIS B 86 34.41 33.45 -13.98
C HIS B 86 33.47 33.43 -12.74
N TYR B 87 32.69 32.35 -12.61
CA TYR B 87 31.83 32.13 -11.44
C TYR B 87 32.34 30.94 -10.63
N LEU B 92 26.90 34.04 -7.47
CA LEU B 92 26.11 33.93 -8.69
C LEU B 92 24.89 34.88 -8.79
N ALA B 93 24.73 35.79 -7.83
CA ALA B 93 23.61 36.75 -7.83
C ALA B 93 23.64 37.74 -9.01
N GLN B 94 24.83 37.98 -9.57
CA GLN B 94 25.05 38.90 -10.71
C GLN B 94 24.03 38.92 -11.90
N TYR B 95 23.23 37.87 -12.08
CA TYR B 95 22.07 37.92 -13.01
C TYR B 95 20.73 37.48 -12.42
N ASN B 96 20.73 36.42 -11.61
CA ASN B 96 19.52 35.88 -10.97
C ASN B 96 19.24 36.53 -9.60
N PRO B 97 17.96 36.86 -9.30
CA PRO B 97 17.60 37.30 -7.94
C PRO B 97 17.99 36.29 -6.85
N LYS B 98 17.60 35.03 -7.03
CA LYS B 98 17.76 33.99 -6.02
C LYS B 98 19.10 33.24 -6.17
N LEU B 99 20.20 33.98 -6.13
CA LEU B 99 21.56 33.43 -6.16
C LEU B 99 22.52 34.35 -5.42
N SER B 108 35.85 17.37 -10.29
CA SER B 108 36.43 16.32 -11.11
C SER B 108 37.88 16.05 -10.72
N LYS B 109 38.06 15.50 -9.52
CA LYS B 109 39.35 15.01 -9.05
C LYS B 109 39.74 13.78 -9.89
N TYR B 110 41.00 13.70 -10.28
CA TYR B 110 41.50 12.53 -11.00
C TYR B 110 41.71 11.33 -10.06
N GLN B 111 41.98 11.60 -8.79
CA GLN B 111 41.94 10.60 -7.70
C GLN B 111 43.12 9.60 -7.69
N GLN B 112 44.32 10.16 -7.83
CA GLN B 112 45.58 9.45 -7.55
C GLN B 112 46.13 9.95 -6.20
N ASP B 113 45.24 10.13 -5.22
CA ASP B 113 45.55 10.83 -3.97
C ASP B 113 46.32 9.95 -2.96
N GLN B 114 45.86 8.72 -2.77
CA GLN B 114 46.42 7.80 -1.75
C GLN B 114 46.79 6.42 -2.32
N GLY B 125 42.78 -2.98 -10.39
CA GLY B 125 42.36 -4.36 -10.66
C GLY B 125 41.82 -5.04 -9.42
N LYS B 126 42.74 -5.49 -8.56
CA LYS B 126 42.39 -6.12 -7.29
C LYS B 126 41.99 -5.09 -6.22
N LYS B 127 42.49 -3.85 -6.33
CA LYS B 127 42.11 -2.75 -5.41
C LYS B 127 40.62 -2.35 -5.51
N LEU B 128 39.92 -2.91 -6.50
CA LEU B 128 38.47 -3.01 -6.51
C LEU B 128 37.98 -4.27 -5.78
N HIS B 129 38.54 -5.42 -6.15
CA HIS B 129 38.17 -6.72 -5.54
C HIS B 129 38.33 -6.77 -4.00
N GLU B 130 39.40 -6.16 -3.48
CA GLU B 130 39.64 -6.10 -2.02
C GLU B 130 38.79 -5.05 -1.29
N TYR B 131 38.53 -3.90 -1.92
CA TYR B 131 37.72 -2.82 -1.31
C TYR B 131 36.21 -3.04 -1.49
N ASN B 132 35.78 -3.63 -2.61
CA ASN B 132 34.36 -3.91 -2.84
C ASN B 132 33.84 -5.08 -1.99
N THR B 133 34.65 -6.13 -1.81
CA THR B 133 34.29 -7.23 -0.89
C THR B 133 34.32 -6.75 0.56
N GLN B 134 35.21 -5.78 0.86
CA GLN B 134 35.17 -5.05 2.13
C GLN B 134 33.87 -4.25 2.27
N PHE B 135 33.50 -3.50 1.23
CA PHE B 135 32.23 -2.74 1.20
C PHE B 135 31.02 -3.67 1.36
N GLN B 136 30.96 -4.73 0.56
CA GLN B 136 29.83 -5.67 0.58
C GLN B 136 29.77 -6.51 1.86
N GLU B 137 30.92 -6.98 2.35
CA GLU B 137 31.00 -7.68 3.65
C GLU B 137 30.74 -6.73 4.83
N LYS B 138 31.01 -5.43 4.64
CA LYS B 138 30.60 -4.38 5.59
C LYS B 138 29.11 -4.04 5.42
N SER B 139 28.63 -3.96 4.18
CA SER B 139 27.21 -3.75 3.89
C SER B 139 26.35 -4.89 4.45
N ARG B 140 26.76 -6.13 4.14
CA ARG B 140 26.22 -7.35 4.77
C ARG B 140 26.05 -7.20 6.29
N GLU B 141 27.03 -6.59 6.95
CA GLU B 141 26.97 -6.32 8.40
C GLU B 141 25.93 -5.24 8.75
N TYR B 142 25.90 -4.15 7.98
CA TYR B 142 24.92 -3.08 8.21
C TYR B 142 23.50 -3.61 8.15
N ASP B 143 23.17 -4.28 7.05
CA ASP B 143 21.85 -4.89 6.89
C ASP B 143 21.63 -6.10 7.81
N ARG B 144 22.72 -6.73 8.29
CA ARG B 144 22.61 -7.72 9.37
C ARG B 144 22.00 -7.10 10.62
N LEU B 145 22.50 -5.94 11.01
CA LEU B 145 22.00 -5.27 12.21
C LEU B 145 20.61 -4.65 12.02
N TYR B 146 20.31 -4.12 10.82
CA TYR B 146 18.99 -3.51 10.56
C TYR B 146 17.87 -4.53 10.84
N GLU B 147 18.08 -5.77 10.41
CA GLU B 147 17.18 -6.88 10.75
C GLU B 147 17.02 -7.05 12.26
N GLU B 148 18.15 -7.12 12.96
CA GLU B 148 18.16 -7.23 14.42
C GLU B 148 17.59 -5.98 15.09
N TYR B 149 17.86 -4.82 14.49
CA TYR B 149 17.34 -3.53 14.95
C TYR B 149 15.81 -3.55 14.90
N THR B 150 15.28 -3.89 13.73
CA THR B 150 13.83 -3.98 13.49
C THR B 150 13.13 -5.03 14.36
N ARG B 151 13.55 -6.30 14.25
CA ARG B 151 12.93 -7.38 15.03
C ARG B 151 12.88 -7.05 16.52
N THR B 152 13.97 -6.52 17.06
CA THR B 152 14.02 -6.10 18.47
C THR B 152 12.99 -5.02 18.82
N SER B 153 12.80 -4.07 17.91
CA SER B 153 11.84 -2.99 18.12
C SER B 153 10.39 -3.50 18.19
N GLN B 154 10.04 -4.44 17.29
CA GLN B 154 8.75 -5.10 17.37
C GLN B 154 8.65 -5.85 18.71
N GLU B 155 9.68 -6.66 18.99
CA GLU B 155 9.76 -7.45 20.23
C GLU B 155 9.54 -6.59 21.46
N ILE B 156 10.23 -5.45 21.52
CA ILE B 156 10.11 -4.49 22.62
C ILE B 156 8.66 -4.01 22.76
N GLN B 157 8.07 -3.58 21.64
CA GLN B 157 6.73 -3.05 21.69
C GLN B 157 5.75 -4.13 22.06
N MET B 158 6.03 -5.37 21.65
CA MET B 158 5.26 -6.52 22.12
C MET B 158 5.31 -6.68 23.65
N LYS B 159 6.48 -6.46 24.24
CA LYS B 159 6.64 -6.56 25.71
C LYS B 159 5.91 -5.48 26.49
N ARG B 160 5.95 -4.23 26.04
CA ARG B 160 5.22 -3.20 26.81
C ARG B 160 3.69 -3.36 26.72
N THR B 161 3.20 -3.77 25.55
CA THR B 161 1.77 -4.08 25.41
C THR B 161 1.41 -5.27 26.29
N ALA B 162 2.33 -6.23 26.35
CA ALA B 162 2.20 -7.40 27.23
C ALA B 162 2.10 -6.97 28.68
N ILE B 163 2.94 -6.01 29.07
CA ILE B 163 2.89 -5.47 30.43
C ILE B 163 1.55 -4.77 30.71
N GLU B 164 1.08 -3.94 29.80
CA GLU B 164 -0.25 -3.33 29.96
C GLU B 164 -1.33 -4.39 30.17
N ALA B 165 -1.18 -5.52 29.49
CA ALA B 165 -2.09 -6.65 29.70
C ALA B 165 -1.97 -7.18 31.12
N PHE B 166 -0.74 -7.43 31.55
CA PHE B 166 -0.47 -7.90 32.92
C PHE B 166 -1.13 -6.98 33.95
N ASN B 167 -0.77 -5.70 33.90
CA ASN B 167 -1.26 -4.70 34.85
C ASN B 167 -2.77 -4.70 35.00
N GLU B 168 -3.49 -4.84 33.88
CA GLU B 168 -4.94 -4.86 33.92
C GLU B 168 -5.43 -6.19 34.49
N THR B 169 -4.81 -7.29 34.05
CA THR B 169 -5.12 -8.63 34.57
C THR B 169 -4.97 -8.65 36.08
N ILE B 170 -3.82 -8.15 36.54
CA ILE B 170 -3.53 -7.94 37.97
C ILE B 170 -4.71 -7.27 38.64
N LYS B 171 -5.00 -6.05 38.20
CA LYS B 171 -6.07 -5.23 38.80
C LYS B 171 -7.40 -5.98 38.91
N ILE B 172 -7.68 -6.90 38.00
CA ILE B 172 -8.92 -7.68 38.09
C ILE B 172 -8.84 -8.71 39.22
N PHE B 173 -7.65 -9.20 39.52
CA PHE B 173 -7.44 -10.10 40.67
C PHE B 173 -7.38 -9.40 42.03
N GLU B 174 -6.81 -8.18 42.09
CA GLU B 174 -6.84 -7.37 43.33
C GLU B 174 -8.31 -7.10 43.62
N GLU B 175 -8.98 -6.53 42.62
CA GLU B 175 -10.41 -6.22 42.68
C GLU B 175 -11.26 -7.42 43.12
N GLN B 176 -10.83 -8.65 42.81
CA GLN B 176 -11.55 -9.86 43.21
C GLN B 176 -11.37 -10.21 44.69
N CYS B 177 -10.12 -10.23 45.17
CA CYS B 177 -9.83 -10.55 46.57
C CYS B 177 -10.60 -9.63 47.53
N GLN B 178 -10.84 -8.39 47.07
CA GLN B 178 -11.72 -7.46 47.75
C GLN B 178 -13.18 -7.92 47.64
N THR B 179 -13.64 -8.28 46.43
CA THR B 179 -15.06 -8.63 46.21
C THR B 179 -15.61 -9.68 47.20
N GLN B 180 -14.76 -10.63 47.64
CA GLN B 180 -15.17 -11.58 48.70
C GLN B 180 -15.30 -10.91 50.07
N GLU B 181 -14.32 -10.12 50.48
CA GLU B 181 -14.35 -9.44 51.80
C GLU B 181 -15.62 -8.59 52.03
N ARG B 182 -16.26 -8.13 50.96
CA ARG B 182 -17.66 -7.62 51.03
C ARG B 182 -18.63 -8.77 51.37
N TYR B 183 -18.70 -9.76 50.49
CA TYR B 183 -19.70 -10.83 50.57
C TYR B 183 -19.34 -12.01 51.49
N SER B 184 -18.09 -12.07 51.96
CA SER B 184 -17.60 -13.16 52.82
C SER B 184 -17.63 -12.78 54.31
N LYS B 185 -17.30 -11.52 54.62
CA LYS B 185 -17.43 -10.99 55.99
C LYS B 185 -18.76 -10.26 56.25
N GLU B 186 -19.64 -10.21 55.25
CA GLU B 186 -21.08 -10.04 55.50
C GLU B 186 -21.63 -11.35 56.09
N TYR B 187 -21.02 -12.47 55.70
CA TYR B 187 -21.28 -13.82 56.25
C TYR B 187 -20.05 -14.40 57.02
N ILE B 188 -19.33 -13.55 57.75
CA ILE B 188 -18.53 -13.95 58.93
C ILE B 188 -19.31 -13.56 60.21
N GLU B 189 -20.54 -13.03 60.03
CA GLU B 189 -21.52 -12.79 61.12
C GLU B 189 -21.57 -13.90 62.19
N LYS B 190 -21.60 -15.15 61.75
CA LYS B 190 -21.74 -16.31 62.65
C LYS B 190 -20.42 -16.65 63.36
N PHE B 191 -19.33 -16.73 62.58
CA PHE B 191 -17.95 -16.98 63.07
C PHE B 191 -17.62 -18.39 63.57
N LYS B 192 -18.32 -18.87 64.62
CA LYS B 192 -17.97 -20.14 65.29
C LYS B 192 -19.03 -21.27 65.29
N ARG B 193 -20.33 -20.92 65.16
CA ARG B 193 -21.46 -21.91 65.19
C ARG B 193 -22.17 -22.04 63.83
N GLU B 194 -23.33 -22.69 63.81
CA GLU B 194 -24.11 -23.00 62.59
C GLU B 194 -23.39 -24.11 61.82
N GLY B 195 -23.35 -25.29 62.46
CA GLY B 195 -22.57 -26.42 61.98
C GLY B 195 -21.07 -26.16 62.01
N ASN B 196 -20.63 -25.43 63.02
CA ASN B 196 -19.22 -25.06 63.20
C ASN B 196 -18.59 -24.37 61.96
N GLU B 197 -17.70 -25.06 61.24
CA GLU B 197 -16.87 -24.44 60.22
C GLU B 197 -16.96 -25.18 58.87
N LYS B 198 -18.16 -25.65 58.53
CA LYS B 198 -18.39 -26.31 57.23
C LYS B 198 -18.27 -25.30 56.08
N GLU B 199 -18.66 -24.06 56.34
CA GLU B 199 -18.48 -22.95 55.40
C GLU B 199 -17.10 -22.30 55.53
N ILE B 200 -16.70 -21.99 56.77
CA ILE B 200 -15.64 -21.00 57.05
C ILE B 200 -14.18 -21.53 56.85
N GLN B 201 -14.00 -22.84 56.80
CA GLN B 201 -12.67 -23.42 56.47
C GLN B 201 -12.33 -23.27 54.98
N ARG B 202 -13.32 -23.56 54.12
CA ARG B 202 -13.14 -23.54 52.66
C ARG B 202 -13.04 -22.12 52.07
N ILE B 203 -13.85 -21.20 52.57
CA ILE B 203 -13.72 -19.77 52.21
C ILE B 203 -12.26 -19.31 52.24
N MET B 204 -11.51 -19.71 53.28
CA MET B 204 -10.09 -19.39 53.37
C MET B 204 -9.25 -19.95 52.21
N HIS B 205 -9.49 -21.20 51.82
CA HIS B 205 -8.73 -21.86 50.73
C HIS B 205 -8.77 -21.09 49.40
N ASN B 206 -9.96 -20.63 49.04
CA ASN B 206 -10.18 -19.69 47.93
C ASN B 206 -9.30 -18.45 48.03
N TYR B 207 -9.40 -17.80 49.19
CA TYR B 207 -8.60 -16.61 49.54
C TYR B 207 -7.09 -16.90 49.49
N ASP B 208 -6.71 -18.08 49.95
CA ASP B 208 -5.30 -18.49 50.01
C ASP B 208 -4.69 -18.66 48.62
N LYS B 209 -5.42 -19.35 47.73
CA LYS B 209 -5.00 -19.54 46.33
C LYS B 209 -4.96 -18.22 45.59
N LEU B 210 -6.06 -17.47 45.69
CA LEU B 210 -6.18 -16.16 45.05
C LEU B 210 -4.94 -15.30 45.20
N LYS B 211 -4.49 -15.14 46.44
CA LYS B 211 -3.32 -14.32 46.76
C LYS B 211 -1.99 -14.92 46.26
N SER B 212 -1.85 -16.24 46.29
CA SER B 212 -0.64 -16.90 45.81
C SER B 212 -0.57 -16.95 44.27
N ARG B 213 -1.74 -16.92 43.61
CA ARG B 213 -1.83 -16.75 42.15
C ARG B 213 -1.43 -15.31 41.80
N ILE B 214 -2.10 -14.35 42.44
CA ILE B 214 -1.73 -12.94 42.33
C ILE B 214 -0.23 -12.75 42.36
N SER B 215 0.44 -13.40 43.31
CA SER B 215 1.90 -13.32 43.39
C SER B 215 2.58 -13.79 42.08
N GLU B 216 2.18 -14.97 41.58
CA GLU B 216 2.76 -15.56 40.34
C GLU B 216 2.59 -14.70 39.09
N ILE B 217 1.55 -13.87 39.08
CA ILE B 217 1.29 -12.93 37.99
C ILE B 217 2.33 -11.82 38.04
N ILE B 218 2.45 -11.22 39.23
CA ILE B 218 3.35 -10.10 39.48
C ILE B 218 4.82 -10.53 39.38
N ASP B 219 5.06 -11.82 39.62
CA ASP B 219 6.38 -12.43 39.35
C ASP B 219 6.66 -12.49 37.84
N SER B 220 5.66 -12.92 37.07
CA SER B 220 5.80 -13.04 35.61
C SER B 220 5.96 -11.69 34.91
N ARG B 221 5.21 -10.68 35.37
CA ARG B 221 5.36 -9.30 34.89
C ARG B 221 6.76 -8.74 35.18
N ARG B 222 7.16 -8.85 36.45
CA ARG B 222 8.52 -8.54 36.91
C ARG B 222 9.57 -9.10 35.95
N ARG B 223 9.46 -10.40 35.67
CA ARG B 223 10.41 -11.10 34.80
C ARG B 223 10.39 -10.48 33.41
N LEU B 224 9.19 -10.16 32.93
CA LEU B 224 9.02 -9.48 31.66
C LEU B 224 9.70 -8.11 31.68
N GLU B 225 9.43 -7.30 32.73
CA GLU B 225 9.99 -5.96 32.86
C GLU B 225 11.51 -5.95 32.75
N GLU B 226 12.17 -6.82 33.49
CA GLU B 226 13.63 -6.97 33.37
C GLU B 226 14.08 -7.61 32.04
N ASP B 227 13.21 -8.43 31.42
CA ASP B 227 13.44 -8.91 30.03
C ASP B 227 13.42 -7.76 29.00
N LEU B 228 12.48 -6.83 29.19
CA LEU B 228 12.40 -5.61 28.37
C LEU B 228 13.60 -4.70 28.53
N LYS B 229 14.21 -4.69 29.71
CA LYS B 229 15.37 -3.84 30.00
C LYS B 229 16.64 -4.28 29.27
N LYS B 230 16.95 -5.57 29.35
CA LYS B 230 18.09 -6.15 28.60
C LYS B 230 17.91 -5.87 27.11
N GLN B 231 16.67 -6.03 26.63
CA GLN B 231 16.26 -5.70 25.25
C GLN B 231 16.42 -4.22 24.88
N ALA B 232 15.88 -3.33 25.73
CA ALA B 232 16.03 -1.88 25.55
C ALA B 232 17.51 -1.50 25.45
N ALA B 233 18.30 -2.05 26.35
CA ALA B 233 19.76 -1.90 26.32
C ALA B 233 20.36 -2.52 25.05
N GLU B 234 19.99 -3.76 24.75
CA GLU B 234 20.40 -4.46 23.52
C GLU B 234 20.04 -3.66 22.26
N TYR B 235 18.88 -2.99 22.29
CA TYR B 235 18.40 -2.18 21.17
C TYR B 235 19.28 -0.93 20.99
N ARG B 236 19.48 -0.20 22.08
CA ARG B 236 20.35 1.00 22.07
C ARG B 236 21.75 0.66 21.56
N GLU B 237 22.29 -0.48 21.99
CA GLU B 237 23.61 -0.94 21.54
C GLU B 237 23.65 -1.32 20.06
N ILE B 238 22.55 -1.86 19.52
CA ILE B 238 22.46 -2.19 18.08
C ILE B 238 22.44 -0.91 17.23
N ASP B 239 21.69 0.07 17.69
CA ASP B 239 21.65 1.39 17.08
C ASP B 239 23.05 2.02 17.06
N LYS B 240 23.78 1.83 18.16
CA LYS B 240 25.11 2.41 18.39
C LYS B 240 26.13 2.02 17.33
N ARG B 241 26.20 0.72 17.05
CA ARG B 241 27.19 0.18 16.11
C ARG B 241 26.88 0.52 14.65
N MET B 242 25.59 0.55 14.31
CA MET B 242 25.14 1.05 13.00
C MET B 242 25.62 2.48 12.74
N ASN B 243 25.54 3.33 13.76
CA ASN B 243 26.02 4.71 13.66
C ASN B 243 27.54 4.84 13.52
N SER B 244 28.28 3.94 14.15
CA SER B 244 29.74 3.88 13.96
C SER B 244 30.10 3.32 12.58
N ILE B 245 29.34 2.34 12.10
CA ILE B 245 29.54 1.75 10.77
C ILE B 245 29.19 2.75 9.66
N LYS B 246 27.95 3.25 9.67
CA LYS B 246 27.44 4.21 8.67
C LYS B 246 28.50 5.04 7.92
N PRO B 247 29.24 5.91 8.64
CA PRO B 247 30.21 6.76 7.96
C PRO B 247 31.39 5.99 7.38
N ASP B 248 31.83 4.94 8.06
CA ASP B 248 32.89 4.04 7.54
C ASP B 248 32.37 3.32 6.28
N LEU B 249 31.11 2.87 6.34
CA LEU B 249 30.43 2.24 5.21
C LEU B 249 30.26 3.19 4.02
N ILE B 250 30.03 4.48 4.33
CA ILE B 250 29.99 5.55 3.32
C ILE B 250 31.36 5.81 2.69
N GLN B 251 32.41 5.90 3.53
CA GLN B 251 33.79 6.09 3.04
C GLN B 251 34.28 4.96 2.16
N LEU B 252 33.98 3.72 2.54
CA LEU B 252 34.28 2.54 1.72
C LEU B 252 33.56 2.58 0.38
N ARG B 253 32.32 3.10 0.37
CA ARG B 253 31.57 3.31 -0.87
C ARG B 253 32.15 4.44 -1.72
N LYS B 254 32.67 5.48 -1.05
CA LYS B 254 33.38 6.58 -1.72
C LYS B 254 34.80 6.19 -2.17
N THR B 255 35.56 5.51 -1.31
CA THR B 255 36.92 5.03 -1.62
C THR B 255 36.89 3.88 -2.64
N ARG B 256 35.77 3.17 -2.71
CA ARG B 256 35.47 2.32 -3.87
C ARG B 256 35.28 3.23 -5.07
N ASP B 257 34.40 4.22 -4.94
CA ASP B 257 34.13 5.20 -6.02
C ASP B 257 35.38 5.92 -6.59
N GLN B 258 36.48 5.96 -5.82
CA GLN B 258 37.80 6.35 -6.36
C GLN B 258 38.25 5.43 -7.51
N TYR B 259 38.41 4.15 -7.19
CA TYR B 259 38.88 3.14 -8.16
C TYR B 259 37.73 2.50 -8.98
N LEU B 260 36.49 2.90 -8.69
CA LEU B 260 35.29 2.47 -9.44
C LEU B 260 35.35 2.97 -10.88
N MET B 261 35.71 4.25 -11.06
CA MET B 261 35.83 4.84 -12.41
C MET B 261 37.20 4.58 -13.05
N TRP B 262 38.27 4.71 -12.26
CA TRP B 262 39.64 4.41 -12.70
C TRP B 262 39.75 2.99 -13.26
N GLU B 275 33.82 -9.47 -13.39
CA GLU B 275 34.50 -10.75 -13.15
C GLU B 275 34.64 -11.00 -11.64
N TRP B 276 35.23 -10.03 -10.96
CA TRP B 276 35.61 -10.14 -9.54
C TRP B 276 34.34 -9.98 -8.68
N LEU B 277 33.60 -8.92 -8.97
CA LEU B 277 32.53 -8.43 -8.10
C LEU B 277 31.19 -9.04 -8.47
C1 BHO C . 18.39 -24.79 -13.80
C2 BHO C . 18.73 -25.22 -15.10
C3 BHO C . 20.04 -25.08 -15.56
C4 BHO C . 21.02 -24.53 -14.72
C5 BHO C . 20.69 -24.11 -13.42
C6 BHO C . 19.38 -24.25 -12.97
C BHO C . 16.97 -24.94 -13.29
O1 BHO C . 16.77 -25.68 -12.33
N BHO C . 15.95 -24.29 -13.87
O2 BHO C . 16.13 -23.44 -14.98
C1 BHO D . 8.94 41.36 -3.67
C2 BHO D . 10.06 40.53 -3.85
C3 BHO D . 10.74 40.54 -5.07
C4 BHO D . 10.30 41.36 -6.11
C5 BHO D . 9.20 42.17 -5.94
C6 BHO D . 8.51 42.17 -4.72
C BHO D . 8.19 41.36 -2.36
O1 BHO D . 7.91 40.27 -1.86
N BHO D . 7.85 42.49 -1.72
O2 BHO D . 8.18 43.76 -2.20
#